data_2COQ
# 
_entry.id   2COQ 
# 
_audit_conform.dict_name       mmcif_pdbx.dic 
_audit_conform.dict_version    5.397 
_audit_conform.dict_location   http://mmcif.pdb.org/dictionaries/ascii/mmcif_pdbx.dic 
# 
loop_
_database_2.database_id 
_database_2.database_code 
_database_2.pdbx_database_accession 
_database_2.pdbx_DOI 
PDB   2COQ         pdb_00002coq 10.2210/pdb2coq/pdb 
RCSB  RCSB024458   ?            ?                   
WWPDB D_1000024458 ?            ?                   
# 
loop_
_pdbx_audit_revision_history.ordinal 
_pdbx_audit_revision_history.data_content_type 
_pdbx_audit_revision_history.major_revision 
_pdbx_audit_revision_history.minor_revision 
_pdbx_audit_revision_history.revision_date 
1 'Structure model' 1 0 2005-10-25 
2 'Structure model' 1 1 2008-04-30 
3 'Structure model' 1 2 2011-07-13 
4 'Structure model' 1 3 2023-10-25 
5 'Structure model' 1 4 2024-10-23 
# 
_pdbx_audit_revision_details.ordinal             1 
_pdbx_audit_revision_details.revision_ordinal    1 
_pdbx_audit_revision_details.data_content_type   'Structure model' 
_pdbx_audit_revision_details.provider            repository 
_pdbx_audit_revision_details.type                'Initial release' 
_pdbx_audit_revision_details.description         ? 
_pdbx_audit_revision_details.details             ? 
# 
loop_
_pdbx_audit_revision_group.ordinal 
_pdbx_audit_revision_group.revision_ordinal 
_pdbx_audit_revision_group.data_content_type 
_pdbx_audit_revision_group.group 
1 2 'Structure model' 'Version format compliance' 
2 3 'Structure model' Advisory                    
3 3 'Structure model' 'Version format compliance' 
4 4 'Structure model' 'Data collection'           
5 4 'Structure model' 'Database references'       
6 4 'Structure model' 'Refinement description'    
7 5 'Structure model' 'Structure summary'         
# 
loop_
_pdbx_audit_revision_category.ordinal 
_pdbx_audit_revision_category.revision_ordinal 
_pdbx_audit_revision_category.data_content_type 
_pdbx_audit_revision_category.category 
1 4 'Structure model' chem_comp_atom                
2 4 'Structure model' chem_comp_bond                
3 4 'Structure model' database_2                    
4 4 'Structure model' pdbx_initial_refinement_model 
5 5 'Structure model' pdbx_entry_details            
6 5 'Structure model' pdbx_modification_feature     
# 
loop_
_pdbx_audit_revision_item.ordinal 
_pdbx_audit_revision_item.revision_ordinal 
_pdbx_audit_revision_item.data_content_type 
_pdbx_audit_revision_item.item 
1 4 'Structure model' '_database_2.pdbx_DOI'                
2 4 'Structure model' '_database_2.pdbx_database_accession' 
# 
_pdbx_database_status.status_code                     REL 
_pdbx_database_status.entry_id                        2COQ 
_pdbx_database_status.recvd_initial_deposition_date   2005-05-18 
_pdbx_database_status.deposit_site                    PDBJ 
_pdbx_database_status.process_site                    PDBJ 
_pdbx_database_status.status_code_sf                  REL 
_pdbx_database_status.status_code_mr                  ? 
_pdbx_database_status.SG_entry                        ? 
_pdbx_database_status.pdb_format_compatible           Y 
_pdbx_database_status.status_code_cs                  ? 
_pdbx_database_status.status_code_nmr_data            ? 
_pdbx_database_status.methods_development_category    ? 
# 
loop_
_pdbx_database_related.db_name 
_pdbx_database_related.db_id 
_pdbx_database_related.details 
_pdbx_database_related.content_type 
PDB 1VER 'Similar protein 12Y-1' unspecified 
PDB 1VES 'Similar protein 12Y-2' unspecified 
# 
loop_
_audit_author.name 
_audit_author.pdbx_ordinal 
'Streltsov, V.A.'  1 
'Carmichael, J.A.' 2 
'Nuttall, S.D.'    3 
# 
_citation.id                        primary 
_citation.title                     
'Structure of a shark IgNAR antibody variable domain and modeling of an early-developmental isotype.' 
_citation.journal_abbrev            'Protein Sci.' 
_citation.journal_volume            14 
_citation.page_first                2901 
_citation.page_last                 2909 
_citation.year                      2005 
_citation.journal_id_ASTM           PRCIEI 
_citation.country                   US 
_citation.journal_id_ISSN           0961-8368 
_citation.journal_id_CSD            0795 
_citation.book_publisher            ? 
_citation.pdbx_database_id_PubMed   16199666 
_citation.pdbx_database_id_DOI      10.1110/ps.051709505 
# 
loop_
_citation_author.citation_id 
_citation_author.name 
_citation_author.ordinal 
_citation_author.identifier_ORCID 
primary 'Streltsov, V.A.'  1 ? 
primary 'Carmichael, J.A.' 2 ? 
primary 'Nuttall, S.D.'    3 ? 
# 
loop_
_entity.id 
_entity.type 
_entity.src_method 
_entity.pdbx_description 
_entity.formula_weight 
_entity.pdbx_number_of_molecules 
_entity.pdbx_ec 
_entity.pdbx_mutation 
_entity.pdbx_fragment 
_entity.details 
1 polymer man 'new antigen receptor variable domain' 11794.160 1   ? ? ? ? 
2 water   nat water                                  18.015    140 ? ? ? ? 
# 
_entity_poly.entity_id                      1 
_entity_poly.type                           'polypeptide(L)' 
_entity_poly.nstd_linkage                   no 
_entity_poly.nstd_monomer                   no 
_entity_poly.pdbx_seq_one_letter_code       
;ARVDQTPRIATKETGESLTINCVLRDTACALDSTNWYRTKLGSTKEQTISIGGRYSETVDEGSNSASLTIRDLRVEDSGT
YKCKAYRRCAFNTGVGYKEGAGTVLTVK
;
_entity_poly.pdbx_seq_one_letter_code_can   
;ARVDQTPRIATKETGESLTINCVLRDTACALDSTNWYRTKLGSTKEQTISIGGRYSETVDEGSNSASLTIRDLRVEDSGT
YKCKAYRRCAFNTGVGYKEGAGTVLTVK
;
_entity_poly.pdbx_strand_id                 A 
_entity_poly.pdbx_target_identifier         ? 
# 
_pdbx_entity_nonpoly.entity_id   2 
_pdbx_entity_nonpoly.name        water 
_pdbx_entity_nonpoly.comp_id     HOH 
# 
loop_
_entity_poly_seq.entity_id 
_entity_poly_seq.num 
_entity_poly_seq.mon_id 
_entity_poly_seq.hetero 
1 1   ALA n 
1 2   ARG n 
1 3   VAL n 
1 4   ASP n 
1 5   GLN n 
1 6   THR n 
1 7   PRO n 
1 8   ARG n 
1 9   ILE n 
1 10  ALA n 
1 11  THR n 
1 12  LYS n 
1 13  GLU n 
1 14  THR n 
1 15  GLY n 
1 16  GLU n 
1 17  SER n 
1 18  LEU n 
1 19  THR n 
1 20  ILE n 
1 21  ASN n 
1 22  CYS n 
1 23  VAL n 
1 24  LEU n 
1 25  ARG n 
1 26  ASP n 
1 27  THR n 
1 28  ALA n 
1 29  CYS n 
1 30  ALA n 
1 31  LEU n 
1 32  ASP n 
1 33  SER n 
1 34  THR n 
1 35  ASN n 
1 36  TRP n 
1 37  TYR n 
1 38  ARG n 
1 39  THR n 
1 40  LYS n 
1 41  LEU n 
1 42  GLY n 
1 43  SER n 
1 44  THR n 
1 45  LYS n 
1 46  GLU n 
1 47  GLN n 
1 48  THR n 
1 49  ILE n 
1 50  SER n 
1 51  ILE n 
1 52  GLY n 
1 53  GLY n 
1 54  ARG n 
1 55  TYR n 
1 56  SER n 
1 57  GLU n 
1 58  THR n 
1 59  VAL n 
1 60  ASP n 
1 61  GLU n 
1 62  GLY n 
1 63  SER n 
1 64  ASN n 
1 65  SER n 
1 66  ALA n 
1 67  SER n 
1 68  LEU n 
1 69  THR n 
1 70  ILE n 
1 71  ARG n 
1 72  ASP n 
1 73  LEU n 
1 74  ARG n 
1 75  VAL n 
1 76  GLU n 
1 77  ASP n 
1 78  SER n 
1 79  GLY n 
1 80  THR n 
1 81  TYR n 
1 82  LYS n 
1 83  CYS n 
1 84  LYS n 
1 85  ALA n 
1 86  TYR n 
1 87  ARG n 
1 88  ARG n 
1 89  CYS n 
1 90  ALA n 
1 91  PHE n 
1 92  ASN n 
1 93  THR n 
1 94  GLY n 
1 95  VAL n 
1 96  GLY n 
1 97  TYR n 
1 98  LYS n 
1 99  GLU n 
1 100 GLY n 
1 101 ALA n 
1 102 GLY n 
1 103 THR n 
1 104 VAL n 
1 105 LEU n 
1 106 THR n 
1 107 VAL n 
1 108 LYS n 
# 
_entity_src_gen.entity_id                          1 
_entity_src_gen.pdbx_src_id                        1 
_entity_src_gen.pdbx_alt_source_flag               sample 
_entity_src_gen.pdbx_seq_type                      ? 
_entity_src_gen.pdbx_beg_seq_num                   ? 
_entity_src_gen.pdbx_end_seq_num                   ? 
_entity_src_gen.gene_src_common_name               'spotted wobbegong' 
_entity_src_gen.gene_src_genus                     Orectolobus 
_entity_src_gen.pdbx_gene_src_gene                 ? 
_entity_src_gen.gene_src_species                   ? 
_entity_src_gen.gene_src_strain                    ? 
_entity_src_gen.gene_src_tissue                    ? 
_entity_src_gen.gene_src_tissue_fraction           ? 
_entity_src_gen.gene_src_details                   ? 
_entity_src_gen.pdbx_gene_src_fragment             ? 
_entity_src_gen.pdbx_gene_src_scientific_name      'Orectolobus maculatus' 
_entity_src_gen.pdbx_gene_src_ncbi_taxonomy_id     168098 
_entity_src_gen.pdbx_gene_src_variant              ? 
_entity_src_gen.pdbx_gene_src_cell_line            ? 
_entity_src_gen.pdbx_gene_src_atcc                 ? 
_entity_src_gen.pdbx_gene_src_organ                ? 
_entity_src_gen.pdbx_gene_src_organelle            ? 
_entity_src_gen.pdbx_gene_src_cell                 ? 
_entity_src_gen.pdbx_gene_src_cellular_location    ? 
_entity_src_gen.host_org_common_name               ? 
_entity_src_gen.pdbx_host_org_scientific_name      'Escherichia coli' 
_entity_src_gen.pdbx_host_org_ncbi_taxonomy_id     562 
_entity_src_gen.host_org_genus                     Escherichia 
_entity_src_gen.pdbx_host_org_gene                 ? 
_entity_src_gen.pdbx_host_org_organ                ? 
_entity_src_gen.host_org_species                   ? 
_entity_src_gen.pdbx_host_org_tissue               ? 
_entity_src_gen.pdbx_host_org_tissue_fraction      ? 
_entity_src_gen.pdbx_host_org_strain               TG1 
_entity_src_gen.pdbx_host_org_variant              ? 
_entity_src_gen.pdbx_host_org_cell_line            ? 
_entity_src_gen.pdbx_host_org_atcc                 ? 
_entity_src_gen.pdbx_host_org_culture_collection   ? 
_entity_src_gen.pdbx_host_org_cell                 ? 
_entity_src_gen.pdbx_host_org_organelle            ? 
_entity_src_gen.pdbx_host_org_cellular_location    ? 
_entity_src_gen.pdbx_host_org_vector_type          plasmid 
_entity_src_gen.pdbx_host_org_vector               ? 
_entity_src_gen.host_org_details                   ? 
_entity_src_gen.expression_system_id               ? 
_entity_src_gen.plasmid_name                       pGC 
_entity_src_gen.plasmid_details                    ? 
_entity_src_gen.pdbx_description                   ? 
# 
loop_
_chem_comp.id 
_chem_comp.type 
_chem_comp.mon_nstd_flag 
_chem_comp.name 
_chem_comp.pdbx_synonyms 
_chem_comp.formula 
_chem_comp.formula_weight 
ALA 'L-peptide linking' y ALANINE         ? 'C3 H7 N O2'     89.093  
ARG 'L-peptide linking' y ARGININE        ? 'C6 H15 N4 O2 1' 175.209 
ASN 'L-peptide linking' y ASPARAGINE      ? 'C4 H8 N2 O3'    132.118 
ASP 'L-peptide linking' y 'ASPARTIC ACID' ? 'C4 H7 N O4'     133.103 
CYS 'L-peptide linking' y CYSTEINE        ? 'C3 H7 N O2 S'   121.158 
GLN 'L-peptide linking' y GLUTAMINE       ? 'C5 H10 N2 O3'   146.144 
GLU 'L-peptide linking' y 'GLUTAMIC ACID' ? 'C5 H9 N O4'     147.129 
GLY 'peptide linking'   y GLYCINE         ? 'C2 H5 N O2'     75.067  
HOH non-polymer         . WATER           ? 'H2 O'           18.015  
ILE 'L-peptide linking' y ISOLEUCINE      ? 'C6 H13 N O2'    131.173 
LEU 'L-peptide linking' y LEUCINE         ? 'C6 H13 N O2'    131.173 
LYS 'L-peptide linking' y LYSINE          ? 'C6 H15 N2 O2 1' 147.195 
PHE 'L-peptide linking' y PHENYLALANINE   ? 'C9 H11 N O2'    165.189 
PRO 'L-peptide linking' y PROLINE         ? 'C5 H9 N O2'     115.130 
SER 'L-peptide linking' y SERINE          ? 'C3 H7 N O3'     105.093 
THR 'L-peptide linking' y THREONINE       ? 'C4 H9 N O3'     119.119 
TRP 'L-peptide linking' y TRYPTOPHAN      ? 'C11 H12 N2 O2'  204.225 
TYR 'L-peptide linking' y TYROSINE        ? 'C9 H11 N O3'    181.189 
VAL 'L-peptide linking' y VALINE          ? 'C5 H11 N O2'    117.146 
# 
loop_
_pdbx_poly_seq_scheme.asym_id 
_pdbx_poly_seq_scheme.entity_id 
_pdbx_poly_seq_scheme.seq_id 
_pdbx_poly_seq_scheme.mon_id 
_pdbx_poly_seq_scheme.ndb_seq_num 
_pdbx_poly_seq_scheme.pdb_seq_num 
_pdbx_poly_seq_scheme.auth_seq_num 
_pdbx_poly_seq_scheme.pdb_mon_id 
_pdbx_poly_seq_scheme.auth_mon_id 
_pdbx_poly_seq_scheme.pdb_strand_id 
_pdbx_poly_seq_scheme.pdb_ins_code 
_pdbx_poly_seq_scheme.hetero 
A 1 1   ALA 1   1   1   ALA ALA A . n 
A 1 2   ARG 2   2   2   ARG ARG A . n 
A 1 3   VAL 3   3   3   VAL VAL A . n 
A 1 4   ASP 4   4   4   ASP ASP A . n 
A 1 5   GLN 5   5   5   GLN GLN A . n 
A 1 6   THR 6   6   6   THR THR A . n 
A 1 7   PRO 7   7   7   PRO PRO A . n 
A 1 8   ARG 8   8   8   ARG ARG A . n 
A 1 9   ILE 9   9   9   ILE ILE A . n 
A 1 10  ALA 10  10  10  ALA ALA A . n 
A 1 11  THR 11  11  11  THR THR A . n 
A 1 12  LYS 12  12  12  LYS LYS A . n 
A 1 13  GLU 13  13  13  GLU GLU A . n 
A 1 14  THR 14  14  14  THR THR A . n 
A 1 15  GLY 15  15  15  GLY GLY A . n 
A 1 16  GLU 16  16  16  GLU GLU A . n 
A 1 17  SER 17  17  17  SER SER A . n 
A 1 18  LEU 18  18  18  LEU LEU A . n 
A 1 19  THR 19  19  19  THR THR A . n 
A 1 20  ILE 20  20  20  ILE ILE A . n 
A 1 21  ASN 21  21  21  ASN ASN A . n 
A 1 22  CYS 22  22  22  CYS CYS A . n 
A 1 23  VAL 23  23  23  VAL VAL A . n 
A 1 24  LEU 24  24  24  LEU LEU A . n 
A 1 25  ARG 25  25  25  ARG ARG A . n 
A 1 26  ASP 26  26  26  ASP ASP A . n 
A 1 27  THR 27  27  27  THR THR A . n 
A 1 28  ALA 28  28  28  ALA ALA A . n 
A 1 29  CYS 29  29  29  CYS CYS A . n 
A 1 30  ALA 30  30  30  ALA ALA A . n 
A 1 31  LEU 31  31  31  LEU LEU A . n 
A 1 32  ASP 32  32  32  ASP ASP A . n 
A 1 33  SER 33  33  33  SER SER A . n 
A 1 34  THR 34  34  34  THR THR A . n 
A 1 35  ASN 35  35  35  ASN ASN A . n 
A 1 36  TRP 36  36  36  TRP TRP A . n 
A 1 37  TYR 37  37  37  TYR TYR A . n 
A 1 38  ARG 38  38  38  ARG ARG A . n 
A 1 39  THR 39  39  39  THR THR A . n 
A 1 40  LYS 40  40  40  LYS LYS A . n 
A 1 41  LEU 41  41  41  LEU LEU A . n 
A 1 42  GLY 42  42  42  GLY GLY A . n 
A 1 43  SER 43  43  43  SER SER A . n 
A 1 44  THR 44  44  44  THR THR A . n 
A 1 45  LYS 45  45  45  LYS LYS A . n 
A 1 46  GLU 46  46  46  GLU GLU A . n 
A 1 47  GLN 47  47  47  GLN GLN A . n 
A 1 48  THR 48  48  48  THR THR A . n 
A 1 49  ILE 49  49  49  ILE ILE A . n 
A 1 50  SER 50  50  50  SER SER A . n 
A 1 51  ILE 51  51  51  ILE ILE A . n 
A 1 52  GLY 52  52  52  GLY GLY A . n 
A 1 53  GLY 53  53  53  GLY GLY A . n 
A 1 54  ARG 54  54  54  ARG ARG A . n 
A 1 55  TYR 55  55  55  TYR TYR A . n 
A 1 56  SER 56  56  56  SER SER A . n 
A 1 57  GLU 57  57  57  GLU GLU A . n 
A 1 58  THR 58  58  58  THR THR A . n 
A 1 59  VAL 59  59  59  VAL VAL A . n 
A 1 60  ASP 60  60  60  ASP ASP A . n 
A 1 61  GLU 61  61  61  GLU GLU A . n 
A 1 62  GLY 62  62  62  GLY GLY A . n 
A 1 63  SER 63  63  63  SER SER A . n 
A 1 64  ASN 64  64  64  ASN ASN A . n 
A 1 65  SER 65  65  65  SER SER A . n 
A 1 66  ALA 66  66  66  ALA ALA A . n 
A 1 67  SER 67  67  67  SER SER A . n 
A 1 68  LEU 68  68  68  LEU LEU A . n 
A 1 69  THR 69  69  69  THR THR A . n 
A 1 70  ILE 70  70  70  ILE ILE A . n 
A 1 71  ARG 71  71  71  ARG ARG A . n 
A 1 72  ASP 72  72  72  ASP ASP A . n 
A 1 73  LEU 73  73  73  LEU LEU A . n 
A 1 74  ARG 74  74  74  ARG ARG A . n 
A 1 75  VAL 75  75  75  VAL VAL A . n 
A 1 76  GLU 76  76  76  GLU GLU A . n 
A 1 77  ASP 77  77  77  ASP ASP A . n 
A 1 78  SER 78  78  78  SER SER A . n 
A 1 79  GLY 79  79  79  GLY GLY A . n 
A 1 80  THR 80  80  80  THR THR A . n 
A 1 81  TYR 81  81  81  TYR TYR A . n 
A 1 82  LYS 82  82  82  LYS LYS A . n 
A 1 83  CYS 83  83  83  CYS CYS A . n 
A 1 84  LYS 84  84  84  LYS LYS A . n 
A 1 85  ALA 85  85  85  ALA ALA A . n 
A 1 86  TYR 86  86  86  TYR TYR A . n 
A 1 87  ARG 87  87  87  ARG ARG A . n 
A 1 88  ARG 88  88  88  ARG ARG A . n 
A 1 89  CYS 89  89  89  CYS CYS A . n 
A 1 90  ALA 90  90  90  ALA ALA A . n 
A 1 91  PHE 91  91  91  PHE PHE A . n 
A 1 92  ASN 92  92  92  ASN ASN A . n 
A 1 93  THR 93  93  93  THR THR A . n 
A 1 94  GLY 94  94  94  GLY GLY A . n 
A 1 95  VAL 95  95  95  VAL VAL A . n 
A 1 96  GLY 96  96  96  GLY GLY A . n 
A 1 97  TYR 97  97  97  TYR TYR A . n 
A 1 98  LYS 98  98  98  LYS LYS A . n 
A 1 99  GLU 99  99  99  GLU GLU A . n 
A 1 100 GLY 100 100 100 GLY GLY A . n 
A 1 101 ALA 101 101 101 ALA ALA A . n 
A 1 102 GLY 102 102 102 GLY GLY A . n 
A 1 103 THR 103 103 103 THR THR A . n 
A 1 104 VAL 104 104 104 VAL VAL A . n 
A 1 105 LEU 105 105 105 LEU LEU A . n 
A 1 106 THR 106 106 106 THR THR A . n 
A 1 107 VAL 107 107 107 VAL VAL A . n 
A 1 108 LYS 108 108 108 LYS LYS A . n 
# 
loop_
_pdbx_nonpoly_scheme.asym_id 
_pdbx_nonpoly_scheme.entity_id 
_pdbx_nonpoly_scheme.mon_id 
_pdbx_nonpoly_scheme.ndb_seq_num 
_pdbx_nonpoly_scheme.pdb_seq_num 
_pdbx_nonpoly_scheme.auth_seq_num 
_pdbx_nonpoly_scheme.pdb_mon_id 
_pdbx_nonpoly_scheme.auth_mon_id 
_pdbx_nonpoly_scheme.pdb_strand_id 
_pdbx_nonpoly_scheme.pdb_ins_code 
B 2 HOH 1   109 1   HOH HOH A . 
B 2 HOH 2   110 2   HOH HOH A . 
B 2 HOH 3   111 3   HOH HOH A . 
B 2 HOH 4   112 4   HOH HOH A . 
B 2 HOH 5   113 5   HOH HOH A . 
B 2 HOH 6   114 6   HOH HOH A . 
B 2 HOH 7   115 7   HOH HOH A . 
B 2 HOH 8   116 8   HOH HOH A . 
B 2 HOH 9   117 9   HOH HOH A . 
B 2 HOH 10  118 10  HOH HOH A . 
B 2 HOH 11  119 11  HOH HOH A . 
B 2 HOH 12  120 12  HOH HOH A . 
B 2 HOH 13  121 13  HOH HOH A . 
B 2 HOH 14  122 14  HOH HOH A . 
B 2 HOH 15  123 15  HOH HOH A . 
B 2 HOH 16  124 16  HOH HOH A . 
B 2 HOH 17  125 17  HOH HOH A . 
B 2 HOH 18  126 18  HOH HOH A . 
B 2 HOH 19  127 19  HOH HOH A . 
B 2 HOH 20  128 20  HOH HOH A . 
B 2 HOH 21  129 21  HOH HOH A . 
B 2 HOH 22  130 22  HOH HOH A . 
B 2 HOH 23  131 23  HOH HOH A . 
B 2 HOH 24  132 24  HOH HOH A . 
B 2 HOH 25  133 25  HOH HOH A . 
B 2 HOH 26  134 26  HOH HOH A . 
B 2 HOH 27  135 27  HOH HOH A . 
B 2 HOH 28  136 28  HOH HOH A . 
B 2 HOH 29  137 29  HOH HOH A . 
B 2 HOH 30  138 30  HOH HOH A . 
B 2 HOH 31  139 31  HOH HOH A . 
B 2 HOH 32  140 32  HOH HOH A . 
B 2 HOH 33  141 33  HOH HOH A . 
B 2 HOH 34  142 34  HOH HOH A . 
B 2 HOH 35  143 35  HOH HOH A . 
B 2 HOH 36  144 36  HOH HOH A . 
B 2 HOH 37  145 37  HOH HOH A . 
B 2 HOH 38  146 38  HOH HOH A . 
B 2 HOH 39  147 39  HOH HOH A . 
B 2 HOH 40  148 40  HOH HOH A . 
B 2 HOH 41  149 41  HOH HOH A . 
B 2 HOH 42  150 42  HOH HOH A . 
B 2 HOH 43  151 43  HOH HOH A . 
B 2 HOH 44  152 44  HOH HOH A . 
B 2 HOH 45  153 45  HOH HOH A . 
B 2 HOH 46  154 46  HOH HOH A . 
B 2 HOH 47  155 47  HOH HOH A . 
B 2 HOH 48  156 48  HOH HOH A . 
B 2 HOH 49  157 49  HOH HOH A . 
B 2 HOH 50  158 50  HOH HOH A . 
B 2 HOH 51  159 51  HOH HOH A . 
B 2 HOH 52  160 52  HOH HOH A . 
B 2 HOH 53  161 53  HOH HOH A . 
B 2 HOH 54  162 54  HOH HOH A . 
B 2 HOH 55  163 55  HOH HOH A . 
B 2 HOH 56  164 56  HOH HOH A . 
B 2 HOH 57  165 57  HOH HOH A . 
B 2 HOH 58  166 58  HOH HOH A . 
B 2 HOH 59  167 59  HOH HOH A . 
B 2 HOH 60  168 60  HOH HOH A . 
B 2 HOH 61  169 61  HOH HOH A . 
B 2 HOH 62  170 62  HOH HOH A . 
B 2 HOH 63  171 63  HOH HOH A . 
B 2 HOH 64  172 64  HOH HOH A . 
B 2 HOH 65  173 65  HOH HOH A . 
B 2 HOH 66  174 66  HOH HOH A . 
B 2 HOH 67  175 67  HOH HOH A . 
B 2 HOH 68  176 68  HOH HOH A . 
B 2 HOH 69  177 69  HOH HOH A . 
B 2 HOH 70  178 70  HOH HOH A . 
B 2 HOH 71  179 71  HOH HOH A . 
B 2 HOH 72  180 72  HOH HOH A . 
B 2 HOH 73  181 73  HOH HOH A . 
B 2 HOH 74  182 74  HOH HOH A . 
B 2 HOH 75  183 75  HOH HOH A . 
B 2 HOH 76  184 76  HOH HOH A . 
B 2 HOH 77  185 77  HOH HOH A . 
B 2 HOH 78  186 78  HOH HOH A . 
B 2 HOH 79  187 79  HOH HOH A . 
B 2 HOH 80  188 80  HOH HOH A . 
B 2 HOH 81  189 81  HOH HOH A . 
B 2 HOH 82  190 82  HOH HOH A . 
B 2 HOH 83  191 83  HOH HOH A . 
B 2 HOH 84  192 84  HOH HOH A . 
B 2 HOH 85  193 85  HOH HOH A . 
B 2 HOH 86  194 86  HOH HOH A . 
B 2 HOH 87  195 87  HOH HOH A . 
B 2 HOH 88  196 88  HOH HOH A . 
B 2 HOH 89  197 89  HOH HOH A . 
B 2 HOH 90  198 90  HOH HOH A . 
B 2 HOH 91  199 91  HOH HOH A . 
B 2 HOH 92  200 92  HOH HOH A . 
B 2 HOH 93  201 93  HOH HOH A . 
B 2 HOH 94  202 94  HOH HOH A . 
B 2 HOH 95  203 95  HOH HOH A . 
B 2 HOH 96  204 96  HOH HOH A . 
B 2 HOH 97  205 97  HOH HOH A . 
B 2 HOH 98  206 98  HOH HOH A . 
B 2 HOH 99  207 99  HOH HOH A . 
B 2 HOH 100 208 100 HOH HOH A . 
B 2 HOH 101 209 101 HOH HOH A . 
B 2 HOH 102 210 102 HOH HOH A . 
B 2 HOH 103 211 103 HOH HOH A . 
B 2 HOH 104 212 104 HOH HOH A . 
B 2 HOH 105 213 105 HOH HOH A . 
B 2 HOH 106 214 106 HOH HOH A . 
B 2 HOH 107 215 107 HOH HOH A . 
B 2 HOH 108 216 108 HOH HOH A . 
B 2 HOH 109 217 109 HOH HOH A . 
B 2 HOH 110 218 110 HOH HOH A . 
B 2 HOH 111 219 111 HOH HOH A . 
B 2 HOH 112 220 112 HOH HOH A . 
B 2 HOH 113 221 113 HOH HOH A . 
B 2 HOH 114 222 114 HOH HOH A . 
B 2 HOH 115 223 115 HOH HOH A . 
B 2 HOH 116 224 116 HOH HOH A . 
B 2 HOH 117 225 117 HOH HOH A . 
B 2 HOH 118 226 118 HOH HOH A . 
B 2 HOH 119 227 119 HOH HOH A . 
B 2 HOH 120 228 120 HOH HOH A . 
B 2 HOH 121 229 121 HOH HOH A . 
B 2 HOH 122 230 122 HOH HOH A . 
B 2 HOH 123 231 123 HOH HOH A . 
B 2 HOH 124 232 124 HOH HOH A . 
B 2 HOH 125 233 125 HOH HOH A . 
B 2 HOH 126 234 126 HOH HOH A . 
B 2 HOH 127 235 127 HOH HOH A . 
B 2 HOH 128 236 128 HOH HOH A . 
B 2 HOH 129 237 129 HOH HOH A . 
B 2 HOH 130 238 130 HOH HOH A . 
B 2 HOH 131 239 131 HOH HOH A . 
B 2 HOH 132 240 132 HOH HOH A . 
B 2 HOH 133 241 133 HOH HOH A . 
B 2 HOH 134 242 134 HOH HOH A . 
B 2 HOH 135 243 135 HOH HOH A . 
B 2 HOH 136 244 136 HOH HOH A . 
B 2 HOH 137 245 137 HOH HOH A . 
B 2 HOH 138 246 138 HOH HOH A . 
B 2 HOH 139 247 139 HOH HOH A . 
B 2 HOH 140 248 140 HOH HOH A . 
# 
loop_
_software.name 
_software.classification 
_software.version 
_software.citation_id 
_software.pdbx_ordinal 
DENZO     'data reduction' .        ? 1 
SCALEPACK 'data scaling'   .        ? 2 
CCP4      'model building' .        ? 3 
REFMAC    refinement       5.2.0005 ? 4 
MOLREP    phasing          .        ? 5 
# 
_cell.entry_id           2COQ 
_cell.length_a           38.268 
_cell.length_b           68.324 
_cell.length_c           39.511 
_cell.angle_alpha        90.00 
_cell.angle_beta         90.00 
_cell.angle_gamma        90.00 
_cell.Z_PDB              4 
_cell.pdbx_unique_axis   ? 
# 
_symmetry.entry_id                         2COQ 
_symmetry.space_group_name_H-M             'P 21 21 2' 
_symmetry.pdbx_full_space_group_name_H-M   ? 
_symmetry.cell_setting                     ? 
_symmetry.Int_Tables_number                18 
_symmetry.space_group_name_Hall            ? 
# 
_exptl.entry_id          2COQ 
_exptl.method            'X-RAY DIFFRACTION' 
_exptl.crystals_number   1 
# 
_exptl_crystal.id                    1 
_exptl_crystal.density_meas          ? 
_exptl_crystal.density_Matthews      2.1 
_exptl_crystal.density_percent_sol   41.3 
_exptl_crystal.description           ? 
_exptl_crystal.F_000                 ? 
_exptl_crystal.preparation           ? 
# 
_exptl_crystal_grow.crystal_id      1 
_exptl_crystal_grow.method          'VAPOR DIFFUSION, HANGING DROP' 
_exptl_crystal_grow.temp            298.0 
_exptl_crystal_grow.temp_details    ? 
_exptl_crystal_grow.pH              9.5 
_exptl_crystal_grow.pdbx_details    '0.1M Chess PH9.5, 50% PEG200, VAPOR DIFFUSION, HANGING DROP, temperature 298.0K' 
_exptl_crystal_grow.pdbx_pH_range   . 
# 
_diffrn.id                     1 
_diffrn.ambient_temp           100 
_diffrn.ambient_temp_details   ? 
_diffrn.crystal_id             1 
# 
_diffrn_detector.diffrn_id              1 
_diffrn_detector.detector               CCD 
_diffrn_detector.type                   'ADSC QUANTUM 315' 
_diffrn_detector.pdbx_collection_date   2004-11-20 
_diffrn_detector.details                'RH COATED SI MIRROR' 
# 
_diffrn_radiation.diffrn_id                        1 
_diffrn_radiation.wavelength_id                    1 
_diffrn_radiation.pdbx_monochromatic_or_laue_m_l   M 
_diffrn_radiation.monochromator                    'SI(111) DOUBLE CRYSTAL' 
_diffrn_radiation.pdbx_diffrn_protocol             'SINGLE WAVELENGTH' 
_diffrn_radiation.pdbx_scattering_type             x-ray 
# 
_diffrn_radiation_wavelength.id           1 
_diffrn_radiation_wavelength.wavelength   1.000 
_diffrn_radiation_wavelength.wt           1.0 
# 
_diffrn_source.diffrn_id                   1 
_diffrn_source.source                      SYNCHROTRON 
_diffrn_source.type                        'PHOTON FACTORY BEAMLINE BL-5A' 
_diffrn_source.pdbx_synchrotron_site       'Photon Factory' 
_diffrn_source.pdbx_synchrotron_beamline   BL-5A 
_diffrn_source.pdbx_wavelength             ? 
_diffrn_source.pdbx_wavelength_list        1.000 
# 
_reflns.entry_id                     2COQ 
_reflns.observed_criterion_sigma_I   0.000 
_reflns.observed_criterion_sigma_F   0.000 
_reflns.d_resolution_low             34.2 
_reflns.d_resolution_high            2.1 
_reflns.number_obs                   6336 
_reflns.number_all                   ? 
_reflns.percent_possible_obs         98.55 
_reflns.pdbx_Rmerge_I_obs            0.126 
_reflns.pdbx_Rsym_value              ? 
_reflns.pdbx_netI_over_sigmaI        15.2 
_reflns.B_iso_Wilson_estimate        35.3 
_reflns.pdbx_redundancy              7.2 
_reflns.R_free_details               ? 
_reflns.limit_h_max                  ? 
_reflns.limit_h_min                  ? 
_reflns.limit_k_max                  ? 
_reflns.limit_k_min                  ? 
_reflns.limit_l_max                  ? 
_reflns.limit_l_min                  ? 
_reflns.observed_criterion_F_max     ? 
_reflns.observed_criterion_F_min     ? 
_reflns.pdbx_chi_squared             ? 
_reflns.pdbx_scaling_rejects         ? 
_reflns.pdbx_ordinal                 1 
_reflns.pdbx_diffrn_id               1 
# 
_reflns_shell.d_res_high             2.10 
_reflns_shell.d_res_low              2.15 
_reflns_shell.percent_possible_all   100.0 
_reflns_shell.Rmerge_I_obs           0.977 
_reflns_shell.pdbx_Rsym_value        ? 
_reflns_shell.meanI_over_sigI_obs    2.00 
_reflns_shell.pdbx_redundancy        ? 
_reflns_shell.percent_possible_obs   ? 
_reflns_shell.number_unique_all      ? 
_reflns_shell.number_measured_all    ? 
_reflns_shell.number_measured_obs    ? 
_reflns_shell.number_unique_obs      ? 
_reflns_shell.pdbx_chi_squared       ? 
_reflns_shell.pdbx_ordinal           1 
_reflns_shell.pdbx_diffrn_id         1 
# 
_refine.entry_id                                 2COQ 
_refine.ls_number_reflns_obs                     6336 
_refine.ls_number_reflns_all                     6336 
_refine.pdbx_ls_sigma_I                          0.000 
_refine.pdbx_ls_sigma_F                          0.000 
_refine.pdbx_data_cutoff_high_absF               ? 
_refine.pdbx_data_cutoff_low_absF                ? 
_refine.pdbx_data_cutoff_high_rms_absF           ? 
_refine.ls_d_res_low                             34.20 
_refine.ls_d_res_high                            2.10 
_refine.ls_percent_reflns_obs                    98.55 
_refine.ls_R_factor_obs                          0.22042 
_refine.ls_R_factor_all                          0.22042 
_refine.ls_R_factor_R_work                       0.21753 
_refine.ls_R_factor_R_free                       0.28048 
_refine.ls_R_factor_R_free_error                 ? 
_refine.ls_R_factor_R_free_error_details         ? 
_refine.ls_percent_reflns_R_free                 4.6 
_refine.ls_number_reflns_R_free                  289 
_refine.ls_number_parameters                     ? 
_refine.ls_number_restraints                     ? 
_refine.occupancy_min                            ? 
_refine.occupancy_max                            ? 
_refine.correlation_coeff_Fo_to_Fc               0.942 
_refine.correlation_coeff_Fo_to_Fc_free          0.917 
_refine.B_iso_mean                               49.940 
_refine.aniso_B[1][1]                            -2.30 
_refine.aniso_B[2][2]                            2.14 
_refine.aniso_B[3][3]                            0.16 
_refine.aniso_B[1][2]                            0.00 
_refine.aniso_B[1][3]                            0.00 
_refine.aniso_B[2][3]                            0.00 
_refine.solvent_model_details                    MASK 
_refine.solvent_model_param_ksol                 ? 
_refine.solvent_model_param_bsol                 ? 
_refine.pdbx_solvent_vdw_probe_radii             1.20 
_refine.pdbx_solvent_ion_probe_radii             0.80 
_refine.pdbx_solvent_shrinkage_radii             0.80 
_refine.pdbx_ls_cross_valid_method               THROUGHOUT 
_refine.details                                  'HYDROGENS HAVE BEEN ADDED IN THE RIDING POSITIONS' 
_refine.pdbx_starting_model                      'PDB ENTRY 1VER' 
_refine.pdbx_method_to_determine_struct          'MOLECULAR REPLACEMENT' 
_refine.pdbx_isotropic_thermal_model             ? 
_refine.pdbx_stereochemistry_target_values       'Engh & Huber' 
_refine.pdbx_stereochem_target_val_spec_case     ? 
_refine.pdbx_R_Free_selection_details            RANDOM 
_refine.pdbx_overall_ESU_R                       0.309 
_refine.pdbx_overall_ESU_R_Free                  0.240 
_refine.overall_SU_ML                            0.219 
_refine.overall_SU_B                             16.365 
_refine.ls_redundancy_reflns_obs                 ? 
_refine.B_iso_min                                ? 
_refine.B_iso_max                                ? 
_refine.overall_SU_R_Cruickshank_DPI             ? 
_refine.overall_SU_R_free                        ? 
_refine.ls_wR_factor_R_free                      ? 
_refine.ls_wR_factor_R_work                      ? 
_refine.overall_FOM_free_R_set                   ? 
_refine.overall_FOM_work_R_set                   ? 
_refine.pdbx_refine_id                           'X-RAY DIFFRACTION' 
_refine.pdbx_TLS_residual_ADP_flag               'LIKELY RESIDUAL' 
_refine.pdbx_diffrn_id                           1 
_refine.pdbx_overall_phase_error                 ? 
_refine.pdbx_overall_SU_R_free_Cruickshank_DPI   ? 
_refine.pdbx_overall_SU_R_Blow_DPI               ? 
_refine.pdbx_overall_SU_R_free_Blow_DPI          ? 
# 
_refine_hist.pdbx_refine_id                   'X-RAY DIFFRACTION' 
_refine_hist.cycle_id                         LAST 
_refine_hist.pdbx_number_atoms_protein        823 
_refine_hist.pdbx_number_atoms_nucleic_acid   0 
_refine_hist.pdbx_number_atoms_ligand         0 
_refine_hist.number_atoms_solvent             140 
_refine_hist.number_atoms_total               963 
_refine_hist.d_res_high                       2.10 
_refine_hist.d_res_low                        34.20 
# 
loop_
_refine_ls_restr.type 
_refine_ls_restr.dev_ideal 
_refine_ls_restr.dev_ideal_target 
_refine_ls_restr.weight 
_refine_ls_restr.number 
_refine_ls_restr.pdbx_refine_id 
_refine_ls_restr.pdbx_restraint_function 
r_bond_refined_d         0.012  0.022  ? 833  'X-RAY DIFFRACTION' ? 
r_angle_refined_deg      1.494  1.959  ? 1125 'X-RAY DIFFRACTION' ? 
r_dihedral_angle_1_deg   7.260  5.000  ? 107  'X-RAY DIFFRACTION' ? 
r_dihedral_angle_2_deg   32.342 22.857 ? 35   'X-RAY DIFFRACTION' ? 
r_dihedral_angle_3_deg   17.825 15.000 ? 149  'X-RAY DIFFRACTION' ? 
r_dihedral_angle_4_deg   13.958 15.000 ? 9    'X-RAY DIFFRACTION' ? 
r_chiral_restr           0.091  0.200  ? 132  'X-RAY DIFFRACTION' ? 
r_gen_planes_refined     0.005  0.020  ? 610  'X-RAY DIFFRACTION' ? 
r_nbd_refined            0.266  0.200  ? 322  'X-RAY DIFFRACTION' ? 
r_nbtor_refined          0.307  0.200  ? 539  'X-RAY DIFFRACTION' ? 
r_xyhbond_nbd_refined    0.232  0.200  ? 89   'X-RAY DIFFRACTION' ? 
r_symmetry_vdw_refined   0.210  0.200  ? 41   'X-RAY DIFFRACTION' ? 
r_symmetry_hbond_refined 0.246  0.200  ? 33   'X-RAY DIFFRACTION' ? 
r_mcbond_it              0.527  1.500  ? 542  'X-RAY DIFFRACTION' ? 
r_mcangle_it             0.911  2.000  ? 853  'X-RAY DIFFRACTION' ? 
r_scbond_it              1.564  3.000  ? 326  'X-RAY DIFFRACTION' ? 
r_scangle_it             2.443  4.500  ? 272  'X-RAY DIFFRACTION' ? 
# 
_refine_ls_shell.pdbx_total_number_of_bins_used   20 
_refine_ls_shell.d_res_high                       2.100 
_refine_ls_shell.d_res_low                        2.154 
_refine_ls_shell.number_reflns_R_work             427 
_refine_ls_shell.R_factor_R_work                  0.295 
_refine_ls_shell.percent_reflns_obs               100.00 
_refine_ls_shell.R_factor_R_free                  0.399 
_refine_ls_shell.R_factor_R_free_error            ? 
_refine_ls_shell.percent_reflns_R_free            ? 
_refine_ls_shell.number_reflns_R_free             24 
_refine_ls_shell.number_reflns_obs                ? 
_refine_ls_shell.redundancy_reflns_obs            ? 
_refine_ls_shell.number_reflns_all                ? 
_refine_ls_shell.R_factor_all                     ? 
_refine_ls_shell.pdbx_refine_id                   'X-RAY DIFFRACTION' 
# 
_struct.entry_id                  2COQ 
_struct.title                     'Structure of new antigen receptor variable domain from sharks' 
_struct.pdbx_model_details        ? 
_struct.pdbx_CASP_flag            ? 
_struct.pdbx_model_type_details   ? 
# 
_struct_keywords.entry_id        2COQ 
_struct_keywords.pdbx_keywords   'IMMUNE SYSTEM' 
_struct_keywords.text            'IG VNAR, NATURAL TYPE2, 12A-9, IMMUNE SYSTEM' 
# 
loop_
_struct_asym.id 
_struct_asym.pdbx_blank_PDB_chainid_flag 
_struct_asym.pdbx_modified 
_struct_asym.entity_id 
_struct_asym.details 
A N N 1 ? 
B N N 2 ? 
# 
_struct_ref.id                         1 
_struct_ref.db_name                    UNP 
_struct_ref.db_code                    Q8JJ25_9CHON 
_struct_ref.pdbx_db_accession          Q8JJ25 
_struct_ref.entity_id                  1 
_struct_ref.pdbx_seq_one_letter_code   
;ARVDQTPRIATKETGESLTINCVLRDTACALDSTNWYRTKLGSTKEQTISIGGRYSETVDEGSNSASLTIRDLRVEDSGT
YKCKAYRRCAFNTGVGYKEGAGTVLTVK
;
_struct_ref.pdbx_align_begin           1 
_struct_ref.pdbx_db_isoform            ? 
# 
_struct_ref_seq.align_id                      1 
_struct_ref_seq.ref_id                        1 
_struct_ref_seq.pdbx_PDB_id_code              2COQ 
_struct_ref_seq.pdbx_strand_id                A 
_struct_ref_seq.seq_align_beg                 1 
_struct_ref_seq.pdbx_seq_align_beg_ins_code   ? 
_struct_ref_seq.seq_align_end                 108 
_struct_ref_seq.pdbx_seq_align_end_ins_code   ? 
_struct_ref_seq.pdbx_db_accession             Q8JJ25 
_struct_ref_seq.db_align_beg                  1 
_struct_ref_seq.pdbx_db_align_beg_ins_code    ? 
_struct_ref_seq.db_align_end                  108 
_struct_ref_seq.pdbx_db_align_end_ins_code    ? 
_struct_ref_seq.pdbx_auth_seq_align_beg       1 
_struct_ref_seq.pdbx_auth_seq_align_end       108 
# 
_pdbx_struct_assembly.id                   1 
_pdbx_struct_assembly.details              author_defined_assembly 
_pdbx_struct_assembly.method_details       ? 
_pdbx_struct_assembly.oligomeric_details   monomeric 
_pdbx_struct_assembly.oligomeric_count     1 
# 
_pdbx_struct_assembly_gen.assembly_id       1 
_pdbx_struct_assembly_gen.oper_expression   1 
_pdbx_struct_assembly_gen.asym_id_list      A,B 
# 
_pdbx_struct_oper_list.id                   1 
_pdbx_struct_oper_list.type                 'identity operation' 
_pdbx_struct_oper_list.name                 1_555 
_pdbx_struct_oper_list.symmetry_operation   x,y,z 
_pdbx_struct_oper_list.matrix[1][1]         1.0000000000 
_pdbx_struct_oper_list.matrix[1][2]         0.0000000000 
_pdbx_struct_oper_list.matrix[1][3]         0.0000000000 
_pdbx_struct_oper_list.vector[1]            0.0000000000 
_pdbx_struct_oper_list.matrix[2][1]         0.0000000000 
_pdbx_struct_oper_list.matrix[2][2]         1.0000000000 
_pdbx_struct_oper_list.matrix[2][3]         0.0000000000 
_pdbx_struct_oper_list.vector[2]            0.0000000000 
_pdbx_struct_oper_list.matrix[3][1]         0.0000000000 
_pdbx_struct_oper_list.matrix[3][2]         0.0000000000 
_pdbx_struct_oper_list.matrix[3][3]         1.0000000000 
_pdbx_struct_oper_list.vector[3]            0.0000000000 
# 
_struct_biol.id                    1 
_struct_biol.pdbx_parent_biol_id   ? 
_struct_biol.details               ? 
# 
_struct_conf.conf_type_id            HELX_P 
_struct_conf.id                      HELX_P1 
_struct_conf.pdbx_PDB_helix_id       1 
_struct_conf.beg_label_comp_id       ARG 
_struct_conf.beg_label_asym_id       A 
_struct_conf.beg_label_seq_id        74 
_struct_conf.pdbx_beg_PDB_ins_code   ? 
_struct_conf.end_label_comp_id       ASP 
_struct_conf.end_label_asym_id       A 
_struct_conf.end_label_seq_id        77 
_struct_conf.pdbx_end_PDB_ins_code   ? 
_struct_conf.beg_auth_comp_id        ARG 
_struct_conf.beg_auth_asym_id        A 
_struct_conf.beg_auth_seq_id         74 
_struct_conf.end_auth_comp_id        ASP 
_struct_conf.end_auth_asym_id        A 
_struct_conf.end_auth_seq_id         77 
_struct_conf.pdbx_PDB_helix_class    5 
_struct_conf.details                 ? 
_struct_conf.pdbx_PDB_helix_length   4 
# 
_struct_conf_type.id          HELX_P 
_struct_conf_type.criteria    ? 
_struct_conf_type.reference   ? 
# 
loop_
_struct_conn.id 
_struct_conn.conn_type_id 
_struct_conn.pdbx_leaving_atom_flag 
_struct_conn.pdbx_PDB_id 
_struct_conn.ptnr1_label_asym_id 
_struct_conn.ptnr1_label_comp_id 
_struct_conn.ptnr1_label_seq_id 
_struct_conn.ptnr1_label_atom_id 
_struct_conn.pdbx_ptnr1_label_alt_id 
_struct_conn.pdbx_ptnr1_PDB_ins_code 
_struct_conn.pdbx_ptnr1_standard_comp_id 
_struct_conn.ptnr1_symmetry 
_struct_conn.ptnr2_label_asym_id 
_struct_conn.ptnr2_label_comp_id 
_struct_conn.ptnr2_label_seq_id 
_struct_conn.ptnr2_label_atom_id 
_struct_conn.pdbx_ptnr2_label_alt_id 
_struct_conn.pdbx_ptnr2_PDB_ins_code 
_struct_conn.ptnr1_auth_asym_id 
_struct_conn.ptnr1_auth_comp_id 
_struct_conn.ptnr1_auth_seq_id 
_struct_conn.ptnr2_auth_asym_id 
_struct_conn.ptnr2_auth_comp_id 
_struct_conn.ptnr2_auth_seq_id 
_struct_conn.ptnr2_symmetry 
_struct_conn.pdbx_ptnr3_label_atom_id 
_struct_conn.pdbx_ptnr3_label_seq_id 
_struct_conn.pdbx_ptnr3_label_comp_id 
_struct_conn.pdbx_ptnr3_label_asym_id 
_struct_conn.pdbx_ptnr3_label_alt_id 
_struct_conn.pdbx_ptnr3_PDB_ins_code 
_struct_conn.details 
_struct_conn.pdbx_dist_value 
_struct_conn.pdbx_value_order 
_struct_conn.pdbx_role 
disulf1 disulf ? ? A CYS 22 SG ? ? ? 1_555 A CYS 83 SG ? ? A CYS 22 A CYS 83 1_555 ? ? ? ? ? ? ? 2.060 ? ? 
disulf2 disulf ? ? A CYS 29 SG ? ? ? 1_555 A CYS 89 SG ? ? A CYS 29 A CYS 89 1_555 ? ? ? ? ? ? ? 2.048 ? ? 
# 
_struct_conn_type.id          disulf 
_struct_conn_type.criteria    ? 
_struct_conn_type.reference   ? 
# 
loop_
_pdbx_modification_feature.ordinal 
_pdbx_modification_feature.label_comp_id 
_pdbx_modification_feature.label_asym_id 
_pdbx_modification_feature.label_seq_id 
_pdbx_modification_feature.label_alt_id 
_pdbx_modification_feature.modified_residue_label_comp_id 
_pdbx_modification_feature.modified_residue_label_asym_id 
_pdbx_modification_feature.modified_residue_label_seq_id 
_pdbx_modification_feature.modified_residue_label_alt_id 
_pdbx_modification_feature.auth_comp_id 
_pdbx_modification_feature.auth_asym_id 
_pdbx_modification_feature.auth_seq_id 
_pdbx_modification_feature.PDB_ins_code 
_pdbx_modification_feature.symmetry 
_pdbx_modification_feature.modified_residue_auth_comp_id 
_pdbx_modification_feature.modified_residue_auth_asym_id 
_pdbx_modification_feature.modified_residue_auth_seq_id 
_pdbx_modification_feature.modified_residue_PDB_ins_code 
_pdbx_modification_feature.modified_residue_symmetry 
_pdbx_modification_feature.comp_id_linking_atom 
_pdbx_modification_feature.modified_residue_id_linking_atom 
_pdbx_modification_feature.modified_residue_id 
_pdbx_modification_feature.ref_pcm_id 
_pdbx_modification_feature.ref_comp_id 
_pdbx_modification_feature.type 
_pdbx_modification_feature.category 
1 CYS A 22 ? CYS A 83 ? CYS A 22 ? 1_555 CYS A 83 ? 1_555 SG SG . . . None 'Disulfide bridge' 
2 CYS A 29 ? CYS A 89 ? CYS A 29 ? 1_555 CYS A 89 ? 1_555 SG SG . . . None 'Disulfide bridge' 
# 
_struct_mon_prot_cis.pdbx_id                1 
_struct_mon_prot_cis.label_comp_id          THR 
_struct_mon_prot_cis.label_seq_id           6 
_struct_mon_prot_cis.label_asym_id          A 
_struct_mon_prot_cis.label_alt_id           . 
_struct_mon_prot_cis.pdbx_PDB_ins_code      ? 
_struct_mon_prot_cis.auth_comp_id           THR 
_struct_mon_prot_cis.auth_seq_id            6 
_struct_mon_prot_cis.auth_asym_id           A 
_struct_mon_prot_cis.pdbx_label_comp_id_2   PRO 
_struct_mon_prot_cis.pdbx_label_seq_id_2    7 
_struct_mon_prot_cis.pdbx_label_asym_id_2   A 
_struct_mon_prot_cis.pdbx_PDB_ins_code_2    ? 
_struct_mon_prot_cis.pdbx_auth_comp_id_2    PRO 
_struct_mon_prot_cis.pdbx_auth_seq_id_2     7 
_struct_mon_prot_cis.pdbx_auth_asym_id_2    A 
_struct_mon_prot_cis.pdbx_PDB_model_num     1 
_struct_mon_prot_cis.pdbx_omega_angle       1.22 
# 
loop_
_struct_sheet.id 
_struct_sheet.type 
_struct_sheet.number_strands 
_struct_sheet.details 
A ? 4 ? 
B ? 5 ? 
C ? 4 ? 
# 
loop_
_struct_sheet_order.sheet_id 
_struct_sheet_order.range_id_1 
_struct_sheet_order.range_id_2 
_struct_sheet_order.offset 
_struct_sheet_order.sense 
A 1 2 ? anti-parallel 
A 2 3 ? anti-parallel 
A 3 4 ? anti-parallel 
B 1 2 ? parallel      
B 2 3 ? anti-parallel 
B 3 4 ? anti-parallel 
B 4 5 ? anti-parallel 
C 1 2 ? parallel      
C 2 3 ? anti-parallel 
C 3 4 ? anti-parallel 
# 
loop_
_struct_sheet_range.sheet_id 
_struct_sheet_range.id 
_struct_sheet_range.beg_label_comp_id 
_struct_sheet_range.beg_label_asym_id 
_struct_sheet_range.beg_label_seq_id 
_struct_sheet_range.pdbx_beg_PDB_ins_code 
_struct_sheet_range.end_label_comp_id 
_struct_sheet_range.end_label_asym_id 
_struct_sheet_range.end_label_seq_id 
_struct_sheet_range.pdbx_end_PDB_ins_code 
_struct_sheet_range.beg_auth_comp_id 
_struct_sheet_range.beg_auth_asym_id 
_struct_sheet_range.beg_auth_seq_id 
_struct_sheet_range.end_auth_comp_id 
_struct_sheet_range.end_auth_asym_id 
_struct_sheet_range.end_auth_seq_id 
A 1 VAL A 3   ? THR A 6   ? VAL A 3   THR A 6   
A 2 LEU A 18  ? LEU A 24  ? LEU A 18  LEU A 24  
A 3 SER A 65  ? ILE A 70  ? SER A 65  ILE A 70  
A 4 TYR A 55  ? ASP A 60  ? TYR A 55  ASP A 60  
B 1 ILE A 9   ? LYS A 12  ? ILE A 9   LYS A 12  
B 2 THR A 103 ? VAL A 107 ? THR A 103 VAL A 107 
B 3 GLY A 79  ? CYS A 89  ? GLY A 79  CYS A 89  
B 4 CYS A 29  ? LYS A 40  ? CYS A 29  LYS A 40  
B 5 GLU A 46  ? THR A 48  ? GLU A 46  THR A 48  
C 1 ILE A 9   ? LYS A 12  ? ILE A 9   LYS A 12  
C 2 THR A 103 ? VAL A 107 ? THR A 103 VAL A 107 
C 3 GLY A 79  ? CYS A 89  ? GLY A 79  CYS A 89  
C 4 LYS A 98  ? GLU A 99  ? LYS A 98  GLU A 99  
# 
loop_
_pdbx_struct_sheet_hbond.sheet_id 
_pdbx_struct_sheet_hbond.range_id_1 
_pdbx_struct_sheet_hbond.range_id_2 
_pdbx_struct_sheet_hbond.range_1_label_atom_id 
_pdbx_struct_sheet_hbond.range_1_label_comp_id 
_pdbx_struct_sheet_hbond.range_1_label_asym_id 
_pdbx_struct_sheet_hbond.range_1_label_seq_id 
_pdbx_struct_sheet_hbond.range_1_PDB_ins_code 
_pdbx_struct_sheet_hbond.range_1_auth_atom_id 
_pdbx_struct_sheet_hbond.range_1_auth_comp_id 
_pdbx_struct_sheet_hbond.range_1_auth_asym_id 
_pdbx_struct_sheet_hbond.range_1_auth_seq_id 
_pdbx_struct_sheet_hbond.range_2_label_atom_id 
_pdbx_struct_sheet_hbond.range_2_label_comp_id 
_pdbx_struct_sheet_hbond.range_2_label_asym_id 
_pdbx_struct_sheet_hbond.range_2_label_seq_id 
_pdbx_struct_sheet_hbond.range_2_PDB_ins_code 
_pdbx_struct_sheet_hbond.range_2_auth_atom_id 
_pdbx_struct_sheet_hbond.range_2_auth_comp_id 
_pdbx_struct_sheet_hbond.range_2_auth_asym_id 
_pdbx_struct_sheet_hbond.range_2_auth_seq_id 
A 1 2 N THR A 6   ? N THR A 6   O ASN A 21  ? O ASN A 21  
A 2 3 N ILE A 20  ? N ILE A 20  O LEU A 68  ? O LEU A 68  
A 3 4 O THR A 69  ? O THR A 69  N SER A 56  ? N SER A 56  
B 1 2 N ALA A 10  ? N ALA A 10  O VAL A 104 ? O VAL A 104 
B 2 3 O LEU A 105 ? O LEU A 105 N GLY A 79  ? N GLY A 79  
B 3 4 O THR A 80  ? O THR A 80  N THR A 39  ? N THR A 39  
B 4 5 N ARG A 38  ? N ARG A 38  O GLN A 47  ? O GLN A 47  
C 1 2 N ALA A 10  ? N ALA A 10  O VAL A 104 ? O VAL A 104 
C 2 3 O LEU A 105 ? O LEU A 105 N GLY A 79  ? N GLY A 79  
C 3 4 N ALA A 85  ? N ALA A 85  O LYS A 98  ? O LYS A 98  
# 
_pdbx_entry_details.entry_id                   2COQ 
_pdbx_entry_details.compound_details           ? 
_pdbx_entry_details.source_details             ? 
_pdbx_entry_details.nonpolymer_details         ? 
_pdbx_entry_details.sequence_details           ? 
_pdbx_entry_details.has_ligand_of_interest     ? 
_pdbx_entry_details.has_protein_modification   Y 
# 
loop_
_pdbx_validate_close_contact.id 
_pdbx_validate_close_contact.PDB_model_num 
_pdbx_validate_close_contact.auth_atom_id_1 
_pdbx_validate_close_contact.auth_asym_id_1 
_pdbx_validate_close_contact.auth_comp_id_1 
_pdbx_validate_close_contact.auth_seq_id_1 
_pdbx_validate_close_contact.PDB_ins_code_1 
_pdbx_validate_close_contact.label_alt_id_1 
_pdbx_validate_close_contact.auth_atom_id_2 
_pdbx_validate_close_contact.auth_asym_id_2 
_pdbx_validate_close_contact.auth_comp_id_2 
_pdbx_validate_close_contact.auth_seq_id_2 
_pdbx_validate_close_contact.PDB_ins_code_2 
_pdbx_validate_close_contact.label_alt_id_2 
_pdbx_validate_close_contact.dist 
1 1 O  A HOH 117 ? ? O A HOH 213 ? ? 2.14 
2 1 NE A ARG 71  ? ? O A HOH 238 ? ? 2.19 
# 
_pdbx_validate_symm_contact.id                1 
_pdbx_validate_symm_contact.PDB_model_num     1 
_pdbx_validate_symm_contact.auth_atom_id_1    O 
_pdbx_validate_symm_contact.auth_asym_id_1    A 
_pdbx_validate_symm_contact.auth_comp_id_1    HOH 
_pdbx_validate_symm_contact.auth_seq_id_1     154 
_pdbx_validate_symm_contact.PDB_ins_code_1    ? 
_pdbx_validate_symm_contact.label_alt_id_1    ? 
_pdbx_validate_symm_contact.site_symmetry_1   1_555 
_pdbx_validate_symm_contact.auth_atom_id_2    O 
_pdbx_validate_symm_contact.auth_asym_id_2    A 
_pdbx_validate_symm_contact.auth_comp_id_2    HOH 
_pdbx_validate_symm_contact.auth_seq_id_2     174 
_pdbx_validate_symm_contact.PDB_ins_code_2    ? 
_pdbx_validate_symm_contact.label_alt_id_2    ? 
_pdbx_validate_symm_contact.site_symmetry_2   4_456 
_pdbx_validate_symm_contact.dist              2.06 
# 
loop_
_pdbx_validate_torsion.id 
_pdbx_validate_torsion.PDB_model_num 
_pdbx_validate_torsion.auth_comp_id 
_pdbx_validate_torsion.auth_asym_id 
_pdbx_validate_torsion.auth_seq_id 
_pdbx_validate_torsion.PDB_ins_code 
_pdbx_validate_torsion.label_alt_id 
_pdbx_validate_torsion.phi 
_pdbx_validate_torsion.psi 
1 1 ARG A 2  ? ? -170.32 133.74 
2 1 ASP A 26 ? ? -161.75 117.29 
3 1 PHE A 91 ? ? -96.24  -96.27 
4 1 THR A 93 ? ? -65.35  98.38  
5 1 VAL A 95 ? ? -60.94  91.10  
6 1 TYR A 97 ? ? 76.72   107.98 
# 
_pdbx_refine_tls.id               1 
_pdbx_refine_tls.details          ? 
_pdbx_refine_tls.method           refined 
_pdbx_refine_tls.origin_x         -0.2397 
_pdbx_refine_tls.origin_y         0.1307 
_pdbx_refine_tls.origin_z         -0.2996 
_pdbx_refine_tls.T[1][1]          -0.2652 
_pdbx_refine_tls.T[2][2]          -0.1667 
_pdbx_refine_tls.T[3][3]          -0.2334 
_pdbx_refine_tls.T[1][2]          0.0026 
_pdbx_refine_tls.T[1][3]          0.0508 
_pdbx_refine_tls.T[2][3]          -0.0008 
_pdbx_refine_tls.L[1][1]          4.4500 
_pdbx_refine_tls.L[2][2]          4.9732 
_pdbx_refine_tls.L[3][3]          3.6305 
_pdbx_refine_tls.L[1][2]          -2.5714 
_pdbx_refine_tls.L[1][3]          0.8491 
_pdbx_refine_tls.L[2][3]          -0.9095 
_pdbx_refine_tls.S[1][1]          -0.1022 
_pdbx_refine_tls.S[1][2]          -0.4536 
_pdbx_refine_tls.S[1][3]          0.1488 
_pdbx_refine_tls.S[2][1]          0.2270 
_pdbx_refine_tls.S[2][2]          0.1402 
_pdbx_refine_tls.S[2][3]          0.0105 
_pdbx_refine_tls.S[3][1]          -0.0918 
_pdbx_refine_tls.S[3][2]          -0.0345 
_pdbx_refine_tls.S[3][3]          -0.0380 
_pdbx_refine_tls.pdbx_refine_id   'X-RAY DIFFRACTION' 
# 
_pdbx_refine_tls_group.id                  1 
_pdbx_refine_tls_group.refine_tls_id       1 
_pdbx_refine_tls_group.beg_auth_asym_id    A 
_pdbx_refine_tls_group.beg_auth_seq_id     1 
_pdbx_refine_tls_group.beg_label_asym_id   A 
_pdbx_refine_tls_group.beg_label_seq_id    1 
_pdbx_refine_tls_group.end_auth_asym_id    A 
_pdbx_refine_tls_group.end_auth_seq_id     108 
_pdbx_refine_tls_group.end_label_asym_id   A 
_pdbx_refine_tls_group.end_label_seq_id    108 
_pdbx_refine_tls_group.selection           ? 
_pdbx_refine_tls_group.pdbx_refine_id      'X-RAY DIFFRACTION' 
_pdbx_refine_tls_group.selection_details   ? 
# 
loop_
_chem_comp_atom.comp_id 
_chem_comp_atom.atom_id 
_chem_comp_atom.type_symbol 
_chem_comp_atom.pdbx_aromatic_flag 
_chem_comp_atom.pdbx_stereo_config 
_chem_comp_atom.pdbx_ordinal 
ALA N    N N N 1   
ALA CA   C N S 2   
ALA C    C N N 3   
ALA O    O N N 4   
ALA CB   C N N 5   
ALA OXT  O N N 6   
ALA H    H N N 7   
ALA H2   H N N 8   
ALA HA   H N N 9   
ALA HB1  H N N 10  
ALA HB2  H N N 11  
ALA HB3  H N N 12  
ALA HXT  H N N 13  
ARG N    N N N 14  
ARG CA   C N S 15  
ARG C    C N N 16  
ARG O    O N N 17  
ARG CB   C N N 18  
ARG CG   C N N 19  
ARG CD   C N N 20  
ARG NE   N N N 21  
ARG CZ   C N N 22  
ARG NH1  N N N 23  
ARG NH2  N N N 24  
ARG OXT  O N N 25  
ARG H    H N N 26  
ARG H2   H N N 27  
ARG HA   H N N 28  
ARG HB2  H N N 29  
ARG HB3  H N N 30  
ARG HG2  H N N 31  
ARG HG3  H N N 32  
ARG HD2  H N N 33  
ARG HD3  H N N 34  
ARG HE   H N N 35  
ARG HH11 H N N 36  
ARG HH12 H N N 37  
ARG HH21 H N N 38  
ARG HH22 H N N 39  
ARG HXT  H N N 40  
ASN N    N N N 41  
ASN CA   C N S 42  
ASN C    C N N 43  
ASN O    O N N 44  
ASN CB   C N N 45  
ASN CG   C N N 46  
ASN OD1  O N N 47  
ASN ND2  N N N 48  
ASN OXT  O N N 49  
ASN H    H N N 50  
ASN H2   H N N 51  
ASN HA   H N N 52  
ASN HB2  H N N 53  
ASN HB3  H N N 54  
ASN HD21 H N N 55  
ASN HD22 H N N 56  
ASN HXT  H N N 57  
ASP N    N N N 58  
ASP CA   C N S 59  
ASP C    C N N 60  
ASP O    O N N 61  
ASP CB   C N N 62  
ASP CG   C N N 63  
ASP OD1  O N N 64  
ASP OD2  O N N 65  
ASP OXT  O N N 66  
ASP H    H N N 67  
ASP H2   H N N 68  
ASP HA   H N N 69  
ASP HB2  H N N 70  
ASP HB3  H N N 71  
ASP HD2  H N N 72  
ASP HXT  H N N 73  
CYS N    N N N 74  
CYS CA   C N R 75  
CYS C    C N N 76  
CYS O    O N N 77  
CYS CB   C N N 78  
CYS SG   S N N 79  
CYS OXT  O N N 80  
CYS H    H N N 81  
CYS H2   H N N 82  
CYS HA   H N N 83  
CYS HB2  H N N 84  
CYS HB3  H N N 85  
CYS HG   H N N 86  
CYS HXT  H N N 87  
GLN N    N N N 88  
GLN CA   C N S 89  
GLN C    C N N 90  
GLN O    O N N 91  
GLN CB   C N N 92  
GLN CG   C N N 93  
GLN CD   C N N 94  
GLN OE1  O N N 95  
GLN NE2  N N N 96  
GLN OXT  O N N 97  
GLN H    H N N 98  
GLN H2   H N N 99  
GLN HA   H N N 100 
GLN HB2  H N N 101 
GLN HB3  H N N 102 
GLN HG2  H N N 103 
GLN HG3  H N N 104 
GLN HE21 H N N 105 
GLN HE22 H N N 106 
GLN HXT  H N N 107 
GLU N    N N N 108 
GLU CA   C N S 109 
GLU C    C N N 110 
GLU O    O N N 111 
GLU CB   C N N 112 
GLU CG   C N N 113 
GLU CD   C N N 114 
GLU OE1  O N N 115 
GLU OE2  O N N 116 
GLU OXT  O N N 117 
GLU H    H N N 118 
GLU H2   H N N 119 
GLU HA   H N N 120 
GLU HB2  H N N 121 
GLU HB3  H N N 122 
GLU HG2  H N N 123 
GLU HG3  H N N 124 
GLU HE2  H N N 125 
GLU HXT  H N N 126 
GLY N    N N N 127 
GLY CA   C N N 128 
GLY C    C N N 129 
GLY O    O N N 130 
GLY OXT  O N N 131 
GLY H    H N N 132 
GLY H2   H N N 133 
GLY HA2  H N N 134 
GLY HA3  H N N 135 
GLY HXT  H N N 136 
HOH O    O N N 137 
HOH H1   H N N 138 
HOH H2   H N N 139 
ILE N    N N N 140 
ILE CA   C N S 141 
ILE C    C N N 142 
ILE O    O N N 143 
ILE CB   C N S 144 
ILE CG1  C N N 145 
ILE CG2  C N N 146 
ILE CD1  C N N 147 
ILE OXT  O N N 148 
ILE H    H N N 149 
ILE H2   H N N 150 
ILE HA   H N N 151 
ILE HB   H N N 152 
ILE HG12 H N N 153 
ILE HG13 H N N 154 
ILE HG21 H N N 155 
ILE HG22 H N N 156 
ILE HG23 H N N 157 
ILE HD11 H N N 158 
ILE HD12 H N N 159 
ILE HD13 H N N 160 
ILE HXT  H N N 161 
LEU N    N N N 162 
LEU CA   C N S 163 
LEU C    C N N 164 
LEU O    O N N 165 
LEU CB   C N N 166 
LEU CG   C N N 167 
LEU CD1  C N N 168 
LEU CD2  C N N 169 
LEU OXT  O N N 170 
LEU H    H N N 171 
LEU H2   H N N 172 
LEU HA   H N N 173 
LEU HB2  H N N 174 
LEU HB3  H N N 175 
LEU HG   H N N 176 
LEU HD11 H N N 177 
LEU HD12 H N N 178 
LEU HD13 H N N 179 
LEU HD21 H N N 180 
LEU HD22 H N N 181 
LEU HD23 H N N 182 
LEU HXT  H N N 183 
LYS N    N N N 184 
LYS CA   C N S 185 
LYS C    C N N 186 
LYS O    O N N 187 
LYS CB   C N N 188 
LYS CG   C N N 189 
LYS CD   C N N 190 
LYS CE   C N N 191 
LYS NZ   N N N 192 
LYS OXT  O N N 193 
LYS H    H N N 194 
LYS H2   H N N 195 
LYS HA   H N N 196 
LYS HB2  H N N 197 
LYS HB3  H N N 198 
LYS HG2  H N N 199 
LYS HG3  H N N 200 
LYS HD2  H N N 201 
LYS HD3  H N N 202 
LYS HE2  H N N 203 
LYS HE3  H N N 204 
LYS HZ1  H N N 205 
LYS HZ2  H N N 206 
LYS HZ3  H N N 207 
LYS HXT  H N N 208 
PHE N    N N N 209 
PHE CA   C N S 210 
PHE C    C N N 211 
PHE O    O N N 212 
PHE CB   C N N 213 
PHE CG   C Y N 214 
PHE CD1  C Y N 215 
PHE CD2  C Y N 216 
PHE CE1  C Y N 217 
PHE CE2  C Y N 218 
PHE CZ   C Y N 219 
PHE OXT  O N N 220 
PHE H    H N N 221 
PHE H2   H N N 222 
PHE HA   H N N 223 
PHE HB2  H N N 224 
PHE HB3  H N N 225 
PHE HD1  H N N 226 
PHE HD2  H N N 227 
PHE HE1  H N N 228 
PHE HE2  H N N 229 
PHE HZ   H N N 230 
PHE HXT  H N N 231 
PRO N    N N N 232 
PRO CA   C N S 233 
PRO C    C N N 234 
PRO O    O N N 235 
PRO CB   C N N 236 
PRO CG   C N N 237 
PRO CD   C N N 238 
PRO OXT  O N N 239 
PRO H    H N N 240 
PRO HA   H N N 241 
PRO HB2  H N N 242 
PRO HB3  H N N 243 
PRO HG2  H N N 244 
PRO HG3  H N N 245 
PRO HD2  H N N 246 
PRO HD3  H N N 247 
PRO HXT  H N N 248 
SER N    N N N 249 
SER CA   C N S 250 
SER C    C N N 251 
SER O    O N N 252 
SER CB   C N N 253 
SER OG   O N N 254 
SER OXT  O N N 255 
SER H    H N N 256 
SER H2   H N N 257 
SER HA   H N N 258 
SER HB2  H N N 259 
SER HB3  H N N 260 
SER HG   H N N 261 
SER HXT  H N N 262 
THR N    N N N 263 
THR CA   C N S 264 
THR C    C N N 265 
THR O    O N N 266 
THR CB   C N R 267 
THR OG1  O N N 268 
THR CG2  C N N 269 
THR OXT  O N N 270 
THR H    H N N 271 
THR H2   H N N 272 
THR HA   H N N 273 
THR HB   H N N 274 
THR HG1  H N N 275 
THR HG21 H N N 276 
THR HG22 H N N 277 
THR HG23 H N N 278 
THR HXT  H N N 279 
TRP N    N N N 280 
TRP CA   C N S 281 
TRP C    C N N 282 
TRP O    O N N 283 
TRP CB   C N N 284 
TRP CG   C Y N 285 
TRP CD1  C Y N 286 
TRP CD2  C Y N 287 
TRP NE1  N Y N 288 
TRP CE2  C Y N 289 
TRP CE3  C Y N 290 
TRP CZ2  C Y N 291 
TRP CZ3  C Y N 292 
TRP CH2  C Y N 293 
TRP OXT  O N N 294 
TRP H    H N N 295 
TRP H2   H N N 296 
TRP HA   H N N 297 
TRP HB2  H N N 298 
TRP HB3  H N N 299 
TRP HD1  H N N 300 
TRP HE1  H N N 301 
TRP HE3  H N N 302 
TRP HZ2  H N N 303 
TRP HZ3  H N N 304 
TRP HH2  H N N 305 
TRP HXT  H N N 306 
TYR N    N N N 307 
TYR CA   C N S 308 
TYR C    C N N 309 
TYR O    O N N 310 
TYR CB   C N N 311 
TYR CG   C Y N 312 
TYR CD1  C Y N 313 
TYR CD2  C Y N 314 
TYR CE1  C Y N 315 
TYR CE2  C Y N 316 
TYR CZ   C Y N 317 
TYR OH   O N N 318 
TYR OXT  O N N 319 
TYR H    H N N 320 
TYR H2   H N N 321 
TYR HA   H N N 322 
TYR HB2  H N N 323 
TYR HB3  H N N 324 
TYR HD1  H N N 325 
TYR HD2  H N N 326 
TYR HE1  H N N 327 
TYR HE2  H N N 328 
TYR HH   H N N 329 
TYR HXT  H N N 330 
VAL N    N N N 331 
VAL CA   C N S 332 
VAL C    C N N 333 
VAL O    O N N 334 
VAL CB   C N N 335 
VAL CG1  C N N 336 
VAL CG2  C N N 337 
VAL OXT  O N N 338 
VAL H    H N N 339 
VAL H2   H N N 340 
VAL HA   H N N 341 
VAL HB   H N N 342 
VAL HG11 H N N 343 
VAL HG12 H N N 344 
VAL HG13 H N N 345 
VAL HG21 H N N 346 
VAL HG22 H N N 347 
VAL HG23 H N N 348 
VAL HXT  H N N 349 
# 
loop_
_chem_comp_bond.comp_id 
_chem_comp_bond.atom_id_1 
_chem_comp_bond.atom_id_2 
_chem_comp_bond.value_order 
_chem_comp_bond.pdbx_aromatic_flag 
_chem_comp_bond.pdbx_stereo_config 
_chem_comp_bond.pdbx_ordinal 
ALA N   CA   sing N N 1   
ALA N   H    sing N N 2   
ALA N   H2   sing N N 3   
ALA CA  C    sing N N 4   
ALA CA  CB   sing N N 5   
ALA CA  HA   sing N N 6   
ALA C   O    doub N N 7   
ALA C   OXT  sing N N 8   
ALA CB  HB1  sing N N 9   
ALA CB  HB2  sing N N 10  
ALA CB  HB3  sing N N 11  
ALA OXT HXT  sing N N 12  
ARG N   CA   sing N N 13  
ARG N   H    sing N N 14  
ARG N   H2   sing N N 15  
ARG CA  C    sing N N 16  
ARG CA  CB   sing N N 17  
ARG CA  HA   sing N N 18  
ARG C   O    doub N N 19  
ARG C   OXT  sing N N 20  
ARG CB  CG   sing N N 21  
ARG CB  HB2  sing N N 22  
ARG CB  HB3  sing N N 23  
ARG CG  CD   sing N N 24  
ARG CG  HG2  sing N N 25  
ARG CG  HG3  sing N N 26  
ARG CD  NE   sing N N 27  
ARG CD  HD2  sing N N 28  
ARG CD  HD3  sing N N 29  
ARG NE  CZ   sing N N 30  
ARG NE  HE   sing N N 31  
ARG CZ  NH1  sing N N 32  
ARG CZ  NH2  doub N N 33  
ARG NH1 HH11 sing N N 34  
ARG NH1 HH12 sing N N 35  
ARG NH2 HH21 sing N N 36  
ARG NH2 HH22 sing N N 37  
ARG OXT HXT  sing N N 38  
ASN N   CA   sing N N 39  
ASN N   H    sing N N 40  
ASN N   H2   sing N N 41  
ASN CA  C    sing N N 42  
ASN CA  CB   sing N N 43  
ASN CA  HA   sing N N 44  
ASN C   O    doub N N 45  
ASN C   OXT  sing N N 46  
ASN CB  CG   sing N N 47  
ASN CB  HB2  sing N N 48  
ASN CB  HB3  sing N N 49  
ASN CG  OD1  doub N N 50  
ASN CG  ND2  sing N N 51  
ASN ND2 HD21 sing N N 52  
ASN ND2 HD22 sing N N 53  
ASN OXT HXT  sing N N 54  
ASP N   CA   sing N N 55  
ASP N   H    sing N N 56  
ASP N   H2   sing N N 57  
ASP CA  C    sing N N 58  
ASP CA  CB   sing N N 59  
ASP CA  HA   sing N N 60  
ASP C   O    doub N N 61  
ASP C   OXT  sing N N 62  
ASP CB  CG   sing N N 63  
ASP CB  HB2  sing N N 64  
ASP CB  HB3  sing N N 65  
ASP CG  OD1  doub N N 66  
ASP CG  OD2  sing N N 67  
ASP OD2 HD2  sing N N 68  
ASP OXT HXT  sing N N 69  
CYS N   CA   sing N N 70  
CYS N   H    sing N N 71  
CYS N   H2   sing N N 72  
CYS CA  C    sing N N 73  
CYS CA  CB   sing N N 74  
CYS CA  HA   sing N N 75  
CYS C   O    doub N N 76  
CYS C   OXT  sing N N 77  
CYS CB  SG   sing N N 78  
CYS CB  HB2  sing N N 79  
CYS CB  HB3  sing N N 80  
CYS SG  HG   sing N N 81  
CYS OXT HXT  sing N N 82  
GLN N   CA   sing N N 83  
GLN N   H    sing N N 84  
GLN N   H2   sing N N 85  
GLN CA  C    sing N N 86  
GLN CA  CB   sing N N 87  
GLN CA  HA   sing N N 88  
GLN C   O    doub N N 89  
GLN C   OXT  sing N N 90  
GLN CB  CG   sing N N 91  
GLN CB  HB2  sing N N 92  
GLN CB  HB3  sing N N 93  
GLN CG  CD   sing N N 94  
GLN CG  HG2  sing N N 95  
GLN CG  HG3  sing N N 96  
GLN CD  OE1  doub N N 97  
GLN CD  NE2  sing N N 98  
GLN NE2 HE21 sing N N 99  
GLN NE2 HE22 sing N N 100 
GLN OXT HXT  sing N N 101 
GLU N   CA   sing N N 102 
GLU N   H    sing N N 103 
GLU N   H2   sing N N 104 
GLU CA  C    sing N N 105 
GLU CA  CB   sing N N 106 
GLU CA  HA   sing N N 107 
GLU C   O    doub N N 108 
GLU C   OXT  sing N N 109 
GLU CB  CG   sing N N 110 
GLU CB  HB2  sing N N 111 
GLU CB  HB3  sing N N 112 
GLU CG  CD   sing N N 113 
GLU CG  HG2  sing N N 114 
GLU CG  HG3  sing N N 115 
GLU CD  OE1  doub N N 116 
GLU CD  OE2  sing N N 117 
GLU OE2 HE2  sing N N 118 
GLU OXT HXT  sing N N 119 
GLY N   CA   sing N N 120 
GLY N   H    sing N N 121 
GLY N   H2   sing N N 122 
GLY CA  C    sing N N 123 
GLY CA  HA2  sing N N 124 
GLY CA  HA3  sing N N 125 
GLY C   O    doub N N 126 
GLY C   OXT  sing N N 127 
GLY OXT HXT  sing N N 128 
HOH O   H1   sing N N 129 
HOH O   H2   sing N N 130 
ILE N   CA   sing N N 131 
ILE N   H    sing N N 132 
ILE N   H2   sing N N 133 
ILE CA  C    sing N N 134 
ILE CA  CB   sing N N 135 
ILE CA  HA   sing N N 136 
ILE C   O    doub N N 137 
ILE C   OXT  sing N N 138 
ILE CB  CG1  sing N N 139 
ILE CB  CG2  sing N N 140 
ILE CB  HB   sing N N 141 
ILE CG1 CD1  sing N N 142 
ILE CG1 HG12 sing N N 143 
ILE CG1 HG13 sing N N 144 
ILE CG2 HG21 sing N N 145 
ILE CG2 HG22 sing N N 146 
ILE CG2 HG23 sing N N 147 
ILE CD1 HD11 sing N N 148 
ILE CD1 HD12 sing N N 149 
ILE CD1 HD13 sing N N 150 
ILE OXT HXT  sing N N 151 
LEU N   CA   sing N N 152 
LEU N   H    sing N N 153 
LEU N   H2   sing N N 154 
LEU CA  C    sing N N 155 
LEU CA  CB   sing N N 156 
LEU CA  HA   sing N N 157 
LEU C   O    doub N N 158 
LEU C   OXT  sing N N 159 
LEU CB  CG   sing N N 160 
LEU CB  HB2  sing N N 161 
LEU CB  HB3  sing N N 162 
LEU CG  CD1  sing N N 163 
LEU CG  CD2  sing N N 164 
LEU CG  HG   sing N N 165 
LEU CD1 HD11 sing N N 166 
LEU CD1 HD12 sing N N 167 
LEU CD1 HD13 sing N N 168 
LEU CD2 HD21 sing N N 169 
LEU CD2 HD22 sing N N 170 
LEU CD2 HD23 sing N N 171 
LEU OXT HXT  sing N N 172 
LYS N   CA   sing N N 173 
LYS N   H    sing N N 174 
LYS N   H2   sing N N 175 
LYS CA  C    sing N N 176 
LYS CA  CB   sing N N 177 
LYS CA  HA   sing N N 178 
LYS C   O    doub N N 179 
LYS C   OXT  sing N N 180 
LYS CB  CG   sing N N 181 
LYS CB  HB2  sing N N 182 
LYS CB  HB3  sing N N 183 
LYS CG  CD   sing N N 184 
LYS CG  HG2  sing N N 185 
LYS CG  HG3  sing N N 186 
LYS CD  CE   sing N N 187 
LYS CD  HD2  sing N N 188 
LYS CD  HD3  sing N N 189 
LYS CE  NZ   sing N N 190 
LYS CE  HE2  sing N N 191 
LYS CE  HE3  sing N N 192 
LYS NZ  HZ1  sing N N 193 
LYS NZ  HZ2  sing N N 194 
LYS NZ  HZ3  sing N N 195 
LYS OXT HXT  sing N N 196 
PHE N   CA   sing N N 197 
PHE N   H    sing N N 198 
PHE N   H2   sing N N 199 
PHE CA  C    sing N N 200 
PHE CA  CB   sing N N 201 
PHE CA  HA   sing N N 202 
PHE C   O    doub N N 203 
PHE C   OXT  sing N N 204 
PHE CB  CG   sing N N 205 
PHE CB  HB2  sing N N 206 
PHE CB  HB3  sing N N 207 
PHE CG  CD1  doub Y N 208 
PHE CG  CD2  sing Y N 209 
PHE CD1 CE1  sing Y N 210 
PHE CD1 HD1  sing N N 211 
PHE CD2 CE2  doub Y N 212 
PHE CD2 HD2  sing N N 213 
PHE CE1 CZ   doub Y N 214 
PHE CE1 HE1  sing N N 215 
PHE CE2 CZ   sing Y N 216 
PHE CE2 HE2  sing N N 217 
PHE CZ  HZ   sing N N 218 
PHE OXT HXT  sing N N 219 
PRO N   CA   sing N N 220 
PRO N   CD   sing N N 221 
PRO N   H    sing N N 222 
PRO CA  C    sing N N 223 
PRO CA  CB   sing N N 224 
PRO CA  HA   sing N N 225 
PRO C   O    doub N N 226 
PRO C   OXT  sing N N 227 
PRO CB  CG   sing N N 228 
PRO CB  HB2  sing N N 229 
PRO CB  HB3  sing N N 230 
PRO CG  CD   sing N N 231 
PRO CG  HG2  sing N N 232 
PRO CG  HG3  sing N N 233 
PRO CD  HD2  sing N N 234 
PRO CD  HD3  sing N N 235 
PRO OXT HXT  sing N N 236 
SER N   CA   sing N N 237 
SER N   H    sing N N 238 
SER N   H2   sing N N 239 
SER CA  C    sing N N 240 
SER CA  CB   sing N N 241 
SER CA  HA   sing N N 242 
SER C   O    doub N N 243 
SER C   OXT  sing N N 244 
SER CB  OG   sing N N 245 
SER CB  HB2  sing N N 246 
SER CB  HB3  sing N N 247 
SER OG  HG   sing N N 248 
SER OXT HXT  sing N N 249 
THR N   CA   sing N N 250 
THR N   H    sing N N 251 
THR N   H2   sing N N 252 
THR CA  C    sing N N 253 
THR CA  CB   sing N N 254 
THR CA  HA   sing N N 255 
THR C   O    doub N N 256 
THR C   OXT  sing N N 257 
THR CB  OG1  sing N N 258 
THR CB  CG2  sing N N 259 
THR CB  HB   sing N N 260 
THR OG1 HG1  sing N N 261 
THR CG2 HG21 sing N N 262 
THR CG2 HG22 sing N N 263 
THR CG2 HG23 sing N N 264 
THR OXT HXT  sing N N 265 
TRP N   CA   sing N N 266 
TRP N   H    sing N N 267 
TRP N   H2   sing N N 268 
TRP CA  C    sing N N 269 
TRP CA  CB   sing N N 270 
TRP CA  HA   sing N N 271 
TRP C   O    doub N N 272 
TRP C   OXT  sing N N 273 
TRP CB  CG   sing N N 274 
TRP CB  HB2  sing N N 275 
TRP CB  HB3  sing N N 276 
TRP CG  CD1  doub Y N 277 
TRP CG  CD2  sing Y N 278 
TRP CD1 NE1  sing Y N 279 
TRP CD1 HD1  sing N N 280 
TRP CD2 CE2  doub Y N 281 
TRP CD2 CE3  sing Y N 282 
TRP NE1 CE2  sing Y N 283 
TRP NE1 HE1  sing N N 284 
TRP CE2 CZ2  sing Y N 285 
TRP CE3 CZ3  doub Y N 286 
TRP CE3 HE3  sing N N 287 
TRP CZ2 CH2  doub Y N 288 
TRP CZ2 HZ2  sing N N 289 
TRP CZ3 CH2  sing Y N 290 
TRP CZ3 HZ3  sing N N 291 
TRP CH2 HH2  sing N N 292 
TRP OXT HXT  sing N N 293 
TYR N   CA   sing N N 294 
TYR N   H    sing N N 295 
TYR N   H2   sing N N 296 
TYR CA  C    sing N N 297 
TYR CA  CB   sing N N 298 
TYR CA  HA   sing N N 299 
TYR C   O    doub N N 300 
TYR C   OXT  sing N N 301 
TYR CB  CG   sing N N 302 
TYR CB  HB2  sing N N 303 
TYR CB  HB3  sing N N 304 
TYR CG  CD1  doub Y N 305 
TYR CG  CD2  sing Y N 306 
TYR CD1 CE1  sing Y N 307 
TYR CD1 HD1  sing N N 308 
TYR CD2 CE2  doub Y N 309 
TYR CD2 HD2  sing N N 310 
TYR CE1 CZ   doub Y N 311 
TYR CE1 HE1  sing N N 312 
TYR CE2 CZ   sing Y N 313 
TYR CE2 HE2  sing N N 314 
TYR CZ  OH   sing N N 315 
TYR OH  HH   sing N N 316 
TYR OXT HXT  sing N N 317 
VAL N   CA   sing N N 318 
VAL N   H    sing N N 319 
VAL N   H2   sing N N 320 
VAL CA  C    sing N N 321 
VAL CA  CB   sing N N 322 
VAL CA  HA   sing N N 323 
VAL C   O    doub N N 324 
VAL C   OXT  sing N N 325 
VAL CB  CG1  sing N N 326 
VAL CB  CG2  sing N N 327 
VAL CB  HB   sing N N 328 
VAL CG1 HG11 sing N N 329 
VAL CG1 HG12 sing N N 330 
VAL CG1 HG13 sing N N 331 
VAL CG2 HG21 sing N N 332 
VAL CG2 HG22 sing N N 333 
VAL CG2 HG23 sing N N 334 
VAL OXT HXT  sing N N 335 
# 
_pdbx_initial_refinement_model.id               1 
_pdbx_initial_refinement_model.entity_id_list   ? 
_pdbx_initial_refinement_model.type             'experimental model' 
_pdbx_initial_refinement_model.source_name      PDB 
_pdbx_initial_refinement_model.accession_code   1VER 
_pdbx_initial_refinement_model.details          'PDB ENTRY 1VER' 
# 
_atom_sites.entry_id                    2COQ 
_atom_sites.fract_transf_matrix[1][1]   -0.02423006 
_atom_sites.fract_transf_matrix[1][2]   0.00870637 
_atom_sites.fract_transf_matrix[1][3]   -0.00446456 
_atom_sites.fract_transf_matrix[2][1]   0.00384599 
_atom_sites.fract_transf_matrix[2][2]   0.01323247 
_atom_sites.fract_transf_matrix[2][3]   0.00493179 
_atom_sites.fract_transf_matrix[3][1]   0.00675089 
_atom_sites.fract_transf_matrix[3][2]   0.00677152 
_atom_sites.fract_transf_matrix[3][3]   -0.02343325 
_atom_sites.fract_transf_vector[1]      0.173144 
_atom_sites.fract_transf_vector[2]      0.359779 
_atom_sites.fract_transf_vector[3]      0.426548 
# 
loop_
_atom_type.symbol 
C 
N 
O 
S 
# 
loop_
_atom_site.group_PDB 
_atom_site.id 
_atom_site.type_symbol 
_atom_site.label_atom_id 
_atom_site.label_alt_id 
_atom_site.label_comp_id 
_atom_site.label_asym_id 
_atom_site.label_entity_id 
_atom_site.label_seq_id 
_atom_site.pdbx_PDB_ins_code 
_atom_site.Cartn_x 
_atom_site.Cartn_y 
_atom_site.Cartn_z 
_atom_site.occupancy 
_atom_site.B_iso_or_equiv 
_atom_site.pdbx_formal_charge 
_atom_site.auth_seq_id 
_atom_site.auth_comp_id 
_atom_site.auth_asym_id 
_atom_site.auth_atom_id 
_atom_site.pdbx_PDB_model_num 
ATOM   1   N N   . ALA A 1 1   ? -1.739  -3.334  14.654  1.00 47.78 ? 1   ALA A N   1 
ATOM   2   C CA  . ALA A 1 1   ? -1.860  -2.390  15.814  1.00 47.70 ? 1   ALA A CA  1 
ATOM   3   C C   . ALA A 1 1   ? -1.632  -0.954  15.369  1.00 47.45 ? 1   ALA A C   1 
ATOM   4   O O   . ALA A 1 1   ? -2.112  -0.019  16.014  1.00 47.89 ? 1   ALA A O   1 
ATOM   5   C CB  . ALA A 1 1   ? -0.881  -2.756  16.912  1.00 47.59 ? 1   ALA A CB  1 
ATOM   6   N N   . ARG A 1 2   ? -0.834  -0.808  14.313  1.00 46.92 ? 2   ARG A N   1 
ATOM   7   C CA  . ARG A 1 2   ? -0.722  0.414   13.522  1.00 46.71 ? 2   ARG A CA  1 
ATOM   8   C C   . ARG A 1 2   ? 0.097   0.113   12.273  1.00 46.41 ? 2   ARG A C   1 
ATOM   9   O O   . ARG A 1 2   ? 1.139   -0.535  12.339  1.00 45.98 ? 2   ARG A O   1 
ATOM   10  C CB  . ARG A 1 2   ? -0.081  1.564   14.301  1.00 46.57 ? 2   ARG A CB  1 
ATOM   11  C CG  . ARG A 1 2   ? -0.293  2.923   13.648  1.00 47.32 ? 2   ARG A CG  1 
ATOM   12  C CD  . ARG A 1 2   ? 0.043   4.036   14.601  1.00 48.01 ? 2   ARG A CD  1 
ATOM   13  N NE  . ARG A 1 2   ? -0.363  5.337   14.086  1.00 49.62 ? 2   ARG A NE  1 
ATOM   14  C CZ  . ARG A 1 2   ? -0.257  6.480   14.765  1.00 51.39 ? 2   ARG A CZ  1 
ATOM   15  N NH1 . ARG A 1 2   ? 0.244   6.496   15.995  1.00 51.21 ? 2   ARG A NH1 1 
ATOM   16  N NH2 . ARG A 1 2   ? -0.656  7.622   14.217  1.00 52.21 ? 2   ARG A NH2 1 
ATOM   17  N N   . VAL A 1 3   ? -0.396  0.575   11.130  1.00 46.63 ? 3   VAL A N   1 
ATOM   18  C CA  . VAL A 1 3   ? 0.349   0.490   9.882   1.00 46.49 ? 3   VAL A CA  1 
ATOM   19  C C   . VAL A 1 3   ? 0.959   1.863   9.580   1.00 46.72 ? 3   VAL A C   1 
ATOM   20  O O   . VAL A 1 3   ? 0.260   2.892   9.521   1.00 46.47 ? 3   VAL A O   1 
ATOM   21  C CB  . VAL A 1 3   ? -0.520  0.002   8.704   1.00 46.53 ? 3   VAL A CB  1 
ATOM   22  C CG1 . VAL A 1 3   ? 0.267   0.004   7.423   1.00 47.11 ? 3   VAL A CG1 1 
ATOM   23  C CG2 . VAL A 1 3   ? -0.999  -1.391  8.950   1.00 46.95 ? 3   VAL A CG2 1 
ATOM   24  N N   . ASP A 1 4   ? 2.278   1.865   9.415   1.00 46.71 ? 4   ASP A N   1 
ATOM   25  C CA  . ASP A 1 4   ? 2.980   3.038   8.939   1.00 46.66 ? 4   ASP A CA  1 
ATOM   26  C C   . ASP A 1 4   ? 3.094   2.901   7.430   1.00 46.27 ? 4   ASP A C   1 
ATOM   27  O O   . ASP A 1 4   ? 3.699   1.937   6.924   1.00 46.58 ? 4   ASP A O   1 
ATOM   28  C CB  . ASP A 1 4   ? 4.359   3.166   9.598   1.00 46.30 ? 4   ASP A CB  1 
ATOM   29  C CG  . ASP A 1 4   ? 4.287   3.223   11.116  1.00 48.13 ? 4   ASP A CG  1 
ATOM   30  O OD1 . ASP A 1 4   ? 5.345   3.013   11.761  1.00 49.27 ? 4   ASP A OD1 1 
ATOM   31  O OD2 . ASP A 1 4   ? 3.188   3.484   11.667  1.00 48.44 ? 4   ASP A OD2 1 
ATOM   32  N N   . GLN A 1 5   ? 2.484   3.837   6.714   1.00 45.47 ? 5   GLN A N   1 
ATOM   33  C CA  . GLN A 1 5   ? 2.607   3.877   5.246   1.00 45.60 ? 5   GLN A CA  1 
ATOM   34  C C   . GLN A 1 5   ? 3.448   5.060   4.838   1.00 45.68 ? 5   GLN A C   1 
ATOM   35  O O   . GLN A 1 5   ? 3.190   6.193   5.289   1.00 45.21 ? 5   GLN A O   1 
ATOM   36  C CB  . GLN A 1 5   ? 1.246   4.002   4.567   1.00 45.52 ? 5   GLN A CB  1 
ATOM   37  C CG  . GLN A 1 5   ? 1.255   3.660   3.096   1.00 45.33 ? 5   GLN A CG  1 
ATOM   38  C CD  . GLN A 1 5   ? -0.110  3.797   2.441   1.00 45.32 ? 5   GLN A CD  1 
ATOM   39  O OE1 . GLN A 1 5   ? -1.131  3.401   3.003   1.00 43.79 ? 5   GLN A OE1 1 
ATOM   40  N NE2 . GLN A 1 5   ? -0.133  4.384   1.242   1.00 45.02 ? 5   GLN A NE2 1 
ATOM   41  N N   . THR A 1 6   ? 4.436   4.800   3.976   1.00 45.61 ? 6   THR A N   1 
ATOM   42  C CA  . THR A 1 6   ? 5.257   5.875   3.438   1.00 45.55 ? 6   THR A CA  1 
ATOM   43  C C   . THR A 1 6   ? 5.580   5.758   1.925   1.00 45.84 ? 6   THR A C   1 
ATOM   44  O O   . THR A 1 6   ? 5.632   4.661   1.386   1.00 45.30 ? 6   THR A O   1 
ATOM   45  C CB  . THR A 1 6   ? 6.484   6.028   4.278   1.00 45.49 ? 6   THR A CB  1 
ATOM   46  O OG1 . THR A 1 6   ? 7.256   7.102   3.752   1.00 48.62 ? 6   THR A OG1 1 
ATOM   47  C CG2 . THR A 1 6   ? 7.288   4.746   4.286   1.00 43.53 ? 6   THR A CG2 1 
ATOM   48  N N   . PRO A 1 7   ? 5.727   6.894   1.215   1.00 46.13 ? 7   PRO A N   1 
ATOM   49  C CA  . PRO A 1 7   ? 5.657   8.306   1.630   1.00 46.53 ? 7   PRO A CA  1 
ATOM   50  C C   . PRO A 1 7   ? 4.212   8.747   1.754   1.00 46.56 ? 7   PRO A C   1 
ATOM   51  O O   . PRO A 1 7   ? 3.344   8.085   1.194   1.00 46.26 ? 7   PRO A O   1 
ATOM   52  C CB  . PRO A 1 7   ? 6.332   9.048   0.475   1.00 46.21 ? 7   PRO A CB  1 
ATOM   53  C CG  . PRO A 1 7   ? 6.085   8.189   -0.695  1.00 46.88 ? 7   PRO A CG  1 
ATOM   54  C CD  . PRO A 1 7   ? 5.958   6.763   -0.232  1.00 46.01 ? 7   PRO A CD  1 
ATOM   55  N N   . ARG A 1 8   ? 3.970   9.839   2.480   1.00 46.52 ? 8   ARG A N   1 
ATOM   56  C CA  . ARG A 1 8   ? 2.638   10.363  2.663   1.00 47.12 ? 8   ARG A CA  1 
ATOM   57  C C   . ARG A 1 8   ? 2.185   11.089  1.396   1.00 47.23 ? 8   ARG A C   1 
ATOM   58  O O   . ARG A 1 8   ? 1.010   11.007  1.018   1.00 46.52 ? 8   ARG A O   1 
ATOM   59  C CB  . ARG A 1 8   ? 2.595   11.285  3.888   1.00 48.05 ? 8   ARG A CB  1 
ATOM   60  C CG  . ARG A 1 8   ? 1.255   11.981  4.147   1.00 51.02 ? 8   ARG A CG  1 
ATOM   61  C CD  . ARG A 1 8   ? 0.177   11.031  4.721   1.00 56.39 ? 8   ARG A CD  1 
ATOM   62  N NE  . ARG A 1 8   ? -1.100  11.075  3.980   1.00 57.93 ? 8   ARG A NE  1 
ATOM   63  C CZ  . ARG A 1 8   ? -1.988  12.069  4.026   1.00 59.00 ? 8   ARG A CZ  1 
ATOM   64  N NH1 . ARG A 1 8   ? -3.105  11.976  3.317   1.00 59.44 ? 8   ARG A NH1 1 
ATOM   65  N NH2 . ARG A 1 8   ? -1.771  13.162  4.760   1.00 58.49 ? 8   ARG A NH2 1 
ATOM   66  N N   . ILE A 1 9   ? 3.124   11.786  0.743   1.00 47.07 ? 9   ILE A N   1 
ATOM   67  C CA  . ILE A 1 9   ? 2.863   12.484  -0.534  1.00 47.24 ? 9   ILE A CA  1 
ATOM   68  C C   . ILE A 1 9   ? 3.979   12.229  -1.557  1.00 47.58 ? 9   ILE A C   1 
ATOM   69  O O   . ILE A 1 9   ? 5.140   12.034  -1.185  1.00 47.63 ? 9   ILE A O   1 
ATOM   70  C CB  . ILE A 1 9   ? 2.643   14.039  -0.370  1.00 46.96 ? 9   ILE A CB  1 
ATOM   71  C CG1 . ILE A 1 9   ? 3.968   14.802  -0.214  1.00 46.44 ? 9   ILE A CG1 1 
ATOM   72  C CG2 . ILE A 1 9   ? 1.661   14.324  0.750   1.00 47.56 ? 9   ILE A CG2 1 
ATOM   73  C CD1 . ILE A 1 9   ? 4.278   15.341  1.187   1.00 47.61 ? 9   ILE A CD1 1 
ATOM   74  N N   . ALA A 1 10  ? 3.633   12.244  -2.844  1.00 47.68 ? 10  ALA A N   1 
ATOM   75  C CA  . ALA A 1 10  ? 4.623   12.042  -3.903  1.00 47.64 ? 10  ALA A CA  1 
ATOM   76  C C   . ALA A 1 10  ? 4.251   12.801  -5.185  1.00 47.64 ? 10  ALA A C   1 
ATOM   77  O O   . ALA A 1 10  ? 3.086   12.888  -5.558  1.00 47.25 ? 10  ALA A O   1 
ATOM   78  C CB  . ALA A 1 10  ? 4.799   10.546  -4.175  1.00 47.55 ? 10  ALA A CB  1 
ATOM   79  N N   . THR A 1 11  ? 5.242   13.392  -5.837  1.00 48.14 ? 11  THR A N   1 
ATOM   80  C CA  . THR A 1 11  ? 5.022   13.975  -7.148  1.00 48.53 ? 11  THR A CA  1 
ATOM   81  C C   . THR A 1 11  ? 6.028   13.389  -8.124  1.00 48.67 ? 11  THR A C   1 
ATOM   82  O O   . THR A 1 11  ? 7.217   13.694  -8.076  1.00 48.74 ? 11  THR A O   1 
ATOM   83  C CB  . THR A 1 11  ? 5.140   15.509  -7.149  1.00 48.61 ? 11  THR A CB  1 
ATOM   84  O OG1 . THR A 1 11  ? 6.466   15.876  -6.759  1.00 49.85 ? 11  THR A OG1 1 
ATOM   85  C CG2 . THR A 1 11  ? 4.121   16.149  -6.211  1.00 49.01 ? 11  THR A CG2 1 
ATOM   86  N N   . LYS A 1 12  ? 5.523   12.541  -9.008  1.00 48.81 ? 12  LYS A N   1 
ATOM   87  C CA  . LYS A 1 12  ? 6.309   11.914  -10.046 1.00 49.13 ? 12  LYS A CA  1 
ATOM   88  C C   . LYS A 1 12  ? 6.108   12.555  -11.433 1.00 49.53 ? 12  LYS A C   1 
ATOM   89  O O   . LYS A 1 12  ? 5.128   13.270  -11.682 1.00 49.59 ? 12  LYS A O   1 
ATOM   90  C CB  . LYS A 1 12  ? 5.949   10.442  -10.101 1.00 48.69 ? 12  LYS A CB  1 
ATOM   91  C CG  . LYS A 1 12  ? 6.804   9.565   -9.240  1.00 49.86 ? 12  LYS A CG  1 
ATOM   92  C CD  . LYS A 1 12  ? 7.151   10.154  -7.886  1.00 50.96 ? 12  LYS A CD  1 
ATOM   93  C CE  . LYS A 1 12  ? 8.020   9.186   -7.096  1.00 50.40 ? 12  LYS A CE  1 
ATOM   94  N NZ  . LYS A 1 12  ? 9.276   8.898   -7.832  1.00 51.40 ? 12  LYS A NZ  1 
ATOM   95  N N   . GLU A 1 13  ? 7.071   12.304  -12.317 1.00 49.86 ? 13  GLU A N   1 
ATOM   96  C CA  . GLU A 1 13  ? 6.962   12.600  -13.743 1.00 50.31 ? 13  GLU A CA  1 
ATOM   97  C C   . GLU A 1 13  ? 6.612   11.309  -14.518 1.00 50.37 ? 13  GLU A C   1 
ATOM   98  O O   . GLU A 1 13  ? 6.974   10.194  -14.099 1.00 49.79 ? 13  GLU A O   1 
ATOM   99  C CB  . GLU A 1 13  ? 8.264   13.243  -14.212 1.00 50.41 ? 13  GLU A CB  1 
ATOM   100 C CG  . GLU A 1 13  ? 8.554   14.529  -13.411 1.00 52.35 ? 13  GLU A CG  1 
ATOM   101 C CD  . GLU A 1 13  ? 10.019  14.939  -13.362 1.00 55.00 ? 13  GLU A CD  1 
ATOM   102 O OE1 . GLU A 1 13  ? 10.336  15.890  -12.613 1.00 55.24 ? 13  GLU A OE1 1 
ATOM   103 O OE2 . GLU A 1 13  ? 10.854  14.328  -14.069 1.00 57.68 ? 13  GLU A OE2 1 
ATOM   104 N N   . THR A 1 14  ? 5.883   11.438  -15.623 1.00 50.54 ? 14  THR A N   1 
ATOM   105 C CA  . THR A 1 14  ? 5.442   10.241  -16.341 1.00 50.93 ? 14  THR A CA  1 
ATOM   106 C C   . THR A 1 14  ? 6.655   9.379   -16.609 1.00 51.15 ? 14  THR A C   1 
ATOM   107 O O   . THR A 1 14  ? 7.733   9.899   -16.864 1.00 51.22 ? 14  THR A O   1 
ATOM   108 C CB  . THR A 1 14  ? 4.695   10.521  -17.683 1.00 51.09 ? 14  THR A CB  1 
ATOM   109 O OG1 . THR A 1 14  ? 5.578   11.118  -18.646 1.00 50.01 ? 14  THR A OG1 1 
ATOM   110 C CG2 . THR A 1 14  ? 3.449   11.384  -17.465 1.00 50.96 ? 14  THR A CG2 1 
ATOM   111 N N   . GLY A 1 15  ? 6.483   8.066   -16.514 1.00 51.32 ? 15  GLY A N   1 
ATOM   112 C CA  . GLY A 1 15  ? 7.587   7.147   -16.712 1.00 51.13 ? 15  GLY A CA  1 
ATOM   113 C C   . GLY A 1 15  ? 8.403   6.798   -15.478 1.00 51.27 ? 15  GLY A C   1 
ATOM   114 O O   . GLY A 1 15  ? 9.184   5.836   -15.511 1.00 51.66 ? 15  GLY A O   1 
ATOM   115 N N   . GLU A 1 16  ? 8.243   7.555   -14.391 1.00 50.95 ? 16  GLU A N   1 
ATOM   116 C CA  . GLU A 1 16  ? 8.928   7.208   -13.141 1.00 50.66 ? 16  GLU A CA  1 
ATOM   117 C C   . GLU A 1 16  ? 8.252   6.014   -12.428 1.00 50.10 ? 16  GLU A C   1 
ATOM   118 O O   . GLU A 1 16  ? 7.237   5.501   -12.897 1.00 49.93 ? 16  GLU A O   1 
ATOM   119 C CB  . GLU A 1 16  ? 9.050   8.423   -12.215 1.00 50.69 ? 16  GLU A CB  1 
ATOM   120 C CG  . GLU A 1 16  ? 10.125  9.416   -12.631 1.00 51.29 ? 16  GLU A CG  1 
ATOM   121 C CD  . GLU A 1 16  ? 10.385  10.511  -11.598 1.00 51.32 ? 16  GLU A CD  1 
ATOM   122 O OE1 . GLU A 1 16  ? 11.518  10.589  -11.070 1.00 53.25 ? 16  GLU A OE1 1 
ATOM   123 O OE2 . GLU A 1 16  ? 9.471   11.306  -11.322 1.00 51.49 ? 16  GLU A OE2 1 
ATOM   124 N N   . SER A 1 17  ? 8.861   5.571   -11.327 1.00 49.71 ? 17  SER A N   1 
ATOM   125 C CA  . SER A 1 17  ? 8.307   4.547   -10.443 1.00 49.58 ? 17  SER A CA  1 
ATOM   126 C C   . SER A 1 17  ? 7.968   5.188   -9.121  1.00 49.31 ? 17  SER A C   1 
ATOM   127 O O   . SER A 1 17  ? 8.621   6.148   -8.717  1.00 49.74 ? 17  SER A O   1 
ATOM   128 C CB  . SER A 1 17  ? 9.335   3.447   -10.163 1.00 49.20 ? 17  SER A CB  1 
ATOM   129 O OG  . SER A 1 17  ? 9.845   2.908   -11.352 1.00 48.28 ? 17  SER A OG  1 
ATOM   130 N N   . LEU A 1 18  ? 6.963   4.646   -8.451  1.00 48.89 ? 18  LEU A N   1 
ATOM   131 C CA  . LEU A 1 18  ? 6.742   4.915   -7.047  1.00 48.82 ? 18  LEU A CA  1 
ATOM   132 C C   . LEU A 1 18  ? 6.733   3.605   -6.256  1.00 48.46 ? 18  LEU A C   1 
ATOM   133 O O   . LEU A 1 18  ? 6.179   2.596   -6.700  1.00 49.02 ? 18  LEU A O   1 
ATOM   134 C CB  . LEU A 1 18  ? 5.419   5.660   -6.824  1.00 48.99 ? 18  LEU A CB  1 
ATOM   135 C CG  . LEU A 1 18  ? 5.008   5.806   -5.339  1.00 49.58 ? 18  LEU A CG  1 
ATOM   136 C CD1 . LEU A 1 18  ? 5.794   6.927   -4.686  1.00 50.35 ? 18  LEU A CD1 1 
ATOM   137 C CD2 . LEU A 1 18  ? 3.529   6.042   -5.166  1.00 48.33 ? 18  LEU A CD2 1 
ATOM   138 N N   . THR A 1 19  ? 7.356   3.637   -5.086  1.00 47.73 ? 19  THR A N   1 
ATOM   139 C CA  . THR A 1 19  ? 7.280   2.545   -4.161  1.00 47.42 ? 19  THR A CA  1 
ATOM   140 C C   . THR A 1 19  ? 6.644   3.081   -2.893  1.00 47.28 ? 19  THR A C   1 
ATOM   141 O O   . THR A 1 19  ? 7.072   4.098   -2.349  1.00 47.21 ? 19  THR A O   1 
ATOM   142 C CB  . THR A 1 19  ? 8.665   1.944   -3.928  1.00 47.68 ? 19  THR A CB  1 
ATOM   143 O OG1 . THR A 1 19  ? 9.112   1.316   -5.137  1.00 47.87 ? 19  THR A OG1 1 
ATOM   144 C CG2 . THR A 1 19  ? 8.651   0.899   -2.854  1.00 47.56 ? 19  THR A CG2 1 
ATOM   145 N N   . ILE A 1 20  ? 5.582   2.420   -2.461  1.00 47.49 ? 20  ILE A N   1 
ATOM   146 C CA  . ILE A 1 20  ? 4.895   2.771   -1.205  1.00 47.60 ? 20  ILE A CA  1 
ATOM   147 C C   . ILE A 1 20  ? 5.141   1.620   -0.270  1.00 46.98 ? 20  ILE A C   1 
ATOM   148 O O   . ILE A 1 20  ? 4.918   0.478   -0.648  1.00 46.48 ? 20  ILE A O   1 
ATOM   149 C CB  . ILE A 1 20  ? 3.375   2.913   -1.399  1.00 47.95 ? 20  ILE A CB  1 
ATOM   150 C CG1 . ILE A 1 20  ? 3.066   4.005   -2.432  1.00 48.75 ? 20  ILE A CG1 1 
ATOM   151 C CG2 . ILE A 1 20  ? 2.647   3.160   -0.054  1.00 47.67 ? 20  ILE A CG2 1 
ATOM   152 C CD1 . ILE A 1 20  ? 1.630   3.949   -2.944  1.00 50.61 ? 20  ILE A CD1 1 
ATOM   153 N N   . ASN A 1 21  ? 5.630   1.940   0.924   1.00 47.18 ? 21  ASN A N   1 
ATOM   154 C CA  . ASN A 1 21  ? 5.993   0.967   1.956   1.00 48.30 ? 21  ASN A CA  1 
ATOM   155 C C   . ASN A 1 21  ? 4.988   0.965   3.097   1.00 48.15 ? 21  ASN A C   1 
ATOM   156 O O   . ASN A 1 21  ? 4.701   2.016   3.651   1.00 48.32 ? 21  ASN A O   1 
ATOM   157 C CB  . ASN A 1 21  ? 7.355   1.316   2.560   1.00 48.16 ? 21  ASN A CB  1 
ATOM   158 C CG  . ASN A 1 21  ? 8.436   1.463   1.525   1.00 50.18 ? 21  ASN A CG  1 
ATOM   159 O OD1 . ASN A 1 21  ? 9.082   2.506   1.443   1.00 51.95 ? 21  ASN A OD1 1 
ATOM   160 N ND2 . ASN A 1 21  ? 8.646   0.425   0.723   1.00 50.31 ? 21  ASN A ND2 1 
ATOM   161 N N   . CYS A 1 22  ? 4.470   -0.210  3.442   1.00 48.49 ? 22  CYS A N   1 
ATOM   162 C CA  . CYS A 1 22  ? 3.575   -0.355  4.608   1.00 48.88 ? 22  CYS A CA  1 
ATOM   163 C C   . CYS A 1 22  ? 4.194   -1.249  5.647   1.00 48.17 ? 22  CYS A C   1 
ATOM   164 O O   . CYS A 1 22  ? 4.285   -2.464  5.440   1.00 48.03 ? 22  CYS A O   1 
ATOM   165 C CB  . CYS A 1 22  ? 2.229   -0.940  4.204   1.00 48.92 ? 22  CYS A CB  1 
ATOM   166 S SG  . CYS A 1 22  ? 1.253   0.273   3.349   1.00 52.93 ? 22  CYS A SG  1 
ATOM   167 N N   . VAL A 1 23  ? 4.637   -0.656  6.754   1.00 47.27 ? 23  VAL A N   1 
ATOM   168 C CA  . VAL A 1 23  ? 5.177   -1.424  7.876   1.00 46.91 ? 23  VAL A CA  1 
ATOM   169 C C   . VAL A 1 23  ? 4.072   -1.694  8.931   1.00 46.78 ? 23  VAL A C   1 
ATOM   170 O O   . VAL A 1 23  ? 3.396   -0.773  9.374   1.00 45.97 ? 23  VAL A O   1 
ATOM   171 C CB  . VAL A 1 23  ? 6.453   -0.754  8.517   1.00 46.76 ? 23  VAL A CB  1 
ATOM   172 C CG1 . VAL A 1 23  ? 7.571   -0.616  7.503   1.00 46.63 ? 23  VAL A CG1 1 
ATOM   173 C CG2 . VAL A 1 23  ? 6.147   0.603   9.073   1.00 46.95 ? 23  VAL A CG2 1 
ATOM   174 N N   . LEU A 1 24  ? 3.883   -2.962  9.295   1.00 46.97 ? 24  LEU A N   1 
ATOM   175 C CA  . LEU A 1 24  ? 2.902   -3.344  10.304  1.00 47.35 ? 24  LEU A CA  1 
ATOM   176 C C   . LEU A 1 24  ? 3.595   -3.398  11.659  1.00 48.22 ? 24  LEU A C   1 
ATOM   177 O O   . LEU A 1 24  ? 4.253   -4.390  12.025  1.00 48.64 ? 24  LEU A O   1 
ATOM   178 C CB  . LEU A 1 24  ? 2.230   -4.673  9.965   1.00 46.94 ? 24  LEU A CB  1 
ATOM   179 C CG  . LEU A 1 24  ? 1.503   -5.368  11.124  1.00 47.23 ? 24  LEU A CG  1 
ATOM   180 C CD1 . LEU A 1 24  ? 0.391   -4.517  11.689  1.00 45.45 ? 24  LEU A CD1 1 
ATOM   181 C CD2 . LEU A 1 24  ? 0.954   -6.715  10.703  1.00 47.61 ? 24  LEU A CD2 1 
ATOM   182 N N   . ARG A 1 25  ? 3.470   -2.313  12.406  1.00 48.68 ? 25  ARG A N   1 
ATOM   183 C CA  . ARG A 1 25  ? 4.218   -2.188  13.631  1.00 49.20 ? 25  ARG A CA  1 
ATOM   184 C C   . ARG A 1 25  ? 3.439   -2.878  14.730  1.00 49.35 ? 25  ARG A C   1 
ATOM   185 O O   . ARG A 1 25  ? 2.436   -2.352  15.210  1.00 49.29 ? 25  ARG A O   1 
ATOM   186 C CB  . ARG A 1 25  ? 4.463   -0.714  13.953  1.00 49.35 ? 25  ARG A CB  1 
ATOM   187 C CG  . ARG A 1 25  ? 5.173   0.064   12.848  1.00 51.06 ? 25  ARG A CG  1 
ATOM   188 C CD  . ARG A 1 25  ? 6.711   -0.099  12.850  1.00 53.62 ? 25  ARG A CD  1 
ATOM   189 N NE  . ARG A 1 25  ? 7.437   0.918   13.617  1.00 56.43 ? 25  ARG A NE  1 
ATOM   190 C CZ  . ARG A 1 25  ? 6.889   1.940   14.284  1.00 58.89 ? 25  ARG A CZ  1 
ATOM   191 N NH1 . ARG A 1 25  ? 5.572   2.120   14.286  1.00 59.79 ? 25  ARG A NH1 1 
ATOM   192 N NH2 . ARG A 1 25  ? 7.663   2.792   14.963  1.00 59.11 ? 25  ARG A NH2 1 
ATOM   193 N N   . ASP A 1 26  ? 3.898   -4.065  15.112  1.00 49.80 ? 26  ASP A N   1 
ATOM   194 C CA  . ASP A 1 26  ? 3.212   -4.885  16.098  1.00 50.27 ? 26  ASP A CA  1 
ATOM   195 C C   . ASP A 1 26  ? 4.148   -5.924  16.654  1.00 50.84 ? 26  ASP A C   1 
ATOM   196 O O   . ASP A 1 26  ? 4.605   -6.791  15.918  1.00 51.99 ? 26  ASP A O   1 
ATOM   197 C CB  . ASP A 1 26  ? 2.018   -5.605  15.461  1.00 49.96 ? 26  ASP A CB  1 
ATOM   198 C CG  . ASP A 1 26  ? 1.091   -6.216  16.490  1.00 49.67 ? 26  ASP A CG  1 
ATOM   199 O OD1 . ASP A 1 26  ? 1.351   -6.068  17.708  1.00 49.97 ? 26  ASP A OD1 1 
ATOM   200 O OD2 . ASP A 1 26  ? 0.091   -6.829  16.081  1.00 48.18 ? 26  ASP A OD2 1 
ATOM   201 N N   . THR A 1 27  ? 4.418   -5.862  17.951  1.00 51.32 ? 27  THR A N   1 
ATOM   202 C CA  . THR A 1 27  ? 5.317   -6.839  18.590  1.00 51.49 ? 27  THR A CA  1 
ATOM   203 C C   . THR A 1 27  ? 4.661   -8.223  18.753  1.00 51.34 ? 27  THR A C   1 
ATOM   204 O O   . THR A 1 27  ? 5.354   -9.226  18.991  1.00 51.27 ? 27  THR A O   1 
ATOM   205 C CB  . THR A 1 27  ? 5.839   -6.330  19.949  1.00 51.28 ? 27  THR A CB  1 
ATOM   206 O OG1 . THR A 1 27  ? 4.755   -5.777  20.699  1.00 52.26 ? 27  THR A OG1 1 
ATOM   207 C CG2 . THR A 1 27  ? 6.908   -5.254  19.759  1.00 51.14 ? 27  THR A CG2 1 
ATOM   208 N N   . ALA A 1 28  ? 3.333   -8.258  18.589  1.00 50.75 ? 28  ALA A N   1 
ATOM   209 C CA  . ALA A 1 28  ? 2.530   -9.479  18.725  1.00 50.01 ? 28  ALA A CA  1 
ATOM   210 C C   . ALA A 1 28  ? 2.114   -10.209 17.417  1.00 49.67 ? 28  ALA A C   1 
ATOM   211 O O   . ALA A 1 28  ? 1.966   -11.436 17.445  1.00 49.84 ? 28  ALA A O   1 
ATOM   212 C CB  . ALA A 1 28  ? 1.305   -9.203  19.595  1.00 50.02 ? 28  ALA A CB  1 
ATOM   213 N N   . CYS A 1 29  ? 1.923   -9.492  16.296  1.00 48.55 ? 29  CYS A N   1 
ATOM   214 C CA  . CYS A 1 29  ? 1.348   -10.115 15.069  1.00 47.46 ? 29  CYS A CA  1 
ATOM   215 C C   . CYS A 1 29  ? 2.137   -9.955  13.765  1.00 46.62 ? 29  CYS A C   1 
ATOM   216 O O   . CYS A 1 29  ? 2.824   -8.956  13.542  1.00 45.98 ? 29  CYS A O   1 
ATOM   217 C CB  . CYS A 1 29  ? -0.122  -9.700  14.822  1.00 47.21 ? 29  CYS A CB  1 
ATOM   218 S SG  . CYS A 1 29  ? -1.271  -9.844  16.225  1.00 47.46 ? 29  CYS A SG  1 
ATOM   219 N N   . ALA A 1 30  ? 2.003   -10.964 12.911  1.00 45.82 ? 30  ALA A N   1 
ATOM   220 C CA  . ALA A 1 30  ? 2.635   -10.988 11.610  1.00 45.91 ? 30  ALA A CA  1 
ATOM   221 C C   . ALA A 1 30  ? 1.717   -10.420 10.542  1.00 45.69 ? 30  ALA A C   1 
ATOM   222 O O   . ALA A 1 30  ? 0.548   -10.764 10.472  1.00 45.59 ? 30  ALA A O   1 
ATOM   223 C CB  . ALA A 1 30  ? 3.020   -12.413 11.242  1.00 45.71 ? 30  ALA A CB  1 
ATOM   224 N N   . LEU A 1 31  ? 2.253   -9.565  9.694   1.00 46.26 ? 31  LEU A N   1 
ATOM   225 C CA  . LEU A 1 31  ? 1.542   -9.170  8.497   1.00 46.93 ? 31  LEU A CA  1 
ATOM   226 C C   . LEU A 1 31  ? 1.395   -10.395 7.588   1.00 47.65 ? 31  LEU A C   1 
ATOM   227 O O   . LEU A 1 31  ? 2.357   -10.792 6.932   1.00 48.03 ? 31  LEU A O   1 
ATOM   228 C CB  . LEU A 1 31  ? 2.327   -8.073  7.787   1.00 47.27 ? 31  LEU A CB  1 
ATOM   229 C CG  . LEU A 1 31  ? 1.903   -7.684  6.361   1.00 47.76 ? 31  LEU A CG  1 
ATOM   230 C CD1 . LEU A 1 31  ? 0.500   -7.170  6.329   1.00 47.28 ? 31  LEU A CD1 1 
ATOM   231 C CD2 . LEU A 1 31  ? 2.835   -6.652  5.757   1.00 49.52 ? 31  LEU A CD2 1 
ATOM   232 N N   . ASP A 1 32  ? 0.217   -11.008 7.548   1.00 48.28 ? 32  ASP A N   1 
ATOM   233 C CA  . ASP A 1 32  ? 0.045   -12.190 6.706   1.00 49.50 ? 32  ASP A CA  1 
ATOM   234 C C   . ASP A 1 32  ? -0.170  -11.870 5.224   1.00 49.92 ? 32  ASP A C   1 
ATOM   235 O O   . ASP A 1 32  ? 0.468   -12.478 4.355   1.00 50.72 ? 32  ASP A O   1 
ATOM   236 C CB  . ASP A 1 32  ? -1.065  -13.109 7.211   1.00 49.96 ? 32  ASP A CB  1 
ATOM   237 C CG  . ASP A 1 32  ? -0.770  -14.587 6.935   1.00 52.24 ? 32  ASP A CG  1 
ATOM   238 O OD1 . ASP A 1 32  ? -1.732  -15.363 6.706   1.00 54.24 ? 32  ASP A OD1 1 
ATOM   239 O OD2 . ASP A 1 32  ? 0.426   -14.982 6.956   1.00 55.56 ? 32  ASP A OD2 1 
ATOM   240 N N   . SER A 1 33  ? -1.044  -10.909 4.940   1.00 49.89 ? 33  SER A N   1 
ATOM   241 C CA  . SER A 1 33  ? -1.420  -10.538 3.573   1.00 49.80 ? 33  SER A CA  1 
ATOM   242 C C   . SER A 1 33  ? -1.576  -9.029  3.487   1.00 49.58 ? 33  SER A C   1 
ATOM   243 O O   . SER A 1 33  ? -1.619  -8.356  4.503   1.00 48.93 ? 33  SER A O   1 
ATOM   244 C CB  . SER A 1 33  ? -2.744  -11.199 3.192   1.00 49.86 ? 33  SER A CB  1 
ATOM   245 O OG  . SER A 1 33  ? -2.531  -12.531 2.757   1.00 52.01 ? 33  SER A OG  1 
ATOM   246 N N   . THR A 1 34  ? -1.626  -8.504  2.266   1.00 49.64 ? 34  THR A N   1 
ATOM   247 C CA  . THR A 1 34  ? -1.917  -7.095  2.036   1.00 49.57 ? 34  THR A CA  1 
ATOM   248 C C   . THR A 1 34  ? -2.764  -7.007  0.795   1.00 49.34 ? 34  THR A C   1 
ATOM   249 O O   . THR A 1 34  ? -2.604  -7.821  -0.124  1.00 49.59 ? 34  THR A O   1 
ATOM   250 C CB  . THR A 1 34  ? -0.651  -6.268  1.785   1.00 49.24 ? 34  THR A CB  1 
ATOM   251 O OG1 . THR A 1 34  ? 0.366   -6.672  2.696   1.00 51.15 ? 34  THR A OG1 1 
ATOM   252 C CG2 . THR A 1 34  ? -0.902  -4.762  2.000   1.00 50.27 ? 34  THR A CG2 1 
ATOM   253 N N   . ASN A 1 35  ? -3.667  -6.032  0.776   1.00 48.58 ? 35  ASN A N   1 
ATOM   254 C CA  . ASN A 1 35  ? -4.263  -5.559  -0.468  1.00 47.85 ? 35  ASN A CA  1 
ATOM   255 C C   . ASN A 1 35  ? -3.982  -4.066  -0.647  1.00 47.10 ? 35  ASN A C   1 
ATOM   256 O O   . ASN A 1 35  ? -3.654  -3.355  0.314   1.00 46.07 ? 35  ASN A O   1 
ATOM   257 C CB  . ASN A 1 35  ? -5.759  -5.841  -0.500  1.00 49.51 ? 35  ASN A CB  1 
ATOM   258 C CG  . ASN A 1 35  ? -6.079  -7.282  -0.852  1.00 51.47 ? 35  ASN A CG  1 
ATOM   259 O OD1 . ASN A 1 35  ? -5.371  -7.921  -1.641  1.00 55.24 ? 35  ASN A OD1 1 
ATOM   260 N ND2 . ASN A 1 35  ? -7.161  -7.800  -0.274  1.00 52.27 ? 35  ASN A ND2 1 
ATOM   261 N N   . TRP A 1 36  ? -4.090  -3.613  -1.886  1.00 45.94 ? 36  TRP A N   1 
ATOM   262 C CA  . TRP A 1 36  ? -3.724  -2.271  -2.240  1.00 46.03 ? 36  TRP A CA  1 
ATOM   263 C C   . TRP A 1 36  ? -4.902  -1.611  -2.939  1.00 45.85 ? 36  TRP A C   1 
ATOM   264 O O   . TRP A 1 36  ? -5.563  -2.244  -3.738  1.00 44.86 ? 36  TRP A O   1 
ATOM   265 C CB  . TRP A 1 36  ? -2.438  -2.279  -3.117  1.00 46.13 ? 36  TRP A CB  1 
ATOM   266 C CG  . TRP A 1 36  ? -1.158  -2.855  -2.367  1.00 45.42 ? 36  TRP A CG  1 
ATOM   267 C CD1 . TRP A 1 36  ? -0.728  -4.150  -2.358  1.00 44.25 ? 36  TRP A CD1 1 
ATOM   268 C CD2 . TRP A 1 36  ? -0.229  -2.125  -1.544  1.00 44.34 ? 36  TRP A CD2 1 
ATOM   269 N NE1 . TRP A 1 36  ? 0.414   -4.269  -1.607  1.00 44.57 ? 36  TRP A NE1 1 
ATOM   270 C CE2 . TRP A 1 36  ? 0.746   -3.036  -1.106  1.00 45.00 ? 36  TRP A CE2 1 
ATOM   271 C CE3 . TRP A 1 36  ? -0.116  -0.779  -1.160  1.00 45.50 ? 36  TRP A CE3 1 
ATOM   272 C CZ2 . TRP A 1 36  ? 1.806   -2.657  -0.280  1.00 44.86 ? 36  TRP A CZ2 1 
ATOM   273 C CZ3 . TRP A 1 36  ? 0.949   -0.400  -0.357  1.00 44.01 ? 36  TRP A CZ3 1 
ATOM   274 C CH2 . TRP A 1 36  ? 1.882   -1.337  0.087   1.00 45.56 ? 36  TRP A CH2 1 
ATOM   275 N N   . TYR A 1 37  ? -5.164  -0.348  -2.598  1.00 45.99 ? 37  TYR A N   1 
ATOM   276 C CA  . TYR A 1 37  ? -6.332  0.384   -3.057  1.00 46.78 ? 37  TYR A CA  1 
ATOM   277 C C   . TYR A 1 37  ? -5.947  1.716   -3.642  1.00 47.28 ? 37  TYR A C   1 
ATOM   278 O O   . TYR A 1 37  ? -5.097  2.420   -3.094  1.00 47.81 ? 37  TYR A O   1 
ATOM   279 C CB  . TYR A 1 37  ? -7.305  0.659   -1.895  1.00 48.01 ? 37  TYR A CB  1 
ATOM   280 C CG  . TYR A 1 37  ? -7.762  -0.597  -1.248  1.00 49.22 ? 37  TYR A CG  1 
ATOM   281 C CD1 . TYR A 1 37  ? -7.034  -1.158  -0.215  1.00 50.99 ? 37  TYR A CD1 1 
ATOM   282 C CD2 . TYR A 1 37  ? -8.881  -1.271  -1.716  1.00 49.54 ? 37  TYR A CD2 1 
ATOM   283 C CE1 . TYR A 1 37  ? -7.407  -2.338  0.347   1.00 51.23 ? 37  TYR A CE1 1 
ATOM   284 C CE2 . TYR A 1 37  ? -9.277  -2.453  -1.142  1.00 51.20 ? 37  TYR A CE2 1 
ATOM   285 C CZ  . TYR A 1 37  ? -8.521  -2.984  -0.107  1.00 51.29 ? 37  TYR A CZ  1 
ATOM   286 O OH  . TYR A 1 37  ? -8.888  -4.164  0.499   1.00 52.46 ? 37  TYR A OH  1 
ATOM   287 N N   . ARG A 1 38  ? -6.615  2.074   -4.725  1.00 47.07 ? 38  ARG A N   1 
ATOM   288 C CA  . ARG A 1 38  ? -6.368  3.309   -5.396  1.00 47.31 ? 38  ARG A CA  1 
ATOM   289 C C   . ARG A 1 38  ? -7.658  4.057   -5.455  1.00 46.97 ? 38  ARG A C   1 
ATOM   290 O O   . ARG A 1 38  ? -8.683  3.495   -5.801  1.00 46.66 ? 38  ARG A O   1 
ATOM   291 C CB  . ARG A 1 38  ? -5.879  3.024   -6.818  1.00 47.43 ? 38  ARG A CB  1 
ATOM   292 C CG  . ARG A 1 38  ? -5.827  4.260   -7.728  1.00 48.62 ? 38  ARG A CG  1 
ATOM   293 C CD  . ARG A 1 38  ? -5.495  3.922   -9.161  1.00 47.87 ? 38  ARG A CD  1 
ATOM   294 N NE  . ARG A 1 38  ? -6.608  3.304   -9.860  1.00 49.00 ? 38  ARG A NE  1 
ATOM   295 C CZ  . ARG A 1 38  ? -6.499  2.698   -11.031 1.00 48.92 ? 38  ARG A CZ  1 
ATOM   296 N NH1 . ARG A 1 38  ? -5.324  2.635   -11.646 1.00 50.41 ? 38  ARG A NH1 1 
ATOM   297 N NH2 . ARG A 1 38  ? -7.566  2.155   -11.583 1.00 49.18 ? 38  ARG A NH2 1 
ATOM   298 N N   . THR A 1 39  ? -7.614  5.322   -5.078  1.00 46.93 ? 39  THR A N   1 
ATOM   299 C CA  . THR A 1 39  ? -8.688  6.237   -5.386  1.00 47.04 ? 39  THR A CA  1 
ATOM   300 C C   . THR A 1 39  ? -8.107  7.266   -6.356  1.00 47.54 ? 39  THR A C   1 
ATOM   301 O O   . THR A 1 39  ? -7.233  8.027   -5.954  1.00 47.73 ? 39  THR A O   1 
ATOM   302 C CB  . THR A 1 39  ? -9.262  6.915   -4.105  1.00 46.85 ? 39  THR A CB  1 
ATOM   303 O OG1 . THR A 1 39  ? -9.815  5.910   -3.249  1.00 46.59 ? 39  THR A OG1 1 
ATOM   304 C CG2 . THR A 1 39  ? -10.365 7.931   -4.448  1.00 45.51 ? 39  THR A CG2 1 
ATOM   305 N N   . LYS A 1 40  ? -8.579  7.279   -7.608  1.00 47.25 ? 40  LYS A N   1 
ATOM   306 C CA  . LYS A 1 40  ? -8.125  8.253   -8.614  1.00 48.14 ? 40  LYS A CA  1 
ATOM   307 C C   . LYS A 1 40  ? -8.384  9.672   -8.135  1.00 48.12 ? 40  LYS A C   1 
ATOM   308 O O   . LYS A 1 40  ? -9.397  9.922   -7.501  1.00 47.82 ? 40  LYS A O   1 
ATOM   309 C CB  . LYS A 1 40  ? -8.809  8.031   -9.960  1.00 47.80 ? 40  LYS A CB  1 
ATOM   310 C CG  . LYS A 1 40  ? -8.314  6.773   -10.686 1.00 49.20 ? 40  LYS A CG  1 
ATOM   311 C CD  . LYS A 1 40  ? -8.829  6.724   -12.141 1.00 49.23 ? 40  LYS A CD  1 
ATOM   312 C CE  . LYS A 1 40  ? -8.588  5.339   -12.750 1.00 52.06 ? 40  LYS A CE  1 
ATOM   313 N NZ  . LYS A 1 40  ? -9.426  5.084   -13.987 1.00 54.14 ? 40  LYS A NZ  1 
ATOM   314 N N   . LEU A 1 41  ? -7.454  10.584  -8.414  1.00 48.45 ? 41  LEU A N   1 
ATOM   315 C CA  . LEU A 1 41  ? -7.561  11.958  -7.936  1.00 49.04 ? 41  LEU A CA  1 
ATOM   316 C C   . LEU A 1 41  ? -8.793  12.616  -8.516  1.00 49.38 ? 41  LEU A C   1 
ATOM   317 O O   . LEU A 1 41  ? -8.976  12.608  -9.731  1.00 49.45 ? 41  LEU A O   1 
ATOM   318 C CB  . LEU A 1 41  ? -6.323  12.760  -8.341  1.00 49.46 ? 41  LEU A CB  1 
ATOM   319 C CG  . LEU A 1 41  ? -5.718  13.711  -7.311  1.00 49.39 ? 41  LEU A CG  1 
ATOM   320 C CD1 . LEU A 1 41  ? -5.216  12.921  -6.084  1.00 50.36 ? 41  LEU A CD1 1 
ATOM   321 C CD2 . LEU A 1 41  ? -4.592  14.508  -7.952  1.00 48.48 ? 41  LEU A CD2 1 
ATOM   322 N N   . GLY A 1 42  ? -9.619  13.184  -7.637  1.00 49.61 ? 42  GLY A N   1 
ATOM   323 C CA  . GLY A 1 42  ? -10.874 13.837  -8.014  1.00 50.22 ? 42  GLY A CA  1 
ATOM   324 C C   . GLY A 1 42  ? -12.109 12.948  -7.924  1.00 50.37 ? 42  GLY A C   1 
ATOM   325 O O   . GLY A 1 42  ? -13.242 13.437  -7.933  1.00 50.75 ? 42  GLY A O   1 
ATOM   326 N N   . SER A 1 43  ? -11.893 11.640  -7.861  1.00 50.63 ? 43  SER A N   1 
ATOM   327 C CA  . SER A 1 43  ? -12.972 10.663  -7.735  1.00 50.73 ? 43  SER A CA  1 
ATOM   328 C C   . SER A 1 43  ? -13.198 10.344  -6.254  1.00 51.02 ? 43  SER A C   1 
ATOM   329 O O   . SER A 1 43  ? -12.409 10.744  -5.388  1.00 50.76 ? 43  SER A O   1 
ATOM   330 C CB  . SER A 1 43  ? -12.625 9.392   -8.518  1.00 50.67 ? 43  SER A CB  1 
ATOM   331 O OG  . SER A 1 43  ? -13.664 8.433   -8.441  1.00 51.55 ? 43  SER A OG  1 
ATOM   332 N N   . THR A 1 44  ? -14.286 9.639   -5.962  1.00 50.97 ? 44  THR A N   1 
ATOM   333 C CA  . THR A 1 44  ? -14.546 9.186   -4.610  1.00 51.31 ? 44  THR A CA  1 
ATOM   334 C C   . THR A 1 44  ? -14.657 7.653   -4.597  1.00 50.65 ? 44  THR A C   1 
ATOM   335 O O   . THR A 1 44  ? -14.870 7.039   -3.548  1.00 50.75 ? 44  THR A O   1 
ATOM   336 C CB  . THR A 1 44  ? -15.780 9.906   -4.021  1.00 51.69 ? 44  THR A CB  1 
ATOM   337 O OG1 . THR A 1 44  ? -15.542 11.323  -4.034  1.00 53.88 ? 44  THR A OG1 1 
ATOM   338 C CG2 . THR A 1 44  ? -16.039 9.476   -2.587  1.00 53.03 ? 44  THR A CG2 1 
ATOM   339 N N   . LYS A 1 45  ? -14.468 7.050   -5.773  1.00 49.81 ? 45  LYS A N   1 
ATOM   340 C CA  . LYS A 1 45  ? -14.464 5.594   -5.961  1.00 48.72 ? 45  LYS A CA  1 
ATOM   341 C C   . LYS A 1 45  ? -13.097 4.949   -5.629  1.00 49.13 ? 45  LYS A C   1 
ATOM   342 O O   . LYS A 1 45  ? -12.077 5.244   -6.269  1.00 48.66 ? 45  LYS A O   1 
ATOM   343 C CB  . LYS A 1 45  ? -14.879 5.280   -7.410  1.00 49.07 ? 45  LYS A CB  1 
ATOM   344 C CG  . LYS A 1 45  ? -15.105 3.814   -7.736  1.00 47.57 ? 45  LYS A CG  1 
ATOM   345 C CD  . LYS A 1 45  ? -15.419 3.630   -9.206  1.00 46.70 ? 45  LYS A CD  1 
ATOM   346 C CE  . LYS A 1 45  ? -15.474 2.163   -9.545  1.00 45.46 ? 45  LYS A CE  1 
ATOM   347 N NZ  . LYS A 1 45  ? -16.190 1.931   -10.835 1.00 43.47 ? 45  LYS A NZ  1 
ATOM   348 N N   . GLU A 1 46  ? -13.089 4.066   -4.625  1.00 49.01 ? 46  GLU A N   1 
ATOM   349 C CA  . GLU A 1 46  ? -11.939 3.221   -4.281  1.00 49.05 ? 46  GLU A CA  1 
ATOM   350 C C   . GLU A 1 46  ? -11.964 1.925   -5.093  1.00 48.39 ? 46  GLU A C   1 
ATOM   351 O O   . GLU A 1 46  ? -13.002 1.245   -5.199  1.00 47.77 ? 46  GLU A O   1 
ATOM   352 C CB  . GLU A 1 46  ? -11.990 2.890   -2.783  1.00 49.03 ? 46  GLU A CB  1 
ATOM   353 C CG  . GLU A 1 46  ? -10.775 2.184   -2.179  1.00 50.62 ? 46  GLU A CG  1 
ATOM   354 C CD  . GLU A 1 46  ? -10.967 1.893   -0.674  1.00 50.67 ? 46  GLU A CD  1 
ATOM   355 O OE1 . GLU A 1 46  ? -10.245 2.501   0.161   1.00 52.71 ? 46  GLU A OE1 1 
ATOM   356 O OE2 . GLU A 1 46  ? -11.858 1.076   -0.343  1.00 50.86 ? 46  GLU A OE2 1 
ATOM   357 N N   . GLN A 1 47  ? -10.823 1.591   -5.686  1.00 48.89 ? 47  GLN A N   1 
ATOM   358 C CA  . GLN A 1 47  ? -10.672 0.276   -6.319  1.00 49.43 ? 47  GLN A CA  1 
ATOM   359 C C   . GLN A 1 47  ? -9.492  -0.489  -5.768  1.00 49.23 ? 47  GLN A C   1 
ATOM   360 O O   . GLN A 1 47  ? -8.452  0.095   -5.447  1.00 48.96 ? 47  GLN A O   1 
ATOM   361 C CB  . GLN A 1 47  ? -10.635 0.358   -7.855  1.00 49.80 ? 47  GLN A CB  1 
ATOM   362 C CG  . GLN A 1 47  ? -9.632  1.315   -8.438  1.00 51.36 ? 47  GLN A CG  1 
ATOM   363 C CD  . GLN A 1 47  ? -10.232 2.229   -9.500  1.00 50.97 ? 47  GLN A CD  1 
ATOM   364 O OE1 . GLN A 1 47  ? -9.851  3.398   -9.595  1.00 51.99 ? 47  GLN A OE1 1 
ATOM   365 N NE2 . GLN A 1 47  ? -11.179 1.710   -10.288 1.00 49.12 ? 47  GLN A NE2 1 
ATOM   366 N N   . THR A 1 48  ? -9.691  -1.794  -5.623  1.00 48.40 ? 48  THR A N   1 
ATOM   367 C CA  . THR A 1 48  ? -8.610  -2.691  -5.295  1.00 48.34 ? 48  THR A CA  1 
ATOM   368 C C   . THR A 1 48  ? -7.765  -2.920  -6.546  1.00 48.45 ? 48  THR A C   1 
ATOM   369 O O   . THR A 1 48  ? -8.286  -3.249  -7.617  1.00 47.74 ? 48  THR A O   1 
ATOM   370 C CB  . THR A 1 48  ? -9.122  -4.062  -4.820  1.00 48.31 ? 48  THR A CB  1 
ATOM   371 O OG1 . THR A 1 48  ? -10.259 -3.901  -3.974  1.00 49.36 ? 48  THR A OG1 1 
ATOM   372 C CG2 . THR A 1 48  ? -8.049  -4.821  -4.051  1.00 49.35 ? 48  THR A CG2 1 
ATOM   373 N N   . ILE A 1 49  ? -6.457  -2.787  -6.386  1.00 48.57 ? 49  ILE A N   1 
ATOM   374 C CA  . ILE A 1 49  ? -5.499  -3.103  -7.445  1.00 49.39 ? 49  ILE A CA  1 
ATOM   375 C C   . ILE A 1 49  ? -5.111  -4.585  -7.488  1.00 48.86 ? 49  ILE A C   1 
ATOM   376 O O   . ILE A 1 49  ? -4.620  -5.124  -6.510  1.00 49.32 ? 49  ILE A O   1 
ATOM   377 C CB  . ILE A 1 49  ? -4.203  -2.298  -7.252  1.00 49.65 ? 49  ILE A CB  1 
ATOM   378 C CG1 . ILE A 1 49  ? -4.521  -0.805  -7.089  1.00 50.12 ? 49  ILE A CG1 1 
ATOM   379 C CG2 . ILE A 1 49  ? -3.223  -2.592  -8.415  1.00 50.28 ? 49  ILE A CG2 1 
ATOM   380 C CD1 . ILE A 1 49  ? -3.315  0.062   -6.710  1.00 50.63 ? 49  ILE A CD1 1 
ATOM   381 N N   . SER A 1 50  ? -5.310  -5.241  -8.618  1.00 48.41 ? 50  SER A N   1 
ATOM   382 C CA  . SER A 1 50  ? -4.793  -6.588  -8.778  1.00 49.32 ? 50  SER A CA  1 
ATOM   383 C C   . SER A 1 50  ? -3.286  -6.523  -9.128  1.00 49.52 ? 50  SER A C   1 
ATOM   384 O O   . SER A 1 50  ? -2.877  -5.904  -10.108 1.00 49.30 ? 50  SER A O   1 
ATOM   385 C CB  . SER A 1 50  ? -5.620  -7.366  -9.807  1.00 48.89 ? 50  SER A CB  1 
ATOM   386 O OG  . SER A 1 50  ? -4.991  -8.582  -10.148 1.00 52.14 ? 50  SER A OG  1 
ATOM   387 N N   . ILE A 1 51  ? -2.467  -7.144  -8.278  1.00 49.90 ? 51  ILE A N   1 
ATOM   388 C CA  . ILE A 1 51  ? -1.007  -7.104  -8.370  1.00 49.24 ? 51  ILE A CA  1 
ATOM   389 C C   . ILE A 1 51  ? -0.485  -7.960  -9.518  1.00 49.14 ? 51  ILE A C   1 
ATOM   390 O O   . ILE A 1 51  ? -0.792  -9.156  -9.603  1.00 48.93 ? 51  ILE A O   1 
ATOM   391 C CB  . ILE A 1 51  ? -0.372  -7.564  -7.024  1.00 49.91 ? 51  ILE A CB  1 
ATOM   392 C CG1 . ILE A 1 51  ? -0.674  -6.544  -5.920  1.00 50.26 ? 51  ILE A CG1 1 
ATOM   393 C CG2 . ILE A 1 51  ? 1.142   -7.827  -7.157  1.00 50.04 ? 51  ILE A CG2 1 
ATOM   394 C CD1 . ILE A 1 51  ? -0.256  -5.117  -6.247  1.00 49.45 ? 51  ILE A CD1 1 
ATOM   395 N N   . GLY A 1 52  ? 0.331   -7.345  -10.372 1.00 48.30 ? 52  GLY A N   1 
ATOM   396 C CA  . GLY A 1 52  ? 0.834   -7.972  -11.594 1.00 47.83 ? 52  GLY A CA  1 
ATOM   397 C C   . GLY A 1 52  ? 1.145   -6.907  -12.637 1.00 46.90 ? 52  GLY A C   1 
ATOM   398 O O   . GLY A 1 52  ? 0.754   -5.750  -12.489 1.00 45.56 ? 52  GLY A O   1 
ATOM   399 N N   . GLY A 1 53  ? 1.880   -7.289  -13.679 1.00 47.23 ? 53  GLY A N   1 
ATOM   400 C CA  . GLY A 1 53  ? 2.226   -6.345  -14.757 1.00 47.00 ? 53  GLY A CA  1 
ATOM   401 C C   . GLY A 1 53  ? 3.158   -5.296  -14.190 1.00 47.18 ? 53  GLY A C   1 
ATOM   402 O O   . GLY A 1 53  ? 4.186   -5.641  -13.597 1.00 47.50 ? 53  GLY A O   1 
ATOM   403 N N   . ARG A 1 54  ? 2.796   -4.025  -14.323 1.00 46.79 ? 54  ARG A N   1 
ATOM   404 C CA  . ARG A 1 54  ? 3.665   -2.963  -13.811 1.00 46.82 ? 54  ARG A CA  1 
ATOM   405 C C   . ARG A 1 54  ? 3.439   -2.659  -12.353 1.00 47.03 ? 54  ARG A C   1 
ATOM   406 O O   . ARG A 1 54  ? 4.002   -1.689  -11.832 1.00 46.86 ? 54  ARG A O   1 
ATOM   407 C CB  . ARG A 1 54  ? 3.506   -1.686  -14.614 1.00 46.73 ? 54  ARG A CB  1 
ATOM   408 C CG  . ARG A 1 54  ? 2.173   -1.058  -14.490 1.00 46.29 ? 54  ARG A CG  1 
ATOM   409 C CD  . ARG A 1 54  ? 2.000   0.015   -15.554 1.00 46.64 ? 54  ARG A CD  1 
ATOM   410 N NE  . ARG A 1 54  ? 0.714   0.649   -15.397 1.00 46.24 ? 54  ARG A NE  1 
ATOM   411 C CZ  . ARG A 1 54  ? 0.523   1.816   -14.794 1.00 45.43 ? 54  ARG A CZ  1 
ATOM   412 N NH1 . ARG A 1 54  ? -0.706  2.291   -14.696 1.00 44.08 ? 54  ARG A NH1 1 
ATOM   413 N NH2 . ARG A 1 54  ? 1.550   2.512   -14.315 1.00 44.00 ? 54  ARG A NH2 1 
ATOM   414 N N   . TYR A 1 55  ? 2.596   -3.466  -11.711 1.00 46.82 ? 55  TYR A N   1 
ATOM   415 C CA  . TYR A 1 55  ? 2.382   -3.372  -10.286 1.00 47.47 ? 55  TYR A CA  1 
ATOM   416 C C   . TYR A 1 55  ? 3.014   -4.557  -9.597  1.00 47.50 ? 55  TYR A C   1 
ATOM   417 O O   . TYR A 1 55  ? 2.686   -5.715  -9.892  1.00 47.04 ? 55  TYR A O   1 
ATOM   418 C CB  . TYR A 1 55  ? 0.886   -3.360  -9.943  1.00 47.69 ? 55  TYR A CB  1 
ATOM   419 C CG  . TYR A 1 55  ? 0.110   -2.167  -10.440 1.00 47.71 ? 55  TYR A CG  1 
ATOM   420 C CD1 . TYR A 1 55  ? -0.061  -1.044  -9.644  1.00 47.23 ? 55  TYR A CD1 1 
ATOM   421 C CD2 . TYR A 1 55  ? -0.471  -2.175  -11.703 1.00 48.56 ? 55  TYR A CD2 1 
ATOM   422 C CE1 . TYR A 1 55  ? -0.779  0.059   -10.098 1.00 48.53 ? 55  TYR A CE1 1 
ATOM   423 C CE2 . TYR A 1 55  ? -1.197  -1.098  -12.164 1.00 48.19 ? 55  TYR A CE2 1 
ATOM   424 C CZ  . TYR A 1 55  ? -1.353  0.021   -11.361 1.00 49.63 ? 55  TYR A CZ  1 
ATOM   425 O OH  . TYR A 1 55  ? -2.087  1.092   -11.832 1.00 49.40 ? 55  TYR A OH  1 
ATOM   426 N N   . SER A 1 56  ? 3.913   -4.282  -8.666  1.00 47.78 ? 56  SER A N   1 
ATOM   427 C CA  . SER A 1 56  ? 4.497   -5.379  -7.940  1.00 48.28 ? 56  SER A CA  1 
ATOM   428 C C   . SER A 1 56  ? 4.502   -5.138  -6.446  1.00 48.47 ? 56  SER A C   1 
ATOM   429 O O   . SER A 1 56  ? 4.459   -3.987  -5.972  1.00 49.15 ? 56  SER A O   1 
ATOM   430 C CB  . SER A 1 56  ? 5.898   -5.671  -8.467  1.00 49.04 ? 56  SER A CB  1 
ATOM   431 O OG  . SER A 1 56  ? 6.778   -4.596  -8.186  1.00 50.71 ? 56  SER A OG  1 
ATOM   432 N N   . GLU A 1 57  ? 4.536   -6.241  -5.708  1.00 48.00 ? 57  GLU A N   1 
ATOM   433 C CA  . GLU A 1 57  ? 4.593   -6.197  -4.261  1.00 47.83 ? 57  GLU A CA  1 
ATOM   434 C C   . GLU A 1 57  ? 5.810   -6.932  -3.761  1.00 47.17 ? 57  GLU A C   1 
ATOM   435 O O   . GLU A 1 57  ? 6.071   -8.080  -4.139  1.00 47.81 ? 57  GLU A O   1 
ATOM   436 C CB  . GLU A 1 57  ? 3.321   -6.797  -3.655  1.00 47.89 ? 57  GLU A CB  1 
ATOM   437 C CG  . GLU A 1 57  ? 3.300   -6.807  -2.149  1.00 48.75 ? 57  GLU A CG  1 
ATOM   438 C CD  . GLU A 1 57  ? 2.091   -7.517  -1.561  1.00 49.11 ? 57  GLU A CD  1 
ATOM   439 O OE1 . GLU A 1 57  ? 2.291   -8.574  -0.927  1.00 53.06 ? 57  GLU A OE1 1 
ATOM   440 O OE2 . GLU A 1 57  ? 0.949   -7.019  -1.701  1.00 50.84 ? 57  GLU A OE2 1 
ATOM   441 N N   . THR A 1 58  ? 6.568   -6.255  -2.913  1.00 46.68 ? 58  THR A N   1 
ATOM   442 C CA  . THR A 1 58  ? 7.721   -6.849  -2.286  1.00 45.96 ? 58  THR A CA  1 
ATOM   443 C C   . THR A 1 58  ? 7.371   -7.074  -0.820  1.00 45.71 ? 58  THR A C   1 
ATOM   444 O O   . THR A 1 58  ? 6.870   -6.157  -0.164  1.00 45.07 ? 58  THR A O   1 
ATOM   445 C CB  . THR A 1 58  ? 8.959   -5.929  -2.491  1.00 46.08 ? 58  THR A CB  1 
ATOM   446 O OG1 . THR A 1 58  ? 9.133   -5.709  -3.891  1.00 47.22 ? 58  THR A OG1 1 
ATOM   447 C CG2 . THR A 1 58  ? 10.246  -6.549  -1.934  1.00 45.49 ? 58  THR A CG2 1 
ATOM   448 N N   . VAL A 1 59  ? 7.592   -8.300  -0.331  1.00 45.54 ? 59  VAL A N   1 
ATOM   449 C CA  . VAL A 1 59  ? 7.420   -8.633  1.115   1.00 45.70 ? 59  VAL A CA  1 
ATOM   450 C C   . VAL A 1 59  ? 8.738   -8.810  1.905   1.00 45.65 ? 59  VAL A C   1 
ATOM   451 O O   . VAL A 1 59  ? 9.692   -9.446  1.432   1.00 45.07 ? 59  VAL A O   1 
ATOM   452 C CB  . VAL A 1 59  ? 6.515   -9.877  1.362   1.00 45.21 ? 59  VAL A CB  1 
ATOM   453 C CG1 . VAL A 1 59  ? 5.162   -9.649  0.784   1.00 46.52 ? 59  VAL A CG1 1 
ATOM   454 C CG2 . VAL A 1 59  ? 7.146   -11.144 0.792   1.00 45.91 ? 59  VAL A CG2 1 
ATOM   455 N N   . ASP A 1 60  ? 8.763   -8.250  3.111   1.00 46.08 ? 60  ASP A N   1 
ATOM   456 C CA  . ASP A 1 60  ? 9.896   -8.380  4.030   1.00 46.55 ? 60  ASP A CA  1 
ATOM   457 C C   . ASP A 1 60  ? 9.390   -8.873  5.384   1.00 46.24 ? 60  ASP A C   1 
ATOM   458 O O   . ASP A 1 60  ? 8.842   -8.118  6.191   1.00 45.88 ? 60  ASP A O   1 
ATOM   459 C CB  . ASP A 1 60  ? 10.638  -7.046  4.157   1.00 46.93 ? 60  ASP A CB  1 
ATOM   460 C CG  . ASP A 1 60  ? 11.954  -7.164  4.901   1.00 49.16 ? 60  ASP A CG  1 
ATOM   461 O OD1 . ASP A 1 60  ? 12.219  -8.177  5.564   1.00 52.35 ? 60  ASP A OD1 1 
ATOM   462 O OD2 . ASP A 1 60  ? 12.751  -6.220  4.835   1.00 52.86 ? 60  ASP A OD2 1 
ATOM   463 N N   . GLU A 1 61  ? 9.562   -10.164 5.601   1.00 45.90 ? 61  GLU A N   1 
ATOM   464 C CA  . GLU A 1 61  ? 9.177   -10.812 6.842   1.00 46.39 ? 61  GLU A CA  1 
ATOM   465 C C   . GLU A 1 61  ? 9.841   -10.234 8.113   1.00 46.44 ? 61  GLU A C   1 
ATOM   466 O O   . GLU A 1 61  ? 9.193   -10.091 9.155   1.00 47.09 ? 61  GLU A O   1 
ATOM   467 C CB  . GLU A 1 61  ? 9.435   -12.307 6.723   1.00 46.05 ? 61  GLU A CB  1 
ATOM   468 C CG  . GLU A 1 61  ? 8.805   -13.135 7.792   1.00 46.63 ? 61  GLU A CG  1 
ATOM   469 C CD  . GLU A 1 61  ? 9.014   -14.576 7.519   1.00 46.27 ? 61  GLU A CD  1 
ATOM   470 O OE1 . GLU A 1 61  ? 10.022  -15.107 8.005   1.00 44.91 ? 61  GLU A OE1 1 
ATOM   471 O OE2 . GLU A 1 61  ? 8.194   -15.156 6.774   1.00 48.36 ? 61  GLU A OE2 1 
ATOM   472 N N   . GLY A 1 62  ? 11.106  -9.872  8.034   1.00 45.86 ? 62  GLY A N   1 
ATOM   473 C CA  . GLY A 1 62  ? 11.797  -9.411  9.222   1.00 46.28 ? 62  GLY A CA  1 
ATOM   474 C C   . GLY A 1 62  ? 11.339  -8.065  9.707   1.00 46.31 ? 62  GLY A C   1 
ATOM   475 O O   . GLY A 1 62  ? 11.361  -7.793  10.916  1.00 46.92 ? 62  GLY A O   1 
ATOM   476 N N   . SER A 1 63  ? 10.921  -7.234  8.758   1.00 46.28 ? 63  SER A N   1 
ATOM   477 C CA  . SER A 1 63  ? 10.476  -5.864  9.005   1.00 46.38 ? 63  SER A CA  1 
ATOM   478 C C   . SER A 1 63  ? 8.967   -5.749  9.135   1.00 45.80 ? 63  SER A C   1 
ATOM   479 O O   . SER A 1 63  ? 8.464   -4.649  9.343   1.00 45.44 ? 63  SER A O   1 
ATOM   480 C CB  . SER A 1 63  ? 10.931  -4.961  7.855   1.00 46.45 ? 63  SER A CB  1 
ATOM   481 O OG  . SER A 1 63  ? 12.323  -5.112  7.628   1.00 49.24 ? 63  SER A OG  1 
ATOM   482 N N   . ASN A 1 64  ? 8.269   -6.882  8.997   1.00 45.63 ? 64  ASN A N   1 
ATOM   483 C CA  . ASN A 1 64  ? 6.802   -6.969  9.031   1.00 45.78 ? 64  ASN A CA  1 
ATOM   484 C C   . ASN A 1 64  ? 6.174   -6.038  7.982   1.00 45.83 ? 64  ASN A C   1 
ATOM   485 O O   . ASN A 1 64  ? 5.247   -5.278  8.290   1.00 45.44 ? 64  ASN A O   1 
ATOM   486 C CB  . ASN A 1 64  ? 6.274   -6.636  10.435  1.00 45.72 ? 64  ASN A CB  1 
ATOM   487 C CG  . ASN A 1 64  ? 5.239   -7.644  10.949  1.00 46.73 ? 64  ASN A CG  1 
ATOM   488 O OD1 . ASN A 1 64  ? 5.013   -8.685  10.337  1.00 49.57 ? 64  ASN A OD1 1 
ATOM   489 N ND2 . ASN A 1 64  ? 4.627   -7.340  12.093  1.00 43.43 ? 64  ASN A ND2 1 
ATOM   490 N N   . SER A 1 65  ? 6.692   -6.091  6.752   1.00 45.79 ? 65  SER A N   1 
ATOM   491 C CA  . SER A 1 65  ? 6.326   -5.101  5.733   1.00 45.73 ? 65  SER A CA  1 
ATOM   492 C C   . SER A 1 65  ? 5.953   -5.645  4.354   1.00 45.99 ? 65  SER A C   1 
ATOM   493 O O   . SER A 1 65  ? 6.257   -6.797  4.014   1.00 45.61 ? 65  SER A O   1 
ATOM   494 C CB  . SER A 1 65  ? 7.383   -3.979  5.636   1.00 45.62 ? 65  SER A CB  1 
ATOM   495 O OG  . SER A 1 65  ? 8.648   -4.461  5.226   1.00 46.26 ? 65  SER A OG  1 
ATOM   496 N N   . ALA A 1 66  ? 5.231   -4.807  3.599   1.00 46.78 ? 66  ALA A N   1 
ATOM   497 C CA  . ALA A 1 66  ? 4.874   -5.022  2.180   1.00 47.42 ? 66  ALA A CA  1 
ATOM   498 C C   . ALA A 1 66  ? 4.970   -3.691  1.445   1.00 48.11 ? 66  ALA A C   1 
ATOM   499 O O   . ALA A 1 66  ? 4.438   -2.664  1.922   1.00 48.48 ? 66  ALA A O   1 
ATOM   500 C CB  . ALA A 1 66  ? 3.458   -5.598  2.043   1.00 46.87 ? 66  ALA A CB  1 
ATOM   501 N N   . SER A 1 67  ? 5.664   -3.711  0.304   1.00 48.06 ? 67  SER A N   1 
ATOM   502 C CA  . SER A 1 67  ? 5.828   -2.537  -0.540  1.00 48.51 ? 67  SER A CA  1 
ATOM   503 C C   . SER A 1 67  ? 5.208   -2.698  -1.923  1.00 48.34 ? 67  SER A C   1 
ATOM   504 O O   . SER A 1 67  ? 5.364   -3.739  -2.588  1.00 48.67 ? 67  SER A O   1 
ATOM   505 C CB  . SER A 1 67  ? 7.297   -2.179  -0.694  1.00 48.33 ? 67  SER A CB  1 
ATOM   506 O OG  . SER A 1 67  ? 7.759   -1.680  0.535   1.00 50.38 ? 67  SER A OG  1 
ATOM   507 N N   . LEU A 1 68  ? 4.465   -1.686  -2.334  1.00 47.49 ? 68  LEU A N   1 
ATOM   508 C CA  . LEU A 1 68  ? 3.958   -1.676  -3.687  1.00 47.62 ? 68  LEU A CA  1 
ATOM   509 C C   . LEU A 1 68  ? 4.846   -0.827  -4.589  1.00 47.12 ? 68  LEU A C   1 
ATOM   510 O O   . LEU A 1 68  ? 5.089   0.358   -4.305  1.00 47.38 ? 68  LEU A O   1 
ATOM   511 C CB  . LEU A 1 68  ? 2.510   -1.179  -3.728  1.00 47.53 ? 68  LEU A CB  1 
ATOM   512 C CG  . LEU A 1 68  ? 1.937   -0.856  -5.114  1.00 47.43 ? 68  LEU A CG  1 
ATOM   513 C CD1 . LEU A 1 68  ? 1.643   -2.120  -5.903  1.00 45.54 ? 68  LEU A CD1 1 
ATOM   514 C CD2 . LEU A 1 68  ? 0.678   0.031   -5.005  1.00 47.61 ? 68  LEU A CD2 1 
ATOM   515 N N   . THR A 1 69  ? 5.336   -1.438  -5.663  1.00 46.98 ? 69  THR A N   1 
ATOM   516 C CA  . THR A 1 69  ? 5.988   -0.668  -6.720  1.00 46.72 ? 69  THR A CA  1 
ATOM   517 C C   . THR A 1 69  ? 5.091   -0.528  -7.951  1.00 46.73 ? 69  THR A C   1 
ATOM   518 O O   . THR A 1 69  ? 4.570   -1.529  -8.457  1.00 46.50 ? 69  THR A O   1 
ATOM   519 C CB  . THR A 1 69  ? 7.340   -1.261  -7.083  1.00 47.04 ? 69  THR A CB  1 
ATOM   520 O OG1 . THR A 1 69  ? 8.161   -1.247  -5.915  1.00 46.86 ? 69  THR A OG1 1 
ATOM   521 C CG2 . THR A 1 69  ? 8.041   -0.422  -8.176  1.00 46.53 ? 69  THR A CG2 1 
ATOM   522 N N   . ILE A 1 70  ? 4.870   0.713   -8.388  1.00 46.65 ? 70  ILE A N   1 
ATOM   523 C CA  . ILE A 1 70  ? 4.187   0.987   -9.681  1.00 47.12 ? 70  ILE A CA  1 
ATOM   524 C C   . ILE A 1 70  ? 5.171   1.583   -10.681 1.00 47.30 ? 70  ILE A C   1 
ATOM   525 O O   . ILE A 1 70  ? 5.680   2.678   -10.464 1.00 47.15 ? 70  ILE A O   1 
ATOM   526 C CB  . ILE A 1 70  ? 3.026   1.984   -9.546  1.00 47.11 ? 70  ILE A CB  1 
ATOM   527 C CG1 . ILE A 1 70  ? 2.081   1.586   -8.403  1.00 47.74 ? 70  ILE A CG1 1 
ATOM   528 C CG2 . ILE A 1 70  ? 2.275   2.111   -10.866 1.00 47.45 ? 70  ILE A CG2 1 
ATOM   529 C CD1 . ILE A 1 70  ? 1.167   2.727   -7.975  1.00 47.65 ? 70  ILE A CD1 1 
ATOM   530 N N   . ARG A 1 71  ? 5.434   0.864   -11.764 1.00 47.84 ? 71  ARG A N   1 
ATOM   531 C CA  . ARG A 1 71  ? 6.414   1.291   -12.780 1.00 48.91 ? 71  ARG A CA  1 
ATOM   532 C C   . ARG A 1 71  ? 5.721   2.001   -13.954 1.00 48.48 ? 71  ARG A C   1 
ATOM   533 O O   . ARG A 1 71  ? 4.496   1.947   -14.071 1.00 48.95 ? 71  ARG A O   1 
ATOM   534 C CB  . ARG A 1 71  ? 7.242   0.088   -13.264 1.00 48.78 ? 71  ARG A CB  1 
ATOM   535 C CG  . ARG A 1 71  ? 8.051   -0.620  -12.159 1.00 49.75 ? 71  ARG A CG  1 
ATOM   536 C CD  . ARG A 1 71  ? 8.474   -2.040  -12.580 1.00 51.31 ? 71  ARG A CD  1 
ATOM   537 N NE  . ARG A 1 71  ? 7.473   -3.047  -12.191 1.00 56.52 ? 71  ARG A NE  1 
ATOM   538 C CZ  . ARG A 1 71  ? 7.416   -4.319  -12.622 1.00 58.52 ? 71  ARG A CZ  1 
ATOM   539 N NH1 . ARG A 1 71  ? 6.442   -5.127  -12.182 1.00 56.92 ? 71  ARG A NH1 1 
ATOM   540 N NH2 . ARG A 1 71  ? 8.316   -4.795  -13.496 1.00 58.64 ? 71  ARG A NH2 1 
ATOM   541 N N   . ASP A 1 72  ? 6.493   2.666   -14.807 1.00 48.10 ? 72  ASP A N   1 
ATOM   542 C CA  . ASP A 1 72  ? 5.965   3.399   -15.980 1.00 48.30 ? 72  ASP A CA  1 
ATOM   543 C C   . ASP A 1 72  ? 4.765   4.319   -15.670 1.00 47.93 ? 72  ASP A C   1 
ATOM   544 O O   . ASP A 1 72  ? 3.686   4.167   -16.256 1.00 47.87 ? 72  ASP A O   1 
ATOM   545 C CB  . ASP A 1 72  ? 5.645   2.430   -17.139 1.00 48.10 ? 72  ASP A CB  1 
ATOM   546 C CG  . ASP A 1 72  ? 5.245   3.161   -18.445 1.00 49.66 ? 72  ASP A CG  1 
ATOM   547 O OD1 . ASP A 1 72  ? 5.829   4.217   -18.768 1.00 48.48 ? 72  ASP A OD1 1 
ATOM   548 O OD2 . ASP A 1 72  ? 4.332   2.679   -19.154 1.00 51.69 ? 72  ASP A OD2 1 
ATOM   549 N N   . LEU A 1 73  ? 4.955   5.267   -14.749 1.00 47.90 ? 73  LEU A N   1 
ATOM   550 C CA  . LEU A 1 73  ? 3.814   6.061   -14.202 1.00 47.62 ? 73  LEU A CA  1 
ATOM   551 C C   . LEU A 1 73  ? 3.141   6.898   -15.258 1.00 47.58 ? 73  LEU A C   1 
ATOM   552 O O   . LEU A 1 73  ? 3.791   7.395   -16.170 1.00 47.96 ? 73  LEU A O   1 
ATOM   553 C CB  . LEU A 1 73  ? 4.221   6.940   -13.002 1.00 46.88 ? 73  LEU A CB  1 
ATOM   554 C CG  . LEU A 1 73  ? 4.392   6.237   -11.643 1.00 45.76 ? 73  LEU A CG  1 
ATOM   555 C CD1 . LEU A 1 73  ? 5.154   7.111   -10.655 1.00 43.82 ? 73  LEU A CD1 1 
ATOM   556 C CD2 . LEU A 1 73  ? 3.053   5.785   -11.026 1.00 43.15 ? 73  LEU A CD2 1 
ATOM   557 N N   . ARG A 1 74  ? 1.830   7.035   -15.143 1.00 47.69 ? 74  ARG A N   1 
ATOM   558 C CA  . ARG A 1 74  ? 1.048   7.796   -16.109 1.00 47.72 ? 74  ARG A CA  1 
ATOM   559 C C   . ARG A 1 74  ? 0.215   8.794   -15.330 1.00 47.99 ? 74  ARG A C   1 
ATOM   560 O O   . ARG A 1 74  ? -0.128  8.524   -14.193 1.00 48.25 ? 74  ARG A O   1 
ATOM   561 C CB  . ARG A 1 74  ? 0.138   6.842   -16.849 1.00 47.72 ? 74  ARG A CB  1 
ATOM   562 C CG  . ARG A 1 74  ? 0.904   5.749   -17.509 1.00 47.12 ? 74  ARG A CG  1 
ATOM   563 C CD  . ARG A 1 74  ? 0.255   4.417   -17.372 1.00 45.52 ? 74  ARG A CD  1 
ATOM   564 N NE  . ARG A 1 74  ? 1.155   3.393   -17.890 1.00 47.01 ? 74  ARG A NE  1 
ATOM   565 C CZ  . ARG A 1 74  ? 0.774   2.193   -18.320 1.00 48.03 ? 74  ARG A CZ  1 
ATOM   566 N NH1 . ARG A 1 74  ? 1.672   1.346   -18.791 1.00 47.43 ? 74  ARG A NH1 1 
ATOM   567 N NH2 . ARG A 1 74  ? -0.505  1.846   -18.307 1.00 49.45 ? 74  ARG A NH2 1 
ATOM   568 N N   . VAL A 1 75  ? -0.124  9.926   -15.931 1.00 48.23 ? 75  VAL A N   1 
ATOM   569 C CA  . VAL A 1 75  ? -0.945  10.952  -15.263 1.00 48.72 ? 75  VAL A CA  1 
ATOM   570 C C   . VAL A 1 75  ? -2.237  10.375  -14.657 1.00 48.73 ? 75  VAL A C   1 
ATOM   571 O O   . VAL A 1 75  ? -2.719  10.868  -13.654 1.00 48.11 ? 75  VAL A O   1 
ATOM   572 C CB  . VAL A 1 75  ? -1.272  12.154  -16.204 1.00 48.95 ? 75  VAL A CB  1 
ATOM   573 C CG1 . VAL A 1 75  ? -2.085  13.223  -15.474 1.00 49.14 ? 75  VAL A CG1 1 
ATOM   574 C CG2 . VAL A 1 75  ? 0.011   12.765  -16.782 1.00 48.71 ? 75  VAL A CG2 1 
ATOM   575 N N   . GLU A 1 76  ? -2.769  9.313   -15.256 1.00 49.31 ? 76  GLU A N   1 
ATOM   576 C CA  . GLU A 1 76  ? -3.972  8.639   -14.732 1.00 50.30 ? 76  GLU A CA  1 
ATOM   577 C C   . GLU A 1 76  ? -3.729  7.739   -13.478 1.00 50.13 ? 76  GLU A C   1 
ATOM   578 O O   . GLU A 1 76  ? -4.678  7.200   -12.866 1.00 49.84 ? 76  GLU A O   1 
ATOM   579 C CB  . GLU A 1 76  ? -4.685  7.852   -15.850 1.00 50.87 ? 76  GLU A CB  1 
ATOM   580 C CG  . GLU A 1 76  ? -3.809  6.826   -16.580 1.00 52.88 ? 76  GLU A CG  1 
ATOM   581 C CD  . GLU A 1 76  ? -3.316  7.321   -17.935 1.00 55.90 ? 76  GLU A CD  1 
ATOM   582 O OE1 . GLU A 1 76  ? -3.012  6.461   -18.804 1.00 56.88 ? 76  GLU A OE1 1 
ATOM   583 O OE2 . GLU A 1 76  ? -3.245  8.559   -18.136 1.00 55.75 ? 76  GLU A OE2 1 
ATOM   584 N N   . ASP A 1 77  ? -2.461  7.580   -13.106 1.00 49.70 ? 77  ASP A N   1 
ATOM   585 C CA  . ASP A 1 77  ? -2.117  6.917   -11.848 1.00 48.92 ? 77  ASP A CA  1 
ATOM   586 C C   . ASP A 1 77  ? -2.273  7.850   -10.644 1.00 48.21 ? 77  ASP A C   1 
ATOM   587 O O   . ASP A 1 77  ? -2.405  7.377   -9.522  1.00 48.30 ? 77  ASP A O   1 
ATOM   588 C CB  . ASP A 1 77  ? -0.708  6.315   -11.928 1.00 49.02 ? 77  ASP A CB  1 
ATOM   589 C CG  . ASP A 1 77  ? -0.593  5.209   -12.981 1.00 50.11 ? 77  ASP A CG  1 
ATOM   590 O OD1 . ASP A 1 77  ? -1.499  4.353   -13.079 1.00 50.27 ? 77  ASP A OD1 1 
ATOM   591 O OD2 . ASP A 1 77  ? 0.422   5.180   -13.708 1.00 52.48 ? 77  ASP A OD2 1 
ATOM   592 N N   . SER A 1 78  ? -2.285  9.166   -10.867 1.00 47.52 ? 78  SER A N   1 
ATOM   593 C CA  . SER A 1 78  ? -2.585  10.134  -9.798  1.00 47.15 ? 78  SER A CA  1 
ATOM   594 C C   . SER A 1 78  ? -3.814  9.736   -8.984  1.00 46.89 ? 78  SER A C   1 
ATOM   595 O O   . SER A 1 78  ? -4.873  9.450   -9.540  1.00 47.50 ? 78  SER A O   1 
ATOM   596 C CB  . SER A 1 78  ? -2.801  11.531  -10.355 1.00 47.22 ? 78  SER A CB  1 
ATOM   597 O OG  . SER A 1 78  ? -1.602  12.064  -10.871 1.00 49.31 ? 78  SER A OG  1 
ATOM   598 N N   . GLY A 1 79  ? -3.677  9.735   -7.663  1.00 46.65 ? 79  GLY A N   1 
ATOM   599 C CA  . GLY A 1 79  ? -4.735  9.241   -6.775  1.00 46.23 ? 79  GLY A CA  1 
ATOM   600 C C   . GLY A 1 79  ? -4.236  9.065   -5.361  1.00 46.41 ? 79  GLY A C   1 
ATOM   601 O O   . GLY A 1 79  ? -3.078  9.354   -5.051  1.00 46.68 ? 79  GLY A O   1 
ATOM   602 N N   . THR A 1 80  ? -5.132  8.645   -4.479  1.00 46.48 ? 80  THR A N   1 
ATOM   603 C CA  . THR A 1 80  ? -4.754  8.246   -3.124  1.00 46.26 ? 80  THR A CA  1 
ATOM   604 C C   . THR A 1 80  ? -4.672  6.735   -3.086  1.00 46.16 ? 80  THR A C   1 
ATOM   605 O O   . THR A 1 80  ? -5.568  6.022   -3.534  1.00 45.58 ? 80  THR A O   1 
ATOM   606 C CB  . THR A 1 80  ? -5.721  8.780   -2.053  1.00 45.82 ? 80  THR A CB  1 
ATOM   607 O OG1 . THR A 1 80  ? -5.766  10.208  -2.140  1.00 46.72 ? 80  THR A OG1 1 
ATOM   608 C CG2 . THR A 1 80  ? -5.241  8.406   -0.666  1.00 45.65 ? 80  THR A CG2 1 
ATOM   609 N N   . TYR A 1 81  ? -3.563  6.267   -2.557  1.00 46.57 ? 81  TYR A N   1 
ATOM   610 C CA  . TYR A 1 81  ? -3.274  4.859   -2.524  1.00 47.60 ? 81  TYR A CA  1 
ATOM   611 C C   . TYR A 1 81  ? -3.179  4.483   -1.055  1.00 48.39 ? 81  TYR A C   1 
ATOM   612 O O   . TYR A 1 81  ? -2.652  5.251   -0.235  1.00 48.59 ? 81  TYR A O   1 
ATOM   613 C CB  . TYR A 1 81  ? -1.956  4.569   -3.267  1.00 47.49 ? 81  TYR A CB  1 
ATOM   614 C CG  . TYR A 1 81  ? -2.020  4.686   -4.789  1.00 47.63 ? 81  TYR A CG  1 
ATOM   615 C CD1 . TYR A 1 81  ? -1.859  5.919   -5.425  1.00 47.57 ? 81  TYR A CD1 1 
ATOM   616 C CD2 . TYR A 1 81  ? -2.221  3.557   -5.599  1.00 48.45 ? 81  TYR A CD2 1 
ATOM   617 C CE1 . TYR A 1 81  ? -1.918  6.025   -6.808  1.00 46.02 ? 81  TYR A CE1 1 
ATOM   618 C CE2 . TYR A 1 81  ? -2.288  3.661   -6.994  1.00 46.57 ? 81  TYR A CE2 1 
ATOM   619 C CZ  . TYR A 1 81  ? -2.142  4.899   -7.588  1.00 46.82 ? 81  TYR A CZ  1 
ATOM   620 O OH  . TYR A 1 81  ? -2.220  5.023   -8.965  1.00 46.38 ? 81  TYR A OH  1 
ATOM   621 N N   . LYS A 1 82  ? -3.733  3.320   -0.723  1.00 48.81 ? 82  LYS A N   1 
ATOM   622 C CA  . LYS A 1 82  ? -3.751  2.819   0.636   1.00 49.10 ? 82  LYS A CA  1 
ATOM   623 C C   . LYS A 1 82  ? -3.474  1.326   0.592   1.00 49.08 ? 82  LYS A C   1 
ATOM   624 O O   . LYS A 1 82  ? -3.847  0.658   -0.382  1.00 48.52 ? 82  LYS A O   1 
ATOM   625 C CB  . LYS A 1 82  ? -5.124  3.023   1.267   1.00 49.14 ? 82  LYS A CB  1 
ATOM   626 C CG  . LYS A 1 82  ? -5.397  4.385   1.803   1.00 50.89 ? 82  LYS A CG  1 
ATOM   627 C CD  . LYS A 1 82  ? -6.847  4.438   2.190   1.00 53.27 ? 82  LYS A CD  1 
ATOM   628 C CE  . LYS A 1 82  ? -7.440  5.803   1.871   1.00 58.55 ? 82  LYS A CE  1 
ATOM   629 N NZ  . LYS A 1 82  ? -6.633  6.908   2.474   1.00 59.98 ? 82  LYS A NZ  1 
ATOM   630 N N   . CYS A 1 83  ? -2.821  0.827   1.652   1.00 49.14 ? 83  CYS A N   1 
ATOM   631 C CA  . CYS A 1 83  ? -2.724  -0.608  1.945   1.00 49.23 ? 83  CYS A CA  1 
ATOM   632 C C   . CYS A 1 83  ? -3.656  -0.997  3.097   1.00 49.36 ? 83  CYS A C   1 
ATOM   633 O O   . CYS A 1 83  ? -3.920  -0.199  4.015   1.00 48.05 ? 83  CYS A O   1 
ATOM   634 C CB  . CYS A 1 83  ? -1.297  -0.993  2.315   1.00 49.70 ? 83  CYS A CB  1 
ATOM   635 S SG  . CYS A 1 83  ? -0.710  -0.165  3.799   1.00 50.06 ? 83  CYS A SG  1 
ATOM   636 N N   . LYS A 1 84  ? -4.176  -2.222  2.996   1.00 49.87 ? 84  LYS A N   1 
ATOM   637 C CA  . LYS A 1 84  ? -4.894  -2.900  4.059   1.00 50.69 ? 84  LYS A CA  1 
ATOM   638 C C   . LYS A 1 84  ? -4.043  -4.095  4.421   1.00 50.57 ? 84  LYS A C   1 
ATOM   639 O O   . LYS A 1 84  ? -3.752  -4.922  3.563   1.00 51.42 ? 84  LYS A O   1 
ATOM   640 C CB  . LYS A 1 84  ? -6.245  -3.427  3.573   1.00 51.55 ? 84  LYS A CB  1 
ATOM   641 C CG  . LYS A 1 84  ? -7.422  -2.460  3.629   1.00 53.78 ? 84  LYS A CG  1 
ATOM   642 C CD  . LYS A 1 84  ? -8.727  -3.249  3.733   1.00 58.37 ? 84  LYS A CD  1 
ATOM   643 C CE  . LYS A 1 84  ? -9.963  -2.534  3.120   1.00 60.32 ? 84  LYS A CE  1 
ATOM   644 N NZ  . LYS A 1 84  ? -10.291 -1.164  3.626   1.00 60.79 ? 84  LYS A NZ  1 
ATOM   645 N N   . ALA A 1 85  ? -3.625  -4.163  5.681   1.00 50.05 ? 85  ALA A N   1 
ATOM   646 C CA  . ALA A 1 85  ? -2.781  -5.230  6.177   1.00 49.59 ? 85  ALA A CA  1 
ATOM   647 C C   . ALA A 1 85  ? -3.615  -6.223  6.958   1.00 49.65 ? 85  ALA A C   1 
ATOM   648 O O   . ALA A 1 85  ? -4.266  -5.854  7.916   1.00 49.06 ? 85  ALA A O   1 
ATOM   649 C CB  . ALA A 1 85  ? -1.678  -4.653  7.052   1.00 49.33 ? 85  ALA A CB  1 
ATOM   650 N N   . TYR A 1 86  ? -3.603  -7.479  6.521   1.00 49.77 ? 86  TYR A N   1 
ATOM   651 C CA  . TYR A 1 86  ? -4.196  -8.586  7.261   1.00 50.13 ? 86  TYR A CA  1 
ATOM   652 C C   . TYR A 1 86  ? -3.147  -9.170  8.215   1.00 49.89 ? 86  TYR A C   1 
ATOM   653 O O   . TYR A 1 86  ? -1.941  -9.061  7.958   1.00 50.31 ? 86  TYR A O   1 
ATOM   654 C CB  . TYR A 1 86  ? -4.776  -9.622  6.290   1.00 50.68 ? 86  TYR A CB  1 
ATOM   655 C CG  . TYR A 1 86  ? -5.740  -8.960  5.345   1.00 52.68 ? 86  TYR A CG  1 
ATOM   656 C CD1 . TYR A 1 86  ? -5.287  -8.389  4.145   1.00 55.09 ? 86  TYR A CD1 1 
ATOM   657 C CD2 . TYR A 1 86  ? -7.095  -8.834  5.673   1.00 54.72 ? 86  TYR A CD2 1 
ATOM   658 C CE1 . TYR A 1 86  ? -6.164  -7.720  3.270   1.00 56.05 ? 86  TYR A CE1 1 
ATOM   659 C CE2 . TYR A 1 86  ? -7.987  -8.167  4.806   1.00 55.96 ? 86  TYR A CE2 1 
ATOM   660 C CZ  . TYR A 1 86  ? -7.511  -7.620  3.606   1.00 54.55 ? 86  TYR A CZ  1 
ATOM   661 O OH  . TYR A 1 86  ? -8.372  -6.976  2.742   1.00 54.04 ? 86  TYR A OH  1 
ATOM   662 N N   . ARG A 1 87  ? -3.593  -9.762  9.322   1.00 49.34 ? 87  ARG A N   1 
ATOM   663 C CA  . ARG A 1 87  ? -2.670  -10.191 10.380  1.00 48.90 ? 87  ARG A CA  1 
ATOM   664 C C   . ARG A 1 87  ? -2.813  -11.663 10.752  1.00 48.61 ? 87  ARG A C   1 
ATOM   665 O O   . ARG A 1 87  ? -3.886  -12.262 10.626  1.00 49.33 ? 87  ARG A O   1 
ATOM   666 C CB  . ARG A 1 87  ? -2.790  -9.294  11.617  1.00 48.60 ? 87  ARG A CB  1 
ATOM   667 C CG  . ARG A 1 87  ? -3.063  -7.858  11.227  1.00 49.82 ? 87  ARG A CG  1 
ATOM   668 C CD  . ARG A 1 87  ? -2.533  -6.816  12.178  1.00 49.67 ? 87  ARG A CD  1 
ATOM   669 N NE  . ARG A 1 87  ? -3.155  -6.874  13.481  1.00 47.97 ? 87  ARG A NE  1 
ATOM   670 C CZ  . ARG A 1 87  ? -4.416  -6.571  13.750  1.00 48.31 ? 87  ARG A CZ  1 
ATOM   671 N NH1 . ARG A 1 87  ? -4.848  -6.667  14.998  1.00 45.99 ? 87  ARG A NH1 1 
ATOM   672 N NH2 . ARG A 1 87  ? -5.240  -6.187  12.787  1.00 49.95 ? 87  ARG A NH2 1 
ATOM   673 N N   . ARG A 1 88  ? -1.700  -12.236 11.177  1.00 48.02 ? 88  ARG A N   1 
ATOM   674 C CA  . ARG A 1 88  ? -1.634  -13.598 11.656  1.00 47.63 ? 88  ARG A CA  1 
ATOM   675 C C   . ARG A 1 88  ? -1.100  -13.407 13.057  1.00 47.08 ? 88  ARG A C   1 
ATOM   676 O O   . ARG A 1 88  ? 0.042   -12.980 13.234  1.00 46.81 ? 88  ARG A O   1 
ATOM   677 C CB  . ARG A 1 88  ? -0.686  -14.429 10.766  1.00 47.52 ? 88  ARG A CB  1 
ATOM   678 C CG  . ARG A 1 88  ? -0.425  -15.880 11.207  1.00 48.65 ? 88  ARG A CG  1 
ATOM   679 C CD  . ARG A 1 88  ? -1.693  -16.696 11.511  1.00 50.61 ? 88  ARG A CD  1 
ATOM   680 N NE  . ARG A 1 88  ? -2.691  -16.682 10.435  1.00 53.14 ? 88  ARG A NE  1 
ATOM   681 C CZ  . ARG A 1 88  ? -3.809  -17.415 10.434  1.00 53.77 ? 88  ARG A CZ  1 
ATOM   682 N NH1 . ARG A 1 88  ? -4.661  -17.333 9.417   1.00 54.22 ? 88  ARG A NH1 1 
ATOM   683 N NH2 . ARG A 1 88  ? -4.075  -18.235 11.443  1.00 53.40 ? 88  ARG A NH2 1 
ATOM   684 N N   . CYS A 1 89  ? -1.951  -13.641 14.052  1.00 47.19 ? 89  CYS A N   1 
ATOM   685 C CA  . CYS A 1 89  ? -1.537  -13.455 15.430  1.00 47.01 ? 89  CYS A CA  1 
ATOM   686 C C   . CYS A 1 89  ? -1.314  -14.806 16.096  1.00 47.39 ? 89  CYS A C   1 
ATOM   687 O O   . CYS A 1 89  ? -1.724  -15.839 15.563  1.00 47.18 ? 89  CYS A O   1 
ATOM   688 C CB  . CYS A 1 89  ? -2.562  -12.632 16.192  1.00 46.94 ? 89  CYS A CB  1 
ATOM   689 S SG  . CYS A 1 89  ? -2.846  -10.975 15.564  1.00 47.46 ? 89  CYS A SG  1 
ATOM   690 N N   . ALA A 1 90  ? -0.666  -14.797 17.258  1.00 47.73 ? 90  ALA A N   1 
ATOM   691 C CA  . ALA A 1 90  ? -0.403  -16.030 17.992  1.00 48.56 ? 90  ALA A CA  1 
ATOM   692 C C   . ALA A 1 90  ? -1.681  -16.753 18.435  1.00 48.98 ? 90  ALA A C   1 
ATOM   693 O O   . ALA A 1 90  ? -1.633  -17.941 18.715  1.00 49.14 ? 90  ALA A O   1 
ATOM   694 C CB  . ALA A 1 90  ? 0.506   -15.760 19.195  1.00 48.65 ? 90  ALA A CB  1 
ATOM   695 N N   . PHE A 1 91  ? -2.813  -16.047 18.491  1.00 49.55 ? 91  PHE A N   1 
ATOM   696 C CA  . PHE A 1 91  ? -4.061  -16.658 18.971  1.00 50.15 ? 91  PHE A CA  1 
ATOM   697 C C   . PHE A 1 91  ? -4.983  -17.181 17.869  1.00 51.24 ? 91  PHE A C   1 
ATOM   698 O O   . PHE A 1 91  ? -4.799  -18.300 17.387  1.00 51.37 ? 91  PHE A O   1 
ATOM   699 C CB  . PHE A 1 91  ? -4.830  -15.767 19.984  1.00 49.47 ? 91  PHE A CB  1 
ATOM   700 C CG  . PHE A 1 91  ? -4.904  -14.307 19.613  1.00 47.70 ? 91  PHE A CG  1 
ATOM   701 C CD1 . PHE A 1 91  ? -5.838  -13.851 18.692  1.00 46.54 ? 91  PHE A CD1 1 
ATOM   702 C CD2 . PHE A 1 91  ? -4.055  -13.387 20.212  1.00 45.91 ? 91  PHE A CD2 1 
ATOM   703 C CE1 . PHE A 1 91  ? -5.899  -12.512 18.341  1.00 46.79 ? 91  PHE A CE1 1 
ATOM   704 C CE2 . PHE A 1 91  ? -4.113  -12.048 19.876  1.00 46.55 ? 91  PHE A CE2 1 
ATOM   705 C CZ  . PHE A 1 91  ? -5.036  -11.607 18.936  1.00 46.84 ? 91  PHE A CZ  1 
ATOM   706 N N   . ASN A 1 92  ? -5.962  -16.364 17.482  1.00 52.67 ? 92  ASN A N   1 
ATOM   707 C CA  . ASN A 1 92  ? -7.116  -16.812 16.703  1.00 53.93 ? 92  ASN A CA  1 
ATOM   708 C C   . ASN A 1 92  ? -7.708  -15.769 15.749  1.00 54.89 ? 92  ASN A C   1 
ATOM   709 O O   . ASN A 1 92  ? -7.117  -14.712 15.492  1.00 55.16 ? 92  ASN A O   1 
ATOM   710 C CB  . ASN A 1 92  ? -8.226  -17.307 17.649  1.00 53.80 ? 92  ASN A CB  1 
ATOM   711 C CG  . ASN A 1 92  ? -8.070  -18.753 18.028  1.00 53.33 ? 92  ASN A CG  1 
ATOM   712 O OD1 . ASN A 1 92  ? -8.438  -19.156 19.126  1.00 53.58 ? 92  ASN A OD1 1 
ATOM   713 N ND2 . ASN A 1 92  ? -7.523  -19.549 17.118  1.00 52.71 ? 92  ASN A ND2 1 
ATOM   714 N N   . THR A 1 93  ? -8.889  -16.104 15.227  1.00 55.88 ? 93  THR A N   1 
ATOM   715 C CA  . THR A 1 93  ? -9.698  -15.205 14.427  1.00 56.67 ? 93  THR A CA  1 
ATOM   716 C C   . THR A 1 93  ? -10.175 -14.023 15.286  1.00 57.38 ? 93  THR A C   1 
ATOM   717 O O   . THR A 1 93  ? -11.142 -14.129 16.059  1.00 57.77 ? 93  THR A O   1 
ATOM   718 C CB  . THR A 1 93  ? -10.884 -15.966 13.791  1.00 56.65 ? 93  THR A CB  1 
ATOM   719 O OG1 . THR A 1 93  ? -11.297 -17.027 14.664  1.00 55.86 ? 93  THR A OG1 1 
ATOM   720 C CG2 . THR A 1 93  ? -10.473 -16.558 12.452  1.00 56.50 ? 93  THR A CG2 1 
ATOM   721 N N   . GLY A 1 94  ? -9.455  -12.910 15.161  1.00 58.07 ? 94  GLY A N   1 
ATOM   722 C CA  . GLY A 1 94  ? -9.778  -11.682 15.875  1.00 58.68 ? 94  GLY A CA  1 
ATOM   723 C C   . GLY A 1 94  ? -9.837  -10.526 14.897  1.00 59.30 ? 94  GLY A C   1 
ATOM   724 O O   . GLY A 1 94  ? -9.482  -10.692 13.726  1.00 59.03 ? 94  GLY A O   1 
ATOM   725 N N   . VAL A 1 95  ? -10.292 -9.366  15.389  1.00 59.94 ? 95  VAL A N   1 
ATOM   726 C CA  . VAL A 1 95  ? -10.478 -8.116  14.602  1.00 60.32 ? 95  VAL A CA  1 
ATOM   727 C C   . VAL A 1 95  ? -9.195  -7.537  13.956  1.00 60.53 ? 95  VAL A C   1 
ATOM   728 O O   . VAL A 1 95  ? -8.475  -6.711  14.547  1.00 61.04 ? 95  VAL A O   1 
ATOM   729 C CB  . VAL A 1 95  ? -11.270 -7.019  15.421  1.00 60.54 ? 95  VAL A CB  1 
ATOM   730 C CG1 . VAL A 1 95  ? -10.751 -5.595  15.141  1.00 60.99 ? 95  VAL A CG1 1 
ATOM   731 C CG2 . VAL A 1 95  ? -12.793 -7.102  15.147  1.00 60.48 ? 95  VAL A CG2 1 
ATOM   732 N N   . GLY A 1 96  ? -8.945  -7.962  12.721  1.00 60.07 ? 96  GLY A N   1 
ATOM   733 C CA  . GLY A 1 96  ? -7.756  -7.577  12.012  1.00 59.47 ? 96  GLY A CA  1 
ATOM   734 C C   . GLY A 1 96  ? -8.051  -6.947  10.678  1.00 59.16 ? 96  GLY A C   1 
ATOM   735 O O   . GLY A 1 96  ? -9.202  -6.752  10.286  1.00 59.66 ? 96  GLY A O   1 
ATOM   736 N N   . TYR A 1 97  ? -6.972  -6.703  9.958   1.00 58.79 ? 97  TYR A N   1 
ATOM   737 C CA  . TYR A 1 97  ? -6.917  -5.757  8.854   1.00 57.55 ? 97  TYR A CA  1 
ATOM   738 C C   . TYR A 1 97  ? -6.855  -4.368  9.452   1.00 56.46 ? 97  TYR A C   1 
ATOM   739 O O   . TYR A 1 97  ? -7.780  -3.900  10.096  1.00 56.22 ? 97  TYR A O   1 
ATOM   740 C CB  . TYR A 1 97  ? -7.982  -6.026  7.760   1.00 57.79 ? 97  TYR A CB  1 
ATOM   741 C CG  . TYR A 1 97  ? -8.896  -4.896  7.332   1.00 58.01 ? 97  TYR A CG  1 
ATOM   742 C CD1 . TYR A 1 97  ? -8.422  -3.606  7.086   1.00 58.19 ? 97  TYR A CD1 1 
ATOM   743 C CD2 . TYR A 1 97  ? -10.249 -5.144  7.128   1.00 58.39 ? 97  TYR A CD2 1 
ATOM   744 C CE1 . TYR A 1 97  ? -9.301  -2.578  6.691   1.00 58.84 ? 97  TYR A CE1 1 
ATOM   745 C CE2 . TYR A 1 97  ? -11.122 -4.138  6.731   1.00 58.76 ? 97  TYR A CE2 1 
ATOM   746 C CZ  . TYR A 1 97  ? -10.651 -2.864  6.517   1.00 58.46 ? 97  TYR A CZ  1 
ATOM   747 O OH  . TYR A 1 97  ? -11.540 -1.901  6.118   1.00 57.48 ? 97  TYR A OH  1 
ATOM   748 N N   . LYS A 1 98  ? -5.668  -3.791  9.326   1.00 55.46 ? 98  LYS A N   1 
ATOM   749 C CA  . LYS A 1 98  ? -5.386  -2.422  9.679   1.00 54.95 ? 98  LYS A CA  1 
ATOM   750 C C   . LYS A 1 98  ? -4.976  -1.726  8.391   1.00 54.71 ? 98  LYS A C   1 
ATOM   751 O O   . LYS A 1 98  ? -4.445  -2.351  7.486   1.00 53.48 ? 98  LYS A O   1 
ATOM   752 C CB  . LYS A 1 98  ? -4.277  -2.347  10.733  1.00 54.84 ? 98  LYS A CB  1 
ATOM   753 C CG  . LYS A 1 98  ? -4.680  -2.835  12.152  1.00 54.69 ? 98  LYS A CG  1 
ATOM   754 C CD  . LYS A 1 98  ? -5.478  -1.811  12.920  1.00 54.35 ? 98  LYS A CD  1 
ATOM   755 C CE  . LYS A 1 98  ? -6.139  -2.423  14.153  1.00 56.24 ? 98  LYS A CE  1 
ATOM   756 N NZ  . LYS A 1 98  ? -5.172  -2.808  15.226  1.00 57.00 ? 98  LYS A NZ  1 
ATOM   757 N N   . GLU A 1 99  ? -5.256  -0.434  8.311   1.00 55.37 ? 99  GLU A N   1 
ATOM   758 C CA  . GLU A 1 99  ? -5.056  0.339   7.089   1.00 56.51 ? 99  GLU A CA  1 
ATOM   759 C C   . GLU A 1 99  ? -3.886  1.311   7.222   1.00 55.98 ? 99  GLU A C   1 
ATOM   760 O O   . GLU A 1 99  ? -3.617  1.815   8.326   1.00 56.01 ? 99  GLU A O   1 
ATOM   761 C CB  . GLU A 1 99  ? -6.311  1.160   6.803   1.00 56.46 ? 99  GLU A CB  1 
ATOM   762 C CG  . GLU A 1 99  ? -7.301  0.564   5.822   1.00 58.29 ? 99  GLU A CG  1 
ATOM   763 C CD  . GLU A 1 99  ? -8.263  1.619   5.263   1.00 59.13 ? 99  GLU A CD  1 
ATOM   764 O OE1 . GLU A 1 99  ? -9.197  1.248   4.517   1.00 62.60 ? 99  GLU A OE1 1 
ATOM   765 O OE2 . GLU A 1 99  ? -8.090  2.825   5.566   1.00 62.91 ? 99  GLU A OE2 1 
ATOM   766 N N   . GLY A 1 100 ? -3.213  1.586   6.101   1.00 55.49 ? 100 GLY A N   1 
ATOM   767 C CA  . GLY A 1 100 ? -2.281  2.713   6.016   1.00 54.48 ? 100 GLY A CA  1 
ATOM   768 C C   . GLY A 1 100 ? -3.054  4.021   5.930   1.00 53.94 ? 100 GLY A C   1 
ATOM   769 O O   . GLY A 1 100 ? -4.194  4.021   5.471   1.00 53.77 ? 100 GLY A O   1 
ATOM   770 N N   . ALA A 1 101 ? -2.445  5.129   6.380   1.00 53.13 ? 101 ALA A N   1 
ATOM   771 C CA  . ALA A 1 101 ? -3.099  6.450   6.346   1.00 52.28 ? 101 ALA A CA  1 
ATOM   772 C C   . ALA A 1 101 ? -3.128  7.104   4.938   1.00 51.75 ? 101 ALA A C   1 
ATOM   773 O O   . ALA A 1 101 ? -3.792  8.128   4.730   1.00 51.39 ? 101 ALA A O   1 
ATOM   774 C CB  . ALA A 1 101 ? -2.462  7.387   7.373   1.00 52.02 ? 101 ALA A CB  1 
ATOM   775 N N   . GLY A 1 102 ? -2.384  6.521   4.000   1.00 51.37 ? 102 GLY A N   1 
ATOM   776 C CA  . GLY A 1 102 ? -2.447  6.878   2.574   1.00 51.34 ? 102 GLY A CA  1 
ATOM   777 C C   . GLY A 1 102 ? -1.202  7.508   1.968   1.00 51.33 ? 102 GLY A C   1 
ATOM   778 O O   . GLY A 1 102 ? -0.369  8.068   2.693   1.00 52.26 ? 102 GLY A O   1 
ATOM   779 N N   . THR A 1 103 ? -1.065  7.380   0.641   1.00 50.69 ? 103 THR A N   1 
ATOM   780 C CA  . THR A 1 103 ? -0.137  8.183   -0.186  1.00 49.64 ? 103 THR A CA  1 
ATOM   781 C C   . THR A 1 103 ? -0.896  9.009   -1.259  1.00 49.27 ? 103 THR A C   1 
ATOM   782 O O   . THR A 1 103 ? -1.678  8.443   -2.034  1.00 48.79 ? 103 THR A O   1 
ATOM   783 C CB  . THR A 1 103 ? 0.897   7.295   -0.926  1.00 49.69 ? 103 THR A CB  1 
ATOM   784 O OG1 . THR A 1 103 ? 1.617   6.495   0.016   1.00 50.77 ? 103 THR A OG1 1 
ATOM   785 C CG2 . THR A 1 103 ? 1.895   8.156   -1.720  1.00 48.09 ? 103 THR A CG2 1 
ATOM   786 N N   . VAL A 1 104 ? -0.664  10.328  -1.320  1.00 48.50 ? 104 VAL A N   1 
ATOM   787 C CA  . VAL A 1 104 ? -1.205  11.164  -2.418  1.00 47.81 ? 104 VAL A CA  1 
ATOM   788 C C   . VAL A 1 104 ? -0.200  11.348  -3.589  1.00 47.85 ? 104 VAL A C   1 
ATOM   789 O O   . VAL A 1 104 ? 0.740   12.165  -3.523  1.00 47.17 ? 104 VAL A O   1 
ATOM   790 C CB  . VAL A 1 104 ? -1.662  12.571  -1.949  1.00 47.70 ? 104 VAL A CB  1 
ATOM   791 C CG1 . VAL A 1 104 ? -2.468  13.202  -3.038  1.00 47.36 ? 104 VAL A CG1 1 
ATOM   792 C CG2 . VAL A 1 104 ? -2.467  12.499  -0.659  1.00 47.46 ? 104 VAL A CG2 1 
ATOM   793 N N   . LEU A 1 105 ? -0.422  10.602  -4.667  1.00 47.53 ? 105 LEU A N   1 
ATOM   794 C CA  . LEU A 1 105 ? 0.456   10.662  -5.825  1.00 47.39 ? 105 LEU A CA  1 
ATOM   795 C C   . LEU A 1 105 ? -0.108  11.588  -6.901  1.00 47.90 ? 105 LEU A C   1 
ATOM   796 O O   . LEU A 1 105 ? -1.275  11.500  -7.274  1.00 47.41 ? 105 LEU A O   1 
ATOM   797 C CB  . LEU A 1 105 ? 0.736   9.249   -6.385  1.00 46.58 ? 105 LEU A CB  1 
ATOM   798 C CG  . LEU A 1 105 ? 1.408   9.196   -7.767  1.00 45.51 ? 105 LEU A CG  1 
ATOM   799 C CD1 . LEU A 1 105 ? 2.898   9.578   -7.743  1.00 42.41 ? 105 LEU A CD1 1 
ATOM   800 C CD2 . LEU A 1 105 ? 1.234   7.839   -8.400  1.00 44.38 ? 105 LEU A CD2 1 
ATOM   801 N N   . THR A 1 106 ? 0.743   12.492  -7.383  1.00 48.95 ? 106 THR A N   1 
ATOM   802 C CA  . THR A 1 106 ? 0.450   13.285  -8.574  1.00 49.43 ? 106 THR A CA  1 
ATOM   803 C C   . THR A 1 106 ? 1.501   12.997  -9.660  1.00 50.18 ? 106 THR A C   1 
ATOM   804 O O   . THR A 1 106 ? 2.717   13.045  -9.405  1.00 50.20 ? 106 THR A O   1 
ATOM   805 C CB  . THR A 1 106 ? 0.383   14.803  -8.270  1.00 49.20 ? 106 THR A CB  1 
ATOM   806 O OG1 . THR A 1 106 ? -0.718  15.069  -7.399  1.00 48.90 ? 106 THR A OG1 1 
ATOM   807 C CG2 . THR A 1 106 ? 0.164   15.578  -9.541  1.00 49.07 ? 106 THR A CG2 1 
ATOM   808 N N   . VAL A 1 107 ? 1.027   12.692  -10.868 1.00 50.80 ? 107 VAL A N   1 
ATOM   809 C CA  . VAL A 1 107 ? 1.924   12.405  -11.988 1.00 50.93 ? 107 VAL A CA  1 
ATOM   810 C C   . VAL A 1 107 ? 1.805   13.485  -13.048 1.00 51.39 ? 107 VAL A C   1 
ATOM   811 O O   . VAL A 1 107 ? 0.733   13.707  -13.611 1.00 51.19 ? 107 VAL A O   1 
ATOM   812 C CB  . VAL A 1 107 ? 1.686   11.003  -12.603 1.00 50.82 ? 107 VAL A CB  1 
ATOM   813 C CG1 . VAL A 1 107 ? 2.840   10.634  -13.548 1.00 50.63 ? 107 VAL A CG1 1 
ATOM   814 C CG2 . VAL A 1 107 ? 1.523   9.944   -11.500 1.00 49.99 ? 107 VAL A CG2 1 
ATOM   815 N N   . LYS A 1 108 ? 2.938   14.140  -13.288 1.00 52.28 ? 108 LYS A N   1 
ATOM   816 C CA  . LYS A 1 108 ? 3.082   15.237  -14.238 1.00 53.05 ? 108 LYS A CA  1 
ATOM   817 C C   . LYS A 1 108 ? 2.129   16.368  -13.950 1.00 53.87 ? 108 LYS A C   1 
ATOM   818 O O   . LYS A 1 108 ? 1.965   16.739  -12.788 1.00 55.08 ? 108 LYS A O   1 
ATOM   819 C CB  . LYS A 1 108 ? 2.951   14.750  -15.675 1.00 53.21 ? 108 LYS A CB  1 
ATOM   820 C CG  . LYS A 1 108 ? 4.293   14.390  -16.300 1.00 52.98 ? 108 LYS A CG  1 
ATOM   821 C CD  . LYS A 1 108 ? 5.060   15.623  -16.811 1.00 52.85 ? 108 LYS A CD  1 
ATOM   822 C CE  . LYS A 1 108 ? 4.384   16.224  -18.021 1.00 53.52 ? 108 LYS A CE  1 
ATOM   823 N NZ  . LYS A 1 108 ? 3.879   15.134  -18.904 1.00 52.86 ? 108 LYS A NZ  1 
HETATM 824 O O   . HOH B 2 .   ? -6.879  -9.430  -3.035  1.00 49.33 ? 109 HOH A O   1 
HETATM 825 O O   . HOH B 2 .   ? 5.788   12.186  2.558   1.00 39.89 ? 110 HOH A O   1 
HETATM 826 O O   . HOH B 2 .   ? -11.307 7.610   4.633   1.00 59.81 ? 111 HOH A O   1 
HETATM 827 O O   . HOH B 2 .   ? 12.256  11.630  -14.511 1.00 54.32 ? 112 HOH A O   1 
HETATM 828 O O   . HOH B 2 .   ? -2.745  5.043   10.778  1.00 51.90 ? 113 HOH A O   1 
HETATM 829 O O   . HOH B 2 .   ? 0.257   6.476   10.709  1.00 53.62 ? 114 HOH A O   1 
HETATM 830 O O   . HOH B 2 .   ? 0.150   14.873  5.605   1.00 60.04 ? 115 HOH A O   1 
HETATM 831 O O   . HOH B 2 .   ? -3.639  4.372   -14.604 1.00 46.27 ? 116 HOH A O   1 
HETATM 832 O O   . HOH B 2 .   ? 5.282   -10.644 7.420   1.00 39.16 ? 117 HOH A O   1 
HETATM 833 O O   . HOH B 2 .   ? -9.795  6.019   -0.187  1.00 61.33 ? 118 HOH A O   1 
HETATM 834 O O   . HOH B 2 .   ? 15.167  -9.144  6.877   1.00 60.30 ? 119 HOH A O   1 
HETATM 835 O O   . HOH B 2 .   ? 6.340   -10.573 23.069  1.00 61.53 ? 120 HOH A O   1 
HETATM 836 O O   . HOH B 2 .   ? 11.207  -0.649  -9.593  1.00 62.52 ? 121 HOH A O   1 
HETATM 837 O O   . HOH B 2 .   ? 10.948  11.572  -6.971  1.00 51.20 ? 122 HOH A O   1 
HETATM 838 O O   . HOH B 2 .   ? -12.980 7.074   -1.147  1.00 55.02 ? 123 HOH A O   1 
HETATM 839 O O   . HOH B 2 .   ? 9.352   7.015   -2.744  1.00 47.60 ? 124 HOH A O   1 
HETATM 840 O O   . HOH B 2 .   ? 3.697   0.204   17.964  1.00 57.96 ? 125 HOH A O   1 
HETATM 841 O O   . HOH B 2 .   ? -0.942  15.776  -14.094 1.00 71.42 ? 126 HOH A O   1 
HETATM 842 O O   . HOH B 2 .   ? -3.268  6.711   16.609  1.00 50.22 ? 127 HOH A O   1 
HETATM 843 O O   . HOH B 2 .   ? -0.161  19.914  -11.834 1.00 44.08 ? 128 HOH A O   1 
HETATM 844 O O   . HOH B 2 .   ? -5.844  0.561   -13.498 1.00 65.35 ? 129 HOH A O   1 
HETATM 845 O O   . HOH B 2 .   ? 16.439  -2.863  10.307  1.00 56.24 ? 130 HOH A O   1 
HETATM 846 O O   . HOH B 2 .   ? -9.824  2.405   -13.935 1.00 46.22 ? 131 HOH A O   1 
HETATM 847 O O   . HOH B 2 .   ? -3.702  -10.585 -11.473 1.00 50.33 ? 132 HOH A O   1 
HETATM 848 O O   . HOH B 2 .   ? -3.754  13.730  -23.655 1.00 44.17 ? 133 HOH A O   1 
HETATM 849 O O   . HOH B 2 .   ? 13.374  13.079  -13.053 1.00 49.17 ? 134 HOH A O   1 
HETATM 850 O O   . HOH B 2 .   ? -6.750  -13.155 7.929   1.00 61.84 ? 135 HOH A O   1 
HETATM 851 O O   . HOH B 2 .   ? -0.838  -10.455 -0.030  1.00 33.99 ? 136 HOH A O   1 
HETATM 852 O O   . HOH B 2 .   ? 11.821  -4.901  12.393  1.00 71.71 ? 137 HOH A O   1 
HETATM 853 O O   . HOH B 2 .   ? -2.850  18.288  -22.245 1.00 50.56 ? 138 HOH A O   1 
HETATM 854 O O   . HOH B 2 .   ? -0.150  8.685   11.680  1.00 48.36 ? 139 HOH A O   1 
HETATM 855 O O   . HOH B 2 .   ? 9.442   5.683   -4.857  1.00 38.05 ? 140 HOH A O   1 
HETATM 856 O O   . HOH B 2 .   ? -4.451  -10.887 -0.601  1.00 50.30 ? 141 HOH A O   1 
HETATM 857 O O   . HOH B 2 .   ? -9.674  7.898   6.794   1.00 62.28 ? 142 HOH A O   1 
HETATM 858 O O   . HOH B 2 .   ? -6.004  -10.875 1.479   1.00 54.20 ? 143 HOH A O   1 
HETATM 859 O O   . HOH B 2 .   ? -3.729  -9.149  -6.008  1.00 31.22 ? 144 HOH A O   1 
HETATM 860 O O   . HOH B 2 .   ? -10.497 -10.677 6.331   1.00 66.38 ? 145 HOH A O   1 
HETATM 861 O O   . HOH B 2 .   ? -14.101 0.596   5.581   1.00 43.20 ? 146 HOH A O   1 
HETATM 862 O O   . HOH B 2 .   ? 4.911   6.728   -18.911 1.00 48.82 ? 147 HOH A O   1 
HETATM 863 O O   . HOH B 2 .   ? 4.416   -8.539  -7.400  1.00 35.60 ? 148 HOH A O   1 
HETATM 864 O O   . HOH B 2 .   ? -4.443  1.856   13.146  1.00 50.76 ? 149 HOH A O   1 
HETATM 865 O O   . HOH B 2 .   ? -11.409 -5.547  -1.214  1.00 44.96 ? 150 HOH A O   1 
HETATM 866 O O   . HOH B 2 .   ? 12.618  -3.608  3.447   1.00 47.72 ? 151 HOH A O   1 
HETATM 867 O O   . HOH B 2 .   ? -3.897  4.555   16.732  1.00 51.94 ? 152 HOH A O   1 
HETATM 868 O O   . HOH B 2 .   ? -4.884  1.260   15.483  1.00 61.42 ? 153 HOH A O   1 
HETATM 869 O O   . HOH B 2 .   ? -0.869  -17.397 4.358   1.00 49.05 ? 154 HOH A O   1 
HETATM 870 O O   . HOH B 2 .   ? -4.583  -5.846  -3.508  1.00 42.51 ? 155 HOH A O   1 
HETATM 871 O O   . HOH B 2 .   ? -5.765  10.874  3.160   1.00 51.94 ? 156 HOH A O   1 
HETATM 872 O O   . HOH B 2 .   ? 9.532   3.455   -18.117 1.00 53.80 ? 157 HOH A O   1 
HETATM 873 O O   . HOH B 2 .   ? 3.299   -10.732 3.607   1.00 44.53 ? 158 HOH A O   1 
HETATM 874 O O   . HOH B 2 .   ? 11.185  12.898  -9.828  1.00 56.09 ? 159 HOH A O   1 
HETATM 875 O O   . HOH B 2 .   ? -3.570  -3.884  -11.957 1.00 32.22 ? 160 HOH A O   1 
HETATM 876 O O   . HOH B 2 .   ? -3.413  -7.974  -3.665  1.00 35.41 ? 161 HOH A O   1 
HETATM 877 O O   . HOH B 2 .   ? -4.145  -11.812 -7.716  1.00 52.26 ? 162 HOH A O   1 
HETATM 878 O O   . HOH B 2 .   ? -12.102 -10.443 1.446   1.00 57.18 ? 163 HOH A O   1 
HETATM 879 O O   . HOH B 2 .   ? 3.812   -4.325  24.942  1.00 63.80 ? 164 HOH A O   1 
HETATM 880 O O   . HOH B 2 .   ? 12.754  -6.369  14.826  1.00 51.28 ? 165 HOH A O   1 
HETATM 881 O O   . HOH B 2 .   ? 5.964   19.345  -1.286  1.00 56.96 ? 166 HOH A O   1 
HETATM 882 O O   . HOH B 2 .   ? -12.771 -0.972  -1.205  1.00 47.44 ? 167 HOH A O   1 
HETATM 883 O O   . HOH B 2 .   ? 8.598   -9.451  22.403  1.00 49.01 ? 168 HOH A O   1 
HETATM 884 O O   . HOH B 2 .   ? -12.154 -3.721  0.364   1.00 55.56 ? 169 HOH A O   1 
HETATM 885 O O   . HOH B 2 .   ? -7.180  -13.228 10.529  1.00 61.47 ? 170 HOH A O   1 
HETATM 886 O O   . HOH B 2 .   ? 2.099   -1.043  20.710  1.00 53.52 ? 171 HOH A O   1 
HETATM 887 O O   . HOH B 2 .   ? -15.297 3.616   -2.628  1.00 34.05 ? 172 HOH A O   1 
HETATM 888 O O   . HOH B 2 .   ? 3.868   21.964  -14.839 1.00 45.19 ? 173 HOH A O   1 
HETATM 889 O O   . HOH B 2 .   ? -8.405  9.980   -15.906 1.00 55.03 ? 174 HOH A O   1 
HETATM 890 O O   . HOH B 2 .   ? -0.679  -11.472 -13.984 1.00 58.86 ? 175 HOH A O   1 
HETATM 891 O O   . HOH B 2 .   ? -2.326  -18.117 22.143  1.00 50.69 ? 176 HOH A O   1 
HETATM 892 O O   . HOH B 2 .   ? -11.932 -7.568  3.033   1.00 58.63 ? 177 HOH A O   1 
HETATM 893 O O   . HOH B 2 .   ? 3.630   22.828  -11.624 1.00 75.85 ? 178 HOH A O   1 
HETATM 894 O O   . HOH B 2 .   ? -5.351  4.492   -20.249 1.00 68.92 ? 179 HOH A O   1 
HETATM 895 O O   . HOH B 2 .   ? -7.569  -12.125 -2.397  1.00 54.63 ? 180 HOH A O   1 
HETATM 896 O O   . HOH B 2 .   ? -9.348  -1.849  12.896  1.00 69.10 ? 181 HOH A O   1 
HETATM 897 O O   . HOH B 2 .   ? -9.730  12.454  -4.942  1.00 42.11 ? 182 HOH A O   1 
HETATM 898 O O   . HOH B 2 .   ? -1.043  17.669  -12.524 1.00 68.93 ? 183 HOH A O   1 
HETATM 899 O O   . HOH B 2 .   ? 6.517   3.241   6.117   1.00 32.94 ? 184 HOH A O   1 
HETATM 900 O O   . HOH B 2 .   ? -12.794 6.587   -10.630 1.00 43.60 ? 185 HOH A O   1 
HETATM 901 O O   . HOH B 2 .   ? -6.975  -12.579 4.893   1.00 67.01 ? 186 HOH A O   1 
HETATM 902 O O   . HOH B 2 .   ? -8.432  11.942  -12.428 1.00 50.77 ? 187 HOH A O   1 
HETATM 903 O O   . HOH B 2 .   ? -14.390 -7.934  11.315  1.00 58.21 ? 188 HOH A O   1 
HETATM 904 O O   . HOH B 2 .   ? 2.168   -12.250 -16.324 1.00 50.64 ? 189 HOH A O   1 
HETATM 905 O O   . HOH B 2 .   ? 2.075   -10.235 -14.739 1.00 64.33 ? 190 HOH A O   1 
HETATM 906 O O   . HOH B 2 .   ? 10.831  -1.609  6.433   1.00 58.63 ? 191 HOH A O   1 
HETATM 907 O O   . HOH B 2 .   ? 7.145   15.019  -2.971  1.00 54.32 ? 192 HOH A O   1 
HETATM 908 O O   . HOH B 2 .   ? -1.503  11.876  -25.991 1.00 58.00 ? 193 HOH A O   1 
HETATM 909 O O   . HOH B 2 .   ? 5.027   17.062  -2.924  1.00 54.31 ? 194 HOH A O   1 
HETATM 910 O O   . HOH B 2 .   ? 1.216   19.211  -8.782  1.00 65.01 ? 195 HOH A O   1 
HETATM 911 O O   . HOH B 2 .   ? -5.104  -12.376 -4.470  1.00 48.98 ? 196 HOH A O   1 
HETATM 912 O O   . HOH B 2 .   ? -2.064  -15.296 2.734   1.00 48.79 ? 197 HOH A O   1 
HETATM 913 O O   . HOH B 2 .   ? -2.641  3.333   -10.788 1.00 28.44 ? 198 HOH A O   1 
HETATM 914 O O   . HOH B 2 .   ? 4.861   -13.145 7.002   1.00 57.11 ? 199 HOH A O   1 
HETATM 915 O O   . HOH B 2 .   ? 0.954   -3.443  19.432  1.00 52.74 ? 200 HOH A O   1 
HETATM 916 O O   . HOH B 2 .   ? 9.270   4.479   2.501   1.00 32.63 ? 201 HOH A O   1 
HETATM 917 O O   . HOH B 2 .   ? 1.266   -5.750  0.094   1.00 72.92 ? 202 HOH A O   1 
HETATM 918 O O   . HOH B 2 .   ? -8.037  4.683   -1.759  1.00 40.99 ? 203 HOH A O   1 
HETATM 919 O O   . HOH B 2 .   ? 8.538   -4.730  1.744   1.00 32.42 ? 204 HOH A O   1 
HETATM 920 O O   . HOH B 2 .   ? 1.000   14.615  -4.170  1.00 36.09 ? 205 HOH A O   1 
HETATM 921 O O   . HOH B 2 .   ? -8.526  -10.359 -0.765  1.00 57.89 ? 206 HOH A O   1 
HETATM 922 O O   . HOH B 2 .   ? 12.421  13.282  -6.832  1.00 53.56 ? 207 HOH A O   1 
HETATM 923 O O   . HOH B 2 .   ? 8.405   12.084  -4.946  1.00 49.92 ? 208 HOH A O   1 
HETATM 924 O O   . HOH B 2 .   ? -10.560 5.570   -8.464  1.00 37.08 ? 209 HOH A O   1 
HETATM 925 O O   . HOH B 2 .   ? -15.779 6.603   -11.343 1.00 52.86 ? 210 HOH A O   1 
HETATM 926 O O   . HOH B 2 .   ? -10.385 -5.997  3.980   1.00 54.28 ? 211 HOH A O   1 
HETATM 927 O O   . HOH B 2 .   ? -3.640  9.717   2.293   1.00 49.67 ? 212 HOH A O   1 
HETATM 928 O O   . HOH B 2 .   ? 6.270   -10.577 9.312   1.00 47.22 ? 213 HOH A O   1 
HETATM 929 O O   . HOH B 2 .   ? 3.710   -8.277  -9.990  1.00 53.38 ? 214 HOH A O   1 
HETATM 930 O O   . HOH B 2 .   ? -14.966 11.425  -10.863 1.00 47.74 ? 215 HOH A O   1 
HETATM 931 O O   . HOH B 2 .   ? 8.625   -9.746  12.562  1.00 52.80 ? 216 HOH A O   1 
HETATM 932 O O   . HOH B 2 .   ? 12.051  -5.821  19.314  1.00 55.83 ? 217 HOH A O   1 
HETATM 933 O O   . HOH B 2 .   ? -9.042  -9.723  -3.529  1.00 68.29 ? 218 HOH A O   1 
HETATM 934 O O   . HOH B 2 .   ? -6.721  6.799   5.669   1.00 46.34 ? 219 HOH A O   1 
HETATM 935 O O   . HOH B 2 .   ? -5.746  12.456  -0.661  1.00 51.11 ? 220 HOH A O   1 
HETATM 936 O O   . HOH B 2 .   ? 7.127   -13.799 11.512  1.00 43.64 ? 221 HOH A O   1 
HETATM 937 O O   . HOH B 2 .   ? -16.575 9.685   -8.573  1.00 48.98 ? 222 HOH A O   1 
HETATM 938 O O   . HOH B 2 .   ? -3.187  15.912  -22.948 1.00 41.93 ? 223 HOH A O   1 
HETATM 939 O O   . HOH B 2 .   ? -10.829 -19.361 13.596  1.00 63.72 ? 224 HOH A O   1 
HETATM 940 O O   . HOH B 2 .   ? -9.687  -15.126 18.488  1.00 45.03 ? 225 HOH A O   1 
HETATM 941 O O   . HOH B 2 .   ? 0.018   -12.145 18.491  1.00 55.20 ? 226 HOH A O   1 
HETATM 942 O O   . HOH B 2 .   ? -6.366  -10.311 12.735  1.00 56.98 ? 227 HOH A O   1 
HETATM 943 O O   . HOH B 2 .   ? -6.529  -10.105 9.926   1.00 55.36 ? 228 HOH A O   1 
HETATM 944 O O   . HOH B 2 .   ? -4.440  18.334  -24.469 1.00 50.70 ? 229 HOH A O   1 
HETATM 945 O O   . HOH B 2 .   ? -9.989  10.413  -13.655 1.00 52.46 ? 230 HOH A O   1 
HETATM 946 O O   . HOH B 2 .   ? -9.118  -14.340 7.287   1.00 55.27 ? 231 HOH A O   1 
HETATM 947 O O   . HOH B 2 .   ? 9.898   -2.951  -10.031 1.00 56.35 ? 232 HOH A O   1 
HETATM 948 O O   . HOH B 2 .   ? -13.811 0.358   2.988   1.00 48.30 ? 233 HOH A O   1 
HETATM 949 O O   . HOH B 2 .   ? 14.473  -6.086  12.865  1.00 60.95 ? 234 HOH A O   1 
HETATM 950 O O   . HOH B 2 .   ? 2.983   -11.088 -11.731 1.00 56.17 ? 235 HOH A O   1 
HETATM 951 O O   . HOH B 2 .   ? -2.385  9.200   13.185  1.00 54.53 ? 236 HOH A O   1 
HETATM 952 O O   . HOH B 2 .   ? -8.182  9.987   2.109   1.00 46.01 ? 237 HOH A O   1 
HETATM 953 O O   . HOH B 2 .   ? 6.257   -2.980  -10.369 1.00 41.84 ? 238 HOH A O   1 
HETATM 954 O O   . HOH B 2 .   ? -3.293  3.657   -17.663 1.00 51.76 ? 239 HOH A O   1 
HETATM 955 O O   . HOH B 2 .   ? -4.657  -1.497  -12.366 1.00 51.03 ? 240 HOH A O   1 
HETATM 956 O O   . HOH B 2 .   ? 5.929   16.854  -11.054 1.00 73.89 ? 241 HOH A O   1 
HETATM 957 O O   . HOH B 2 .   ? 4.145   20.709  -9.814  1.00 64.06 ? 242 HOH A O   1 
HETATM 958 O O   . HOH B 2 .   ? 8.745   18.383  -8.039  1.00 61.92 ? 243 HOH A O   1 
HETATM 959 O O   . HOH B 2 .   ? -12.340 -11.596 8.510   1.00 72.01 ? 244 HOH A O   1 
HETATM 960 O O   . HOH B 2 .   ? 7.368   -6.959  22.334  1.00 67.93 ? 245 HOH A O   1 
HETATM 961 O O   . HOH B 2 .   ? 14.646  -4.120  9.253   1.00 60.25 ? 246 HOH A O   1 
HETATM 962 O O   . HOH B 2 .   ? 4.941   -5.340  23.009  1.00 61.71 ? 247 HOH A O   1 
HETATM 963 O O   . HOH B 2 .   ? 5.589   -9.252  5.049   1.00 52.94 ? 248 HOH A O   1 
# 
